data_4CA3
#
_entry.id   4CA3
#
_cell.length_a   1.000
_cell.length_b   1.000
_cell.length_c   1.000
_cell.angle_alpha   90.00
_cell.angle_beta   90.00
_cell.angle_gamma   90.00
#
_symmetry.space_group_name_H-M   'P 1'
#
_entity_poly.entity_id   1
_entity_poly.type   'polypeptide(L)'
_entity_poly.pdbx_seq_one_letter_code
;GPGSAVAVDPAPVARALREELARTLYCEPGDIDDEASFNTLGLDSILGVEFVAFVNQTYGLDEKAGILYDHPSLAALSRH
VAGRAAPV
;
_entity_poly.pdbx_strand_id   A
#
# COMPACT_ATOMS: atom_id res chain seq x y z
N GLY A 1 2.55 11.23 -24.90
CA GLY A 1 3.92 10.73 -25.14
C GLY A 1 4.96 11.71 -24.62
N PRO A 2 5.69 12.44 -25.49
CA PRO A 2 6.70 13.43 -25.10
C PRO A 2 6.08 14.68 -24.44
N GLY A 3 6.94 15.50 -23.82
CA GLY A 3 6.54 16.77 -23.17
C GLY A 3 5.96 16.64 -21.75
N SER A 4 6.01 15.45 -21.14
CA SER A 4 5.58 15.16 -19.76
C SER A 4 6.64 14.32 -19.02
N ALA A 5 6.79 14.52 -17.71
CA ALA A 5 7.77 13.84 -16.86
C ALA A 5 7.16 12.78 -15.91
N VAL A 6 5.87 12.48 -16.08
CA VAL A 6 5.11 11.49 -15.28
C VAL A 6 5.23 10.09 -15.91
N ALA A 7 5.35 9.05 -15.06
CA ALA A 7 5.44 7.64 -15.45
C ALA A 7 4.60 6.74 -14.53
N VAL A 8 4.10 5.63 -15.06
CA VAL A 8 3.27 4.65 -14.34
C VAL A 8 4.17 3.62 -13.63
N ASP A 9 4.22 3.68 -12.30
CA ASP A 9 5.02 2.77 -11.45
C ASP A 9 4.42 2.49 -10.05
N PRO A 10 3.97 3.52 -9.29
CA PRO A 10 3.29 3.31 -8.01
C PRO A 10 1.78 3.11 -8.18
N ALA A 11 1.18 3.60 -9.27
CA ALA A 11 -0.25 3.48 -9.57
C ALA A 11 -0.78 2.02 -9.70
N PRO A 12 -0.08 1.06 -10.34
CA PRO A 12 -0.50 -0.34 -10.35
C PRO A 12 -0.33 -1.05 -8.98
N VAL A 13 0.52 -0.51 -8.10
CA VAL A 13 0.66 -0.98 -6.71
C VAL A 13 -0.45 -0.40 -5.83
N ALA A 14 -0.76 0.90 -5.94
CA ALA A 14 -1.77 1.60 -5.14
C ALA A 14 -3.17 0.99 -5.28
N ARG A 15 -3.58 0.61 -6.50
CA ARG A 15 -4.87 -0.06 -6.75
C ARG A 15 -4.95 -1.46 -6.13
N ALA A 16 -3.84 -2.20 -6.06
CA ALA A 16 -3.77 -3.49 -5.37
C ALA A 16 -3.83 -3.34 -3.85
N LEU A 17 -3.07 -2.39 -3.28
CA LEU A 17 -3.08 -2.09 -1.83
C LEU A 17 -4.45 -1.57 -1.35
N ARG A 18 -5.17 -0.79 -2.19
CA ARG A 18 -6.56 -0.37 -1.93
C ARG A 18 -7.52 -1.56 -1.80
N GLU A 19 -7.47 -2.52 -2.73
CA GLU A 19 -8.32 -3.73 -2.66
C GLU A 19 -7.99 -4.62 -1.45
N GLU A 20 -6.73 -4.66 -1.02
CA GLU A 20 -6.32 -5.37 0.20
C GLU A 20 -6.77 -4.66 1.48
N LEU A 21 -6.66 -3.33 1.57
CA LEU A 21 -7.15 -2.55 2.70
C LEU A 21 -8.69 -2.64 2.81
N ALA A 22 -9.40 -2.69 1.68
CA ALA A 22 -10.85 -2.82 1.65
C ALA A 22 -11.33 -4.13 2.33
N ARG A 23 -10.71 -5.28 2.03
CA ARG A 23 -11.05 -6.56 2.68
C ARG A 23 -10.47 -6.71 4.09
N THR A 24 -9.32 -6.11 4.38
CA THR A 24 -8.68 -6.13 5.71
C THR A 24 -9.49 -5.31 6.74
N LEU A 25 -10.07 -4.19 6.33
CA LEU A 25 -10.81 -3.25 7.18
C LEU A 25 -12.34 -3.36 7.02
N TYR A 26 -12.82 -4.30 6.20
CA TYR A 26 -14.24 -4.53 5.87
C TYR A 26 -14.98 -3.28 5.37
N CYS A 27 -14.29 -2.44 4.59
CA CYS A 27 -14.79 -1.20 4.01
C CYS A 27 -14.86 -1.26 2.47
N GLU A 28 -15.41 -0.23 1.83
CA GLU A 28 -15.44 -0.11 0.37
C GLU A 28 -14.09 0.43 -0.18
N PRO A 29 -13.64 0.02 -1.38
CA PRO A 29 -12.41 0.54 -1.99
C PRO A 29 -12.51 2.02 -2.39
N GLY A 30 -13.73 2.52 -2.61
CA GLY A 30 -14.03 3.93 -2.85
C GLY A 30 -14.01 4.81 -1.59
N ASP A 31 -14.03 4.22 -0.39
CA ASP A 31 -13.87 4.95 0.89
C ASP A 31 -12.39 5.19 1.24
N ILE A 32 -11.48 4.35 0.73
CA ILE A 32 -10.03 4.56 0.75
C ILE A 32 -9.67 5.64 -0.29
N ASP A 33 -8.92 6.65 0.14
CA ASP A 33 -8.32 7.69 -0.73
C ASP A 33 -6.80 7.49 -0.84
N ASP A 34 -6.17 8.09 -1.85
CA ASP A 34 -4.71 8.01 -2.03
C ASP A 34 -3.95 8.77 -0.94
N GLU A 35 -4.50 9.87 -0.43
CA GLU A 35 -3.99 10.66 0.70
C GLU A 35 -4.71 10.36 2.03
N ALA A 36 -5.33 9.17 2.15
CA ALA A 36 -5.92 8.67 3.41
C ALA A 36 -4.87 8.35 4.48
N SER A 37 -5.35 7.96 5.67
CA SER A 37 -4.53 7.57 6.83
C SER A 37 -5.02 6.21 7.35
N PHE A 38 -4.14 5.22 7.44
CA PHE A 38 -4.55 3.84 7.71
C PHE A 38 -5.13 3.65 9.12
N ASN A 39 -4.59 4.36 10.12
CA ASN A 39 -5.09 4.33 11.49
C ASN A 39 -6.46 5.03 11.66
N THR A 40 -6.84 5.90 10.70
CA THR A 40 -8.18 6.52 10.61
C THR A 40 -9.17 5.62 9.87
N LEU A 41 -8.71 4.89 8.85
CA LEU A 41 -9.48 3.85 8.15
C LEU A 41 -9.79 2.64 9.04
N GLY A 42 -8.92 2.33 10.01
CA GLY A 42 -9.12 1.33 11.06
C GLY A 42 -7.96 0.35 11.30
N LEU A 43 -6.85 0.48 10.58
CA LEU A 43 -5.67 -0.40 10.67
C LEU A 43 -4.90 -0.19 11.99
N ASP A 44 -4.43 -1.28 12.58
CA ASP A 44 -3.56 -1.33 13.77
C ASP A 44 -2.39 -2.32 13.52
N SER A 45 -1.57 -2.61 14.53
CA SER A 45 -0.45 -3.57 14.40
C SER A 45 -0.90 -5.01 14.08
N ILE A 46 -2.10 -5.42 14.52
CA ILE A 46 -2.60 -6.81 14.38
C ILE A 46 -3.17 -7.04 12.98
N LEU A 47 -4.01 -6.14 12.47
CA LEU A 47 -4.48 -6.17 11.08
C LEU A 47 -3.36 -5.80 10.10
N GLY A 48 -2.43 -4.94 10.54
CA GLY A 48 -1.31 -4.44 9.76
C GLY A 48 -0.25 -5.50 9.45
N VAL A 49 0.14 -6.36 10.41
CA VAL A 49 1.13 -7.42 10.14
C VAL A 49 0.63 -8.45 9.11
N GLU A 50 -0.68 -8.69 9.03
CA GLU A 50 -1.29 -9.56 8.00
C GLU A 50 -1.40 -8.88 6.62
N PHE A 51 -1.53 -7.55 6.58
CA PHE A 51 -1.49 -6.75 5.35
C PHE A 51 -0.05 -6.67 4.79
N VAL A 52 0.94 -6.48 5.66
CA VAL A 52 2.37 -6.51 5.30
C VAL A 52 2.82 -7.92 4.89
N ALA A 53 2.24 -8.98 5.46
CA ALA A 53 2.50 -10.36 5.04
C ALA A 53 2.06 -10.65 3.59
N PHE A 54 0.97 -10.03 3.10
CA PHE A 54 0.58 -10.07 1.69
C PHE A 54 1.60 -9.32 0.81
N VAL A 55 2.00 -8.12 1.22
CA VAL A 55 2.97 -7.26 0.51
C VAL A 55 4.34 -7.92 0.38
N ASN A 56 4.84 -8.58 1.43
CA ASN A 56 6.11 -9.32 1.42
C ASN A 56 6.09 -10.50 0.42
N GLN A 57 4.95 -11.17 0.30
CA GLN A 57 4.78 -12.32 -0.61
C GLN A 57 4.54 -11.89 -2.07
N THR A 58 3.85 -10.77 -2.29
CA THR A 58 3.51 -10.28 -3.64
C THR A 58 4.68 -9.56 -4.32
N TYR A 59 5.48 -8.80 -3.55
CA TYR A 59 6.57 -7.95 -4.08
C TYR A 59 7.99 -8.42 -3.72
N GLY A 60 8.13 -9.54 -3.00
CA GLY A 60 9.40 -10.18 -2.66
C GLY A 60 10.20 -9.46 -1.55
N LEU A 61 9.50 -9.02 -0.50
CA LEU A 61 10.03 -8.15 0.57
C LEU A 61 10.08 -8.86 1.93
N ASP A 62 10.65 -8.19 2.94
CA ASP A 62 10.85 -8.70 4.31
C ASP A 62 10.58 -7.61 5.38
N GLU A 63 9.61 -6.73 5.12
CA GLU A 63 9.23 -5.64 6.03
C GLU A 63 8.31 -6.12 7.16
N LYS A 64 8.20 -5.30 8.21
CA LYS A 64 7.38 -5.53 9.42
C LYS A 64 6.32 -4.43 9.56
N ALA A 65 5.33 -4.64 10.43
CA ALA A 65 4.16 -3.75 10.58
C ALA A 65 4.50 -2.28 10.92
N GLY A 66 5.71 -2.01 11.43
CA GLY A 66 6.24 -0.65 11.62
C GLY A 66 6.32 0.18 10.32
N ILE A 67 6.36 -0.45 9.15
CA ILE A 67 6.32 0.24 7.84
C ILE A 67 5.02 1.02 7.62
N LEU A 68 3.93 0.64 8.30
CA LEU A 68 2.61 1.26 8.23
C LEU A 68 2.50 2.53 9.07
N TYR A 69 3.52 2.80 9.90
CA TYR A 69 3.68 3.98 10.73
C TYR A 69 4.77 4.92 10.17
N ASP A 70 5.68 4.40 9.33
CA ASP A 70 6.63 5.17 8.52
C ASP A 70 5.96 5.70 7.22
N HIS A 71 5.12 4.88 6.58
CA HIS A 71 4.27 5.24 5.43
C HIS A 71 2.78 4.99 5.78
N PRO A 72 2.12 5.90 6.52
CA PRO A 72 0.74 5.71 7.01
C PRO A 72 -0.35 6.02 5.97
N SER A 73 0.03 6.27 4.71
CA SER A 73 -0.86 6.68 3.62
C SER A 73 -0.57 5.91 2.33
N LEU A 74 -1.59 5.75 1.48
CA LEU A 74 -1.50 4.92 0.27
C LEU A 74 -0.52 5.51 -0.76
N ALA A 75 -0.50 6.82 -0.94
CA ALA A 75 0.45 7.56 -1.79
C ALA A 75 1.89 7.60 -1.24
N ALA A 76 2.15 7.08 -0.03
CA ALA A 76 3.49 6.87 0.53
C ALA A 76 3.91 5.39 0.46
N LEU A 77 3.02 4.45 0.83
CA LEU A 77 3.35 3.02 0.91
C LEU A 77 3.45 2.37 -0.47
N SER A 78 2.61 2.77 -1.43
CA SER A 78 2.66 2.24 -2.80
C SER A 78 3.97 2.56 -3.52
N ARG A 79 4.57 3.73 -3.25
CA ARG A 79 5.87 4.13 -3.85
C ARG A 79 7.07 3.55 -3.11
N HIS A 80 6.97 3.30 -1.80
CA HIS A 80 7.94 2.48 -1.08
C HIS A 80 8.00 1.06 -1.67
N VAL A 81 6.84 0.40 -1.82
CA VAL A 81 6.74 -0.96 -2.38
C VAL A 81 7.19 -1.00 -3.84
N ALA A 82 6.78 -0.04 -4.69
CA ALA A 82 7.20 0.02 -6.09
C ALA A 82 8.72 0.23 -6.26
N GLY A 83 9.34 1.04 -5.39
CA GLY A 83 10.79 1.27 -5.37
C GLY A 83 11.60 0.07 -4.84
N ARG A 84 11.03 -0.74 -3.94
CA ARG A 84 11.66 -1.93 -3.33
C ARG A 84 11.49 -3.22 -4.15
N ALA A 85 10.38 -3.37 -4.88
CA ALA A 85 10.03 -4.61 -5.59
C ALA A 85 11.11 -5.06 -6.61
N ALA A 86 11.31 -6.38 -6.71
CA ALA A 86 12.32 -6.98 -7.59
C ALA A 86 11.93 -6.92 -9.10
N PRO A 87 12.91 -6.81 -10.02
CA PRO A 87 12.66 -6.93 -11.46
C PRO A 87 12.37 -8.40 -11.83
N VAL A 88 11.18 -8.66 -12.39
CA VAL A 88 10.66 -10.00 -12.78
C VAL A 88 10.03 -10.00 -14.18
N GLY A 1 -1.81 0.40 -27.93
CA GLY A 1 -2.04 1.71 -28.56
C GLY A 1 -0.83 2.63 -28.42
N PRO A 2 -1.01 3.97 -28.53
CA PRO A 2 0.08 4.96 -28.40
C PRO A 2 0.81 4.92 -27.05
N GLY A 3 2.06 5.39 -27.05
CA GLY A 3 2.91 5.47 -25.85
C GLY A 3 2.48 6.53 -24.83
N SER A 4 2.79 6.29 -23.55
CA SER A 4 2.51 7.23 -22.44
C SER A 4 3.52 8.39 -22.39
N ALA A 5 3.08 9.53 -21.84
CA ALA A 5 3.90 10.71 -21.56
C ALA A 5 4.20 10.89 -20.05
N VAL A 6 3.91 9.87 -19.23
CA VAL A 6 4.02 9.87 -17.77
C VAL A 6 4.82 8.65 -17.29
N ALA A 7 5.74 8.86 -16.35
CA ALA A 7 6.58 7.81 -15.73
C ALA A 7 5.81 7.03 -14.64
N VAL A 8 4.72 6.36 -15.03
CA VAL A 8 3.81 5.62 -14.13
C VAL A 8 4.49 4.38 -13.52
N ASP A 9 4.31 4.17 -12.21
CA ASP A 9 5.03 3.14 -11.43
C ASP A 9 4.40 2.79 -10.06
N PRO A 10 3.97 3.77 -9.23
CA PRO A 10 3.32 3.50 -7.94
C PRO A 10 1.81 3.34 -8.07
N ALA A 11 1.20 3.88 -9.12
CA ALA A 11 -0.26 3.77 -9.33
C ALA A 11 -0.73 2.32 -9.60
N PRO A 12 0.01 1.48 -10.37
CA PRO A 12 -0.29 0.06 -10.51
C PRO A 12 -0.19 -0.76 -9.22
N VAL A 13 0.54 -0.25 -8.21
CA VAL A 13 0.64 -0.83 -6.86
C VAL A 13 -0.49 -0.31 -5.96
N ALA A 14 -0.78 0.99 -5.99
CA ALA A 14 -1.79 1.64 -5.16
C ALA A 14 -3.20 1.03 -5.34
N ARG A 15 -3.57 0.67 -6.58
CA ARG A 15 -4.85 0.00 -6.88
C ARG A 15 -4.99 -1.40 -6.25
N ALA A 16 -3.88 -2.11 -6.05
CA ALA A 16 -3.85 -3.41 -5.38
C ALA A 16 -3.81 -3.27 -3.84
N LEU A 17 -3.06 -2.31 -3.31
CA LEU A 17 -3.04 -1.99 -1.89
C LEU A 17 -4.41 -1.46 -1.39
N ARG A 18 -5.13 -0.70 -2.23
CA ARG A 18 -6.53 -0.28 -2.00
C ARG A 18 -7.47 -1.48 -1.85
N GLU A 19 -7.40 -2.46 -2.76
CA GLU A 19 -8.26 -3.66 -2.70
C GLU A 19 -7.90 -4.57 -1.51
N GLU A 20 -6.64 -4.56 -1.05
CA GLU A 20 -6.25 -5.28 0.16
C GLU A 20 -6.73 -4.58 1.44
N LEU A 21 -6.61 -3.24 1.54
CA LEU A 21 -7.17 -2.47 2.66
C LEU A 21 -8.69 -2.64 2.76
N ALA A 22 -9.41 -2.67 1.63
CA ALA A 22 -10.86 -2.87 1.60
C ALA A 22 -11.28 -4.16 2.32
N ARG A 23 -10.70 -5.32 1.97
CA ARG A 23 -11.02 -6.60 2.63
C ARG A 23 -10.40 -6.79 4.02
N THR A 24 -9.28 -6.12 4.30
CA THR A 24 -8.65 -6.07 5.64
C THR A 24 -9.53 -5.34 6.65
N LEU A 25 -10.27 -4.30 6.22
CA LEU A 25 -11.06 -3.39 7.06
C LEU A 25 -12.58 -3.58 6.93
N TYR A 26 -13.04 -4.57 6.13
CA TYR A 26 -14.45 -4.79 5.76
C TYR A 26 -15.14 -3.53 5.19
N CYS A 27 -14.43 -2.82 4.34
CA CYS A 27 -14.88 -1.62 3.61
C CYS A 27 -14.94 -1.90 2.09
N GLU A 28 -15.44 -0.94 1.31
CA GLU A 28 -15.32 -0.94 -0.15
C GLU A 28 -14.01 -0.23 -0.60
N PRO A 29 -13.43 -0.58 -1.76
CA PRO A 29 -12.23 0.10 -2.26
C PRO A 29 -12.45 1.59 -2.55
N GLY A 30 -13.69 2.02 -2.80
CA GLY A 30 -14.08 3.43 -2.91
C GLY A 30 -14.08 4.21 -1.59
N ASP A 31 -14.03 3.52 -0.43
CA ASP A 31 -13.87 4.16 0.89
C ASP A 31 -12.39 4.46 1.21
N ILE A 32 -11.44 3.81 0.52
CA ILE A 32 -10.02 4.10 0.60
C ILE A 32 -9.70 5.30 -0.30
N ASP A 33 -8.95 6.28 0.20
CA ASP A 33 -8.41 7.40 -0.59
C ASP A 33 -6.88 7.31 -0.71
N ASP A 34 -6.30 7.98 -1.70
CA ASP A 34 -4.83 7.96 -1.94
C ASP A 34 -4.07 8.72 -0.84
N GLU A 35 -4.67 9.77 -0.29
CA GLU A 35 -4.14 10.56 0.83
C GLU A 35 -4.79 10.19 2.20
N ALA A 36 -5.40 9.00 2.28
CA ALA A 36 -5.98 8.47 3.52
C ALA A 36 -4.89 8.14 4.58
N SER A 37 -5.32 7.88 5.82
CA SER A 37 -4.49 7.50 6.96
C SER A 37 -4.99 6.19 7.56
N PHE A 38 -4.13 5.17 7.67
CA PHE A 38 -4.57 3.80 7.97
C PHE A 38 -5.14 3.63 9.37
N ASN A 39 -4.55 4.30 10.36
CA ASN A 39 -5.08 4.30 11.73
C ASN A 39 -6.41 5.08 11.87
N THR A 40 -6.74 5.95 10.92
CA THR A 40 -8.04 6.64 10.81
C THR A 40 -9.09 5.79 10.07
N LEU A 41 -8.66 5.00 9.10
CA LEU A 41 -9.47 3.96 8.44
C LEU A 41 -9.77 2.75 9.35
N GLY A 42 -9.04 2.59 10.46
CA GLY A 42 -9.28 1.58 11.51
C GLY A 42 -8.23 0.46 11.60
N LEU A 43 -7.12 0.54 10.84
CA LEU A 43 -6.00 -0.39 10.90
C LEU A 43 -5.23 -0.26 12.24
N ASP A 44 -4.85 -1.38 12.84
CA ASP A 44 -4.09 -1.48 14.08
C ASP A 44 -2.86 -2.41 13.91
N SER A 45 -2.12 -2.72 14.97
CA SER A 45 -0.92 -3.58 14.89
C SER A 45 -1.23 -5.02 14.43
N ILE A 46 -2.44 -5.52 14.71
CA ILE A 46 -2.86 -6.91 14.41
C ILE A 46 -3.29 -7.03 12.93
N LEU A 47 -4.11 -6.11 12.43
CA LEU A 47 -4.48 -6.06 11.00
C LEU A 47 -3.29 -5.58 10.13
N GLY A 48 -2.44 -4.70 10.68
CA GLY A 48 -1.27 -4.14 10.02
C GLY A 48 -0.19 -5.18 9.68
N VAL A 49 0.19 -6.03 10.65
CA VAL A 49 1.21 -7.07 10.39
C VAL A 49 0.74 -8.10 9.35
N GLU A 50 -0.56 -8.40 9.30
CA GLU A 50 -1.17 -9.28 8.31
C GLU A 50 -1.33 -8.61 6.92
N PHE A 51 -1.53 -7.29 6.87
CA PHE A 51 -1.54 -6.51 5.63
C PHE A 51 -0.13 -6.47 5.01
N VAL A 52 0.90 -6.24 5.85
CA VAL A 52 2.31 -6.24 5.43
C VAL A 52 2.77 -7.64 5.01
N ALA A 53 2.27 -8.70 5.65
CA ALA A 53 2.55 -10.09 5.25
C ALA A 53 1.99 -10.42 3.85
N PHE A 54 0.86 -9.86 3.43
CA PHE A 54 0.36 -9.98 2.05
C PHE A 54 1.24 -9.23 1.05
N VAL A 55 1.69 -8.01 1.40
CA VAL A 55 2.59 -7.18 0.57
C VAL A 55 3.95 -7.86 0.39
N ASN A 56 4.50 -8.48 1.43
CA ASN A 56 5.72 -9.27 1.37
C ASN A 56 5.62 -10.47 0.41
N GLN A 57 4.49 -11.16 0.42
CA GLN A 57 4.23 -12.33 -0.44
C GLN A 57 3.93 -11.96 -1.90
N THR A 58 3.28 -10.81 -2.13
CA THR A 58 2.91 -10.32 -3.47
C THR A 58 4.11 -9.71 -4.22
N TYR A 59 4.97 -8.96 -3.52
CA TYR A 59 6.05 -8.16 -4.13
C TYR A 59 7.47 -8.68 -3.83
N GLY A 60 7.60 -9.81 -3.11
CA GLY A 60 8.90 -10.45 -2.83
C GLY A 60 9.76 -9.71 -1.79
N LEU A 61 9.11 -9.16 -0.75
CA LEU A 61 9.71 -8.31 0.30
C LEU A 61 9.78 -9.04 1.66
N ASP A 62 10.42 -8.42 2.65
CA ASP A 62 10.57 -8.94 4.02
C ASP A 62 10.35 -7.83 5.09
N GLU A 63 9.49 -6.84 4.79
CA GLU A 63 9.18 -5.71 5.68
C GLU A 63 8.40 -6.13 6.94
N LYS A 64 8.36 -5.27 7.96
CA LYS A 64 7.66 -5.46 9.25
C LYS A 64 6.59 -4.38 9.43
N ALA A 65 5.68 -4.58 10.38
CA ALA A 65 4.54 -3.67 10.64
C ALA A 65 4.93 -2.20 10.92
N GLY A 66 6.17 -1.95 11.35
CA GLY A 66 6.73 -0.60 11.50
C GLY A 66 6.79 0.24 10.21
N ILE A 67 6.69 -0.37 9.02
CA ILE A 67 6.59 0.36 7.73
C ILE A 67 5.36 1.27 7.69
N LEU A 68 4.29 0.89 8.40
CA LEU A 68 3.02 1.64 8.47
C LEU A 68 3.12 2.90 9.35
N TYR A 69 4.20 3.06 10.13
CA TYR A 69 4.50 4.28 10.88
C TYR A 69 5.26 5.32 10.03
N ASP A 70 6.14 4.86 9.12
CA ASP A 70 6.88 5.73 8.18
C ASP A 70 6.09 6.03 6.89
N HIS A 71 5.18 5.13 6.50
CA HIS A 71 4.27 5.27 5.36
C HIS A 71 2.82 4.99 5.81
N PRO A 72 2.18 5.90 6.58
CA PRO A 72 0.82 5.72 7.12
C PRO A 72 -0.30 5.93 6.09
N SER A 73 0.02 6.09 4.80
CA SER A 73 -0.89 6.51 3.73
C SER A 73 -0.62 5.78 2.42
N LEU A 74 -1.67 5.61 1.60
CA LEU A 74 -1.65 4.78 0.40
C LEU A 74 -0.64 5.30 -0.65
N ALA A 75 -0.65 6.61 -0.91
CA ALA A 75 0.27 7.28 -1.84
C ALA A 75 1.72 7.40 -1.34
N ALA A 76 2.00 7.02 -0.08
CA ALA A 76 3.37 6.90 0.44
C ALA A 76 3.90 5.46 0.40
N LEU A 77 3.05 4.46 0.72
CA LEU A 77 3.45 3.05 0.76
C LEU A 77 3.64 2.46 -0.66
N SER A 78 2.82 2.91 -1.61
CA SER A 78 2.90 2.47 -3.01
C SER A 78 4.27 2.78 -3.65
N ARG A 79 4.90 3.90 -3.28
CA ARG A 79 6.25 4.31 -3.74
C ARG A 79 7.33 3.40 -3.18
N HIS A 80 7.22 3.05 -1.89
CA HIS A 80 8.18 2.19 -1.21
C HIS A 80 8.18 0.78 -1.83
N VAL A 81 6.98 0.22 -2.08
CA VAL A 81 6.82 -1.08 -2.74
C VAL A 81 7.29 -1.04 -4.19
N ALA A 82 6.88 -0.04 -4.99
CA ALA A 82 7.30 0.09 -6.39
C ALA A 82 8.83 0.24 -6.56
N GLY A 83 9.50 0.88 -5.58
CA GLY A 83 10.95 1.03 -5.54
C GLY A 83 11.75 -0.19 -5.04
N ARG A 84 11.09 -1.24 -4.53
CA ARG A 84 11.72 -2.43 -3.90
C ARG A 84 11.28 -3.78 -4.46
N ALA A 85 10.10 -3.86 -5.09
CA ALA A 85 9.48 -5.10 -5.56
C ALA A 85 10.37 -5.93 -6.51
N ALA A 86 10.34 -7.25 -6.34
CA ALA A 86 11.05 -8.22 -7.19
C ALA A 86 10.24 -8.59 -8.46
N PRO A 87 10.88 -8.96 -9.56
CA PRO A 87 10.23 -9.65 -10.68
C PRO A 87 9.71 -11.03 -10.24
N VAL A 88 8.42 -11.28 -10.46
CA VAL A 88 7.72 -12.56 -10.18
C VAL A 88 7.45 -13.32 -11.49
N GLY A 1 6.32 19.76 -10.60
CA GLY A 1 6.66 19.17 -11.91
C GLY A 1 5.60 19.44 -12.97
N PRO A 2 5.78 18.92 -14.20
CA PRO A 2 4.87 19.14 -15.33
C PRO A 2 3.44 18.59 -15.09
N GLY A 3 2.44 19.32 -15.60
CA GLY A 3 1.02 18.94 -15.51
C GLY A 3 0.62 17.85 -16.51
N SER A 4 -0.35 17.01 -16.12
CA SER A 4 -0.93 15.92 -16.93
C SER A 4 0.10 14.93 -17.53
N ALA A 5 1.21 14.71 -16.82
CA ALA A 5 2.36 13.90 -17.25
C ALA A 5 2.68 12.74 -16.27
N VAL A 6 1.66 12.22 -15.58
CA VAL A 6 1.78 11.20 -14.52
C VAL A 6 2.32 9.87 -15.08
N ALA A 7 3.29 9.27 -14.37
CA ALA A 7 3.94 8.01 -14.72
C ALA A 7 3.32 6.82 -13.99
N VAL A 8 3.54 5.63 -14.55
CA VAL A 8 2.98 4.35 -14.09
C VAL A 8 4.08 3.49 -13.45
N ASP A 9 4.23 3.63 -12.12
CA ASP A 9 5.15 2.81 -11.30
C ASP A 9 4.62 2.55 -9.87
N PRO A 10 4.09 3.56 -9.13
CA PRO A 10 3.34 3.31 -7.89
C PRO A 10 1.87 2.99 -8.17
N ALA A 11 1.32 3.46 -9.29
CA ALA A 11 -0.07 3.27 -9.71
C ALA A 11 -0.55 1.80 -9.83
N PRO A 12 0.24 0.84 -10.38
CA PRO A 12 -0.14 -0.58 -10.40
C PRO A 12 -0.01 -1.26 -9.02
N VAL A 13 0.70 -0.65 -8.07
CA VAL A 13 0.80 -1.12 -6.68
C VAL A 13 -0.36 -0.57 -5.83
N ALA A 14 -0.64 0.73 -5.93
CA ALA A 14 -1.68 1.42 -5.16
C ALA A 14 -3.07 0.81 -5.33
N ARG A 15 -3.45 0.43 -6.56
CA ARG A 15 -4.74 -0.24 -6.84
C ARG A 15 -4.90 -1.58 -6.12
N ALA A 16 -3.81 -2.35 -6.00
CA ALA A 16 -3.80 -3.62 -5.26
C ALA A 16 -3.85 -3.39 -3.74
N LEU A 17 -3.05 -2.45 -3.22
CA LEU A 17 -3.05 -2.08 -1.80
C LEU A 17 -4.42 -1.54 -1.34
N ARG A 18 -5.12 -0.76 -2.17
CA ARG A 18 -6.47 -0.24 -1.91
C ARG A 18 -7.52 -1.35 -1.77
N GLU A 19 -7.49 -2.34 -2.66
CA GLU A 19 -8.39 -3.51 -2.60
C GLU A 19 -8.06 -4.46 -1.44
N GLU A 20 -6.79 -4.58 -1.04
CA GLU A 20 -6.40 -5.34 0.15
C GLU A 20 -6.78 -4.65 1.46
N LEU A 21 -6.65 -3.32 1.56
CA LEU A 21 -7.17 -2.57 2.70
C LEU A 21 -8.69 -2.70 2.82
N ALA A 22 -9.43 -2.72 1.71
CA ALA A 22 -10.88 -2.89 1.69
C ALA A 22 -11.32 -4.22 2.36
N ARG A 23 -10.70 -5.36 2.00
CA ARG A 23 -11.00 -6.66 2.64
C ARG A 23 -10.42 -6.83 4.04
N THR A 24 -9.30 -6.16 4.35
CA THR A 24 -8.69 -6.15 5.70
C THR A 24 -9.55 -5.38 6.71
N LEU A 25 -10.16 -4.27 6.28
CA LEU A 25 -11.00 -3.39 7.10
C LEU A 25 -12.51 -3.70 6.99
N TYR A 26 -12.88 -4.70 6.17
CA TYR A 26 -14.27 -5.05 5.82
C TYR A 26 -15.11 -3.84 5.37
N CYS A 27 -14.57 -3.07 4.43
CA CYS A 27 -15.20 -1.87 3.86
C CYS A 27 -15.09 -1.85 2.32
N GLU A 28 -15.56 -0.78 1.66
CA GLU A 28 -15.43 -0.57 0.22
C GLU A 28 -14.08 0.09 -0.16
N PRO A 29 -13.49 -0.22 -1.32
CA PRO A 29 -12.21 0.37 -1.74
C PRO A 29 -12.33 1.87 -2.04
N GLY A 30 -13.52 2.36 -2.40
CA GLY A 30 -13.79 3.79 -2.64
C GLY A 30 -13.74 4.68 -1.39
N ASP A 31 -13.76 4.09 -0.18
CA ASP A 31 -13.61 4.83 1.09
C ASP A 31 -12.12 5.13 1.40
N ILE A 32 -11.21 4.26 0.93
CA ILE A 32 -9.75 4.45 0.96
C ILE A 32 -9.36 5.38 -0.20
N ASP A 33 -8.30 6.18 -0.04
CA ASP A 33 -7.83 7.14 -1.04
C ASP A 33 -6.30 7.30 -1.00
N ASP A 34 -5.72 7.94 -2.02
CA ASP A 34 -4.27 8.15 -2.15
C ASP A 34 -3.66 8.89 -0.94
N GLU A 35 -4.36 9.91 -0.43
CA GLU A 35 -3.95 10.74 0.72
C GLU A 35 -4.70 10.37 2.02
N ALA A 36 -5.29 9.17 2.10
CA ALA A 36 -5.87 8.62 3.33
C ALA A 36 -4.80 8.27 4.38
N SER A 37 -5.25 7.90 5.59
CA SER A 37 -4.40 7.54 6.73
C SER A 37 -4.87 6.23 7.35
N PHE A 38 -3.98 5.23 7.44
CA PHE A 38 -4.38 3.86 7.81
C PHE A 38 -4.91 3.74 9.24
N ASN A 39 -4.36 4.52 10.18
CA ASN A 39 -4.84 4.59 11.56
C ASN A 39 -6.26 5.21 11.66
N THR A 40 -6.58 6.15 10.77
CA THR A 40 -7.91 6.81 10.67
C THR A 40 -8.94 5.93 9.96
N LEU A 41 -8.50 5.12 8.99
CA LEU A 41 -9.28 4.06 8.34
C LEU A 41 -9.59 2.86 9.25
N GLY A 42 -8.94 2.77 10.42
CA GLY A 42 -9.19 1.76 11.46
C GLY A 42 -8.20 0.59 11.49
N LEU A 43 -7.09 0.66 10.75
CA LEU A 43 -6.01 -0.32 10.78
C LEU A 43 -5.21 -0.20 12.09
N ASP A 44 -4.79 -1.33 12.66
CA ASP A 44 -3.96 -1.44 13.87
C ASP A 44 -2.78 -2.40 13.62
N SER A 45 -2.03 -2.77 14.66
CA SER A 45 -0.92 -3.74 14.55
C SER A 45 -1.35 -5.13 14.08
N ILE A 46 -2.53 -5.61 14.52
CA ILE A 46 -3.03 -6.97 14.25
C ILE A 46 -3.56 -7.10 12.81
N LEU A 47 -4.33 -6.12 12.33
CA LEU A 47 -4.76 -6.04 10.93
C LEU A 47 -3.60 -5.64 10.00
N GLY A 48 -2.70 -4.78 10.49
CA GLY A 48 -1.54 -4.27 9.76
C GLY A 48 -0.52 -5.34 9.40
N VAL A 49 -0.15 -6.23 10.32
CA VAL A 49 0.83 -7.30 10.03
C VAL A 49 0.31 -8.30 8.98
N GLU A 50 -1.01 -8.52 8.91
CA GLU A 50 -1.64 -9.38 7.89
C GLU A 50 -1.74 -8.69 6.51
N PHE A 51 -1.88 -7.36 6.49
CA PHE A 51 -1.81 -6.55 5.27
C PHE A 51 -0.36 -6.51 4.73
N VAL A 52 0.63 -6.29 5.59
CA VAL A 52 2.06 -6.24 5.22
C VAL A 52 2.58 -7.62 4.77
N ALA A 53 2.05 -8.71 5.34
CA ALA A 53 2.35 -10.08 4.90
C ALA A 53 1.89 -10.37 3.45
N PHE A 54 0.81 -9.75 2.97
CA PHE A 54 0.44 -9.81 1.54
C PHE A 54 1.47 -9.06 0.68
N VAL A 55 1.90 -7.87 1.09
CA VAL A 55 2.87 -7.05 0.34
C VAL A 55 4.23 -7.75 0.23
N ASN A 56 4.69 -8.39 1.31
CA ASN A 56 5.95 -9.15 1.33
C ASN A 56 5.93 -10.34 0.36
N GLN A 57 4.80 -11.04 0.27
CA GLN A 57 4.62 -12.20 -0.61
C GLN A 57 4.45 -11.79 -2.09
N THR A 58 3.79 -10.65 -2.35
CA THR A 58 3.48 -10.18 -3.71
C THR A 58 4.65 -9.47 -4.38
N TYR A 59 5.43 -8.69 -3.61
CA TYR A 59 6.52 -7.84 -4.13
C TYR A 59 7.93 -8.29 -3.72
N GLY A 60 8.07 -9.45 -3.03
CA GLY A 60 9.36 -10.06 -2.69
C GLY A 60 10.12 -9.33 -1.58
N LEU A 61 9.41 -8.87 -0.55
CA LEU A 61 9.94 -8.02 0.52
C LEU A 61 10.04 -8.75 1.88
N ASP A 62 10.63 -8.09 2.88
CA ASP A 62 10.85 -8.61 4.24
C ASP A 62 10.41 -7.63 5.35
N GLU A 63 9.49 -6.70 5.04
CA GLU A 63 9.14 -5.56 5.91
C GLU A 63 8.28 -5.97 7.11
N LYS A 64 8.39 -5.22 8.21
CA LYS A 64 7.62 -5.42 9.46
C LYS A 64 6.45 -4.45 9.55
N ALA A 65 5.50 -4.70 10.45
CA ALA A 65 4.27 -3.91 10.60
C ALA A 65 4.53 -2.41 10.90
N GLY A 66 5.71 -2.06 11.44
CA GLY A 66 6.17 -0.68 11.63
C GLY A 66 6.31 0.14 10.34
N ILE A 67 6.31 -0.49 9.17
CA ILE A 67 6.28 0.22 7.86
C ILE A 67 5.01 1.08 7.71
N LEU A 68 3.92 0.72 8.40
CA LEU A 68 2.65 1.44 8.41
C LEU A 68 2.68 2.72 9.28
N TYR A 69 3.74 2.91 10.09
CA TYR A 69 4.04 4.17 10.77
C TYR A 69 4.98 5.06 9.95
N ASP A 70 5.93 4.46 9.21
CA ASP A 70 6.85 5.18 8.31
C ASP A 70 6.18 5.68 7.02
N HIS A 71 5.23 4.90 6.48
CA HIS A 71 4.40 5.24 5.32
C HIS A 71 2.90 5.01 5.68
N PRO A 72 2.26 5.96 6.39
CA PRO A 72 0.90 5.80 6.92
C PRO A 72 -0.22 6.04 5.90
N SER A 73 0.12 6.24 4.62
CA SER A 73 -0.79 6.60 3.53
C SER A 73 -0.54 5.80 2.25
N LEU A 74 -1.56 5.65 1.42
CA LEU A 74 -1.51 4.82 0.21
C LEU A 74 -0.47 5.33 -0.80
N ALA A 75 -0.38 6.65 -1.00
CA ALA A 75 0.59 7.26 -1.91
C ALA A 75 2.05 7.16 -1.42
N ALA A 76 2.27 7.05 -0.10
CA ALA A 76 3.61 6.87 0.49
C ALA A 76 4.06 5.40 0.51
N LEU A 77 3.14 4.46 0.77
CA LEU A 77 3.47 3.03 0.86
C LEU A 77 3.63 2.40 -0.54
N SER A 78 2.78 2.77 -1.51
CA SER A 78 2.89 2.28 -2.89
C SER A 78 4.21 2.67 -3.57
N ARG A 79 4.76 3.86 -3.26
CA ARG A 79 6.06 4.30 -3.82
C ARG A 79 7.26 3.66 -3.13
N HIS A 80 7.15 3.34 -1.84
CA HIS A 80 8.14 2.52 -1.12
C HIS A 80 8.22 1.11 -1.73
N VAL A 81 7.07 0.45 -1.91
CA VAL A 81 6.97 -0.90 -2.47
C VAL A 81 7.45 -0.93 -3.92
N ALA A 82 7.05 0.03 -4.75
CA ALA A 82 7.52 0.12 -6.14
C ALA A 82 9.05 0.35 -6.25
N GLY A 83 9.64 1.09 -5.30
CA GLY A 83 11.09 1.32 -5.22
C GLY A 83 11.90 0.13 -4.71
N ARG A 84 11.32 -0.70 -3.83
CA ARG A 84 11.95 -1.89 -3.23
C ARG A 84 11.82 -3.15 -4.10
N ALA A 85 10.72 -3.29 -4.84
CA ALA A 85 10.47 -4.45 -5.72
C ALA A 85 11.51 -4.59 -6.84
N ALA A 86 11.75 -5.83 -7.31
CA ALA A 86 12.70 -6.15 -8.37
C ALA A 86 12.19 -7.29 -9.29
N PRO A 87 12.62 -7.34 -10.57
CA PRO A 87 12.19 -8.36 -11.55
C PRO A 87 12.99 -9.67 -11.40
N VAL A 88 12.91 -10.29 -10.22
CA VAL A 88 13.63 -11.52 -9.81
C VAL A 88 12.65 -12.67 -9.54
N GLY A 1 6.46 25.52 -16.74
CA GLY A 1 7.75 24.82 -16.72
C GLY A 1 7.76 23.65 -15.74
N PRO A 2 8.96 23.16 -15.34
CA PRO A 2 9.13 22.05 -14.40
C PRO A 2 8.54 22.30 -13.01
N GLY A 3 8.20 21.22 -12.29
CA GLY A 3 7.70 21.27 -10.91
C GLY A 3 6.88 20.05 -10.50
N SER A 4 6.23 19.37 -11.46
CA SER A 4 5.42 18.16 -11.26
C SER A 4 5.67 17.13 -12.38
N ALA A 5 5.54 15.84 -12.04
CA ALA A 5 5.69 14.71 -12.97
C ALA A 5 4.78 13.51 -12.58
N VAL A 6 4.43 12.68 -13.56
CA VAL A 6 3.59 11.46 -13.40
C VAL A 6 4.20 10.31 -14.18
N ALA A 7 4.23 9.13 -13.58
CA ALA A 7 4.71 7.88 -14.19
C ALA A 7 3.89 6.67 -13.67
N VAL A 8 3.75 5.63 -14.51
CA VAL A 8 3.00 4.41 -14.18
C VAL A 8 3.93 3.40 -13.51
N ASP A 9 4.12 3.56 -12.20
CA ASP A 9 4.98 2.72 -11.36
C ASP A 9 4.47 2.55 -9.91
N PRO A 10 4.04 3.63 -9.20
CA PRO A 10 3.30 3.50 -7.95
C PRO A 10 1.82 3.16 -8.21
N ALA A 11 1.25 3.66 -9.31
CA ALA A 11 -0.15 3.46 -9.68
C ALA A 11 -0.58 1.97 -9.83
N PRO A 12 0.18 1.08 -10.52
CA PRO A 12 -0.16 -0.35 -10.61
C PRO A 12 0.04 -1.12 -9.30
N VAL A 13 0.70 -0.52 -8.31
CA VAL A 13 0.83 -1.05 -6.93
C VAL A 13 -0.31 -0.54 -6.04
N ALA A 14 -0.67 0.75 -6.13
CA ALA A 14 -1.67 1.41 -5.31
C ALA A 14 -3.05 0.73 -5.40
N ARG A 15 -3.45 0.26 -6.58
CA ARG A 15 -4.69 -0.51 -6.81
C ARG A 15 -4.77 -1.79 -5.97
N ALA A 16 -3.65 -2.52 -5.85
CA ALA A 16 -3.59 -3.76 -5.08
C ALA A 16 -3.57 -3.50 -3.56
N LEU A 17 -2.84 -2.47 -3.12
CA LEU A 17 -2.84 -2.02 -1.72
C LEU A 17 -4.23 -1.51 -1.29
N ARG A 18 -4.94 -0.78 -2.17
CA ARG A 18 -6.34 -0.36 -2.00
C ARG A 18 -7.29 -1.55 -1.84
N GLU A 19 -7.24 -2.53 -2.74
CA GLU A 19 -8.11 -3.71 -2.68
C GLU A 19 -7.80 -4.61 -1.46
N GLU A 20 -6.55 -4.67 -1.01
CA GLU A 20 -6.16 -5.39 0.21
C GLU A 20 -6.67 -4.66 1.47
N LEU A 21 -6.53 -3.33 1.54
CA LEU A 21 -6.95 -2.53 2.69
C LEU A 21 -8.49 -2.52 2.81
N ALA A 22 -9.19 -2.49 1.67
CA ALA A 22 -10.64 -2.63 1.60
C ALA A 22 -11.16 -3.90 2.27
N ARG A 23 -10.62 -5.09 1.94
CA ARG A 23 -11.04 -6.35 2.58
C ARG A 23 -10.51 -6.53 4.00
N THR A 24 -9.36 -5.95 4.33
CA THR A 24 -8.80 -5.92 5.70
C THR A 24 -9.66 -5.11 6.67
N LEU A 25 -10.30 -4.04 6.20
CA LEU A 25 -11.18 -3.16 6.99
C LEU A 25 -12.69 -3.37 6.73
N TYR A 26 -13.06 -4.37 5.92
CA TYR A 26 -14.43 -4.69 5.51
C TYR A 26 -15.21 -3.50 4.91
N CYS A 27 -14.54 -2.72 4.06
CA CYS A 27 -15.12 -1.61 3.30
C CYS A 27 -14.94 -1.77 1.78
N GLU A 28 -15.42 -0.81 0.99
CA GLU A 28 -15.22 -0.77 -0.47
C GLU A 28 -13.84 -0.18 -0.84
N PRO A 29 -13.24 -0.55 -1.99
CA PRO A 29 -12.00 0.06 -2.48
C PRO A 29 -12.18 1.54 -2.84
N GLY A 30 -13.40 1.96 -3.19
CA GLY A 30 -13.78 3.37 -3.39
C GLY A 30 -13.86 4.19 -2.10
N ASP A 31 -13.90 3.55 -0.92
CA ASP A 31 -13.87 4.22 0.40
C ASP A 31 -12.43 4.45 0.89
N ILE A 32 -11.43 3.77 0.29
CA ILE A 32 -10.00 4.06 0.45
C ILE A 32 -9.64 5.30 -0.40
N ASP A 33 -8.90 6.25 0.16
CA ASP A 33 -8.31 7.38 -0.57
C ASP A 33 -6.78 7.25 -0.64
N ASP A 34 -6.17 7.90 -1.63
CA ASP A 34 -4.71 7.92 -1.82
C ASP A 34 -4.00 8.71 -0.69
N GLU A 35 -4.62 9.76 -0.18
CA GLU A 35 -4.11 10.60 0.93
C GLU A 35 -4.79 10.25 2.28
N ALA A 36 -5.38 9.06 2.41
CA ALA A 36 -5.91 8.52 3.67
C ALA A 36 -4.79 8.22 4.69
N SER A 37 -5.17 7.93 5.94
CA SER A 37 -4.27 7.56 7.04
C SER A 37 -4.76 6.26 7.68
N PHE A 38 -3.90 5.24 7.76
CA PHE A 38 -4.33 3.86 8.05
C PHE A 38 -4.88 3.68 9.47
N ASN A 39 -4.26 4.34 10.46
CA ASN A 39 -4.74 4.33 11.84
C ASN A 39 -6.03 5.16 12.03
N THR A 40 -6.35 6.07 11.10
CA THR A 40 -7.62 6.84 11.07
C THR A 40 -8.73 6.06 10.37
N LEU A 41 -8.38 5.24 9.36
CA LEU A 41 -9.27 4.23 8.76
C LEU A 41 -9.60 3.06 9.72
N GLY A 42 -8.84 2.91 10.82
CA GLY A 42 -9.09 1.92 11.87
C GLY A 42 -8.17 0.68 11.82
N LEU A 43 -7.07 0.74 11.07
CA LEU A 43 -6.05 -0.30 11.03
C LEU A 43 -5.24 -0.31 12.34
N ASP A 44 -5.37 -1.36 13.13
CA ASP A 44 -4.52 -1.65 14.31
C ASP A 44 -3.34 -2.56 13.94
N SER A 45 -2.33 -2.68 14.80
CA SER A 45 -1.12 -3.49 14.54
C SER A 45 -1.40 -4.96 14.22
N ILE A 46 -2.48 -5.52 14.75
CA ILE A 46 -2.93 -6.91 14.50
C ILE A 46 -3.46 -7.06 13.07
N LEU A 47 -4.12 -6.04 12.51
CA LEU A 47 -4.52 -5.99 11.10
C LEU A 47 -3.33 -5.60 10.19
N GLY A 48 -2.48 -4.69 10.67
CA GLY A 48 -1.31 -4.18 9.95
C GLY A 48 -0.26 -5.26 9.63
N VAL A 49 0.07 -6.13 10.58
CA VAL A 49 1.02 -7.24 10.34
C VAL A 49 0.51 -8.23 9.28
N GLU A 50 -0.80 -8.43 9.19
CA GLU A 50 -1.44 -9.30 8.18
C GLU A 50 -1.56 -8.62 6.81
N PHE A 51 -1.68 -7.29 6.79
CA PHE A 51 -1.64 -6.48 5.57
C PHE A 51 -0.23 -6.50 4.96
N VAL A 52 0.80 -6.29 5.78
CA VAL A 52 2.21 -6.29 5.34
C VAL A 52 2.67 -7.68 4.89
N ALA A 53 2.14 -8.75 5.50
CA ALA A 53 2.38 -10.13 5.04
C ALA A 53 1.90 -10.40 3.61
N PHE A 54 0.81 -9.76 3.15
CA PHE A 54 0.36 -9.83 1.76
C PHE A 54 1.30 -9.06 0.82
N VAL A 55 1.74 -7.86 1.22
CA VAL A 55 2.68 -7.02 0.43
C VAL A 55 4.03 -7.70 0.25
N ASN A 56 4.56 -8.34 1.30
CA ASN A 56 5.81 -9.11 1.25
C ASN A 56 5.74 -10.29 0.29
N GLN A 57 4.58 -10.96 0.21
CA GLN A 57 4.37 -12.12 -0.65
C GLN A 57 4.09 -11.72 -2.12
N THR A 58 3.41 -10.59 -2.33
CA THR A 58 3.06 -10.08 -3.67
C THR A 58 4.26 -9.44 -4.38
N TYR A 59 5.13 -8.73 -3.64
CA TYR A 59 6.24 -7.94 -4.19
C TYR A 59 7.65 -8.47 -3.84
N GLY A 60 7.73 -9.61 -3.14
CA GLY A 60 8.98 -10.31 -2.80
C GLY A 60 9.84 -9.57 -1.76
N LEU A 61 9.20 -9.02 -0.73
CA LEU A 61 9.81 -8.13 0.28
C LEU A 61 9.95 -8.82 1.66
N ASP A 62 10.57 -8.11 2.59
CA ASP A 62 10.92 -8.53 3.95
C ASP A 62 10.64 -7.43 5.01
N GLU A 63 9.63 -6.59 4.77
CA GLU A 63 9.22 -5.53 5.70
C GLU A 63 8.49 -6.06 6.95
N LYS A 64 8.55 -5.30 8.04
CA LYS A 64 7.80 -5.54 9.29
C LYS A 64 6.59 -4.60 9.40
N ALA A 65 5.67 -4.89 10.31
CA ALA A 65 4.44 -4.11 10.54
C ALA A 65 4.70 -2.60 10.82
N GLY A 66 5.89 -2.25 11.34
CA GLY A 66 6.32 -0.86 11.57
C GLY A 66 6.45 0.00 10.31
N ILE A 67 6.46 -0.58 9.09
CA ILE A 67 6.47 0.19 7.83
C ILE A 67 5.22 1.08 7.67
N LEU A 68 4.11 0.69 8.30
CA LEU A 68 2.86 1.46 8.33
C LEU A 68 2.92 2.71 9.23
N TYR A 69 3.97 2.86 10.05
CA TYR A 69 4.29 4.09 10.79
C TYR A 69 5.25 5.00 10.01
N ASP A 70 6.09 4.42 9.14
CA ASP A 70 7.01 5.17 8.25
C ASP A 70 6.33 5.68 6.97
N HIS A 71 5.32 4.95 6.46
CA HIS A 71 4.45 5.34 5.35
C HIS A 71 2.96 5.12 5.73
N PRO A 72 2.34 6.02 6.52
CA PRO A 72 0.96 5.85 7.03
C PRO A 72 -0.16 6.04 6.01
N SER A 73 0.15 6.25 4.73
CA SER A 73 -0.78 6.61 3.65
C SER A 73 -0.51 5.81 2.36
N LEU A 74 -1.55 5.62 1.54
CA LEU A 74 -1.49 4.82 0.32
C LEU A 74 -0.54 5.45 -0.72
N ALA A 75 -0.56 6.77 -0.89
CA ALA A 75 0.33 7.51 -1.78
C ALA A 75 1.81 7.42 -1.39
N ALA A 76 2.12 7.23 -0.09
CA ALA A 76 3.48 7.06 0.41
C ALA A 76 3.95 5.60 0.39
N LEU A 77 3.07 4.63 0.67
CA LEU A 77 3.43 3.21 0.73
C LEU A 77 3.51 2.57 -0.66
N SER A 78 2.65 2.97 -1.61
CA SER A 78 2.70 2.47 -2.99
C SER A 78 4.02 2.80 -3.70
N ARG A 79 4.60 3.98 -3.43
CA ARG A 79 5.90 4.38 -4.01
C ARG A 79 7.10 3.73 -3.30
N HIS A 80 6.98 3.46 -1.99
CA HIS A 80 7.94 2.65 -1.25
C HIS A 80 7.98 1.21 -1.81
N VAL A 81 6.84 0.55 -1.97
CA VAL A 81 6.73 -0.82 -2.51
C VAL A 81 7.19 -0.90 -3.96
N ALA A 82 6.85 0.08 -4.80
CA ALA A 82 7.34 0.18 -6.18
C ALA A 82 8.88 0.34 -6.27
N GLY A 83 9.50 1.07 -5.33
CA GLY A 83 10.95 1.25 -5.23
C GLY A 83 11.70 0.07 -4.61
N ARG A 84 11.03 -0.70 -3.72
CA ARG A 84 11.58 -1.87 -3.02
C ARG A 84 11.55 -3.17 -3.86
N ALA A 85 10.57 -3.31 -4.77
CA ALA A 85 10.58 -4.36 -5.79
C ALA A 85 11.75 -4.17 -6.79
N ALA A 86 12.30 -5.27 -7.33
CA ALA A 86 13.51 -5.22 -8.14
C ALA A 86 13.29 -4.56 -9.53
N PRO A 87 14.21 -3.68 -10.00
CA PRO A 87 14.09 -3.00 -11.30
C PRO A 87 14.57 -3.87 -12.48
N VAL A 88 15.32 -4.95 -12.21
CA VAL A 88 15.91 -5.88 -13.20
C VAL A 88 15.00 -7.06 -13.57
N GLY A 1 15.42 -1.22 -27.03
CA GLY A 1 16.31 -0.04 -27.09
C GLY A 1 16.19 0.84 -25.85
N PRO A 2 16.95 1.96 -25.78
CA PRO A 2 16.93 2.91 -24.66
C PRO A 2 15.63 3.73 -24.59
N GLY A 3 15.39 4.38 -23.44
CA GLY A 3 14.21 5.22 -23.18
C GLY A 3 14.30 6.06 -21.91
N SER A 4 13.21 6.75 -21.57
CA SER A 4 13.09 7.64 -20.40
C SER A 4 13.20 6.90 -19.06
N ALA A 5 13.59 7.62 -18.00
CA ALA A 5 13.72 7.13 -16.62
C ALA A 5 12.52 7.49 -15.72
N VAL A 6 11.45 8.02 -16.34
CA VAL A 6 10.20 8.43 -15.69
C VAL A 6 9.02 7.65 -16.31
N ALA A 7 8.27 6.95 -15.48
CA ALA A 7 7.12 6.13 -15.86
C ALA A 7 6.11 5.98 -14.69
N VAL A 8 4.89 5.53 -14.99
CA VAL A 8 3.89 5.16 -13.96
C VAL A 8 4.32 3.87 -13.24
N ASP A 9 4.22 3.86 -11.91
CA ASP A 9 4.80 2.80 -11.05
C ASP A 9 4.12 2.62 -9.67
N PRO A 10 3.80 3.68 -8.91
CA PRO A 10 3.09 3.56 -7.64
C PRO A 10 1.59 3.36 -7.85
N ALA A 11 1.03 3.85 -8.96
CA ALA A 11 -0.39 3.72 -9.28
C ALA A 11 -0.89 2.25 -9.44
N PRO A 12 -0.21 1.36 -10.21
CA PRO A 12 -0.59 -0.06 -10.29
C PRO A 12 -0.39 -0.83 -8.97
N VAL A 13 0.41 -0.32 -8.04
CA VAL A 13 0.51 -0.83 -6.65
C VAL A 13 -0.66 -0.30 -5.79
N ALA A 14 -0.99 0.98 -5.91
CA ALA A 14 -2.04 1.63 -5.12
C ALA A 14 -3.43 1.01 -5.34
N ARG A 15 -3.78 0.59 -6.56
CA ARG A 15 -5.04 -0.13 -6.83
C ARG A 15 -5.12 -1.49 -6.13
N ALA A 16 -4.00 -2.22 -6.03
CA ALA A 16 -3.94 -3.53 -5.38
C ALA A 16 -3.95 -3.39 -3.85
N LEU A 17 -3.23 -2.40 -3.31
CA LEU A 17 -3.22 -2.10 -1.87
C LEU A 17 -4.55 -1.47 -1.39
N ARG A 18 -5.26 -0.71 -2.24
CA ARG A 18 -6.66 -0.27 -2.01
C ARG A 18 -7.60 -1.46 -1.85
N GLU A 19 -7.54 -2.43 -2.74
CA GLU A 19 -8.37 -3.65 -2.67
C GLU A 19 -8.00 -4.51 -1.45
N GLU A 20 -6.73 -4.52 -1.02
CA GLU A 20 -6.30 -5.23 0.19
C GLU A 20 -6.73 -4.51 1.48
N LEU A 21 -6.69 -3.17 1.54
CA LEU A 21 -7.23 -2.40 2.67
C LEU A 21 -8.74 -2.60 2.81
N ALA A 22 -9.48 -2.62 1.70
CA ALA A 22 -10.93 -2.83 1.68
C ALA A 22 -11.32 -4.16 2.37
N ARG A 23 -10.65 -5.27 2.05
CA ARG A 23 -10.90 -6.58 2.70
C ARG A 23 -10.28 -6.74 4.09
N THR A 24 -9.18 -6.04 4.38
CA THR A 24 -8.55 -6.01 5.72
C THR A 24 -9.41 -5.26 6.74
N LEU A 25 -10.07 -4.18 6.33
CA LEU A 25 -10.83 -3.24 7.18
C LEU A 25 -12.36 -3.34 7.00
N TYR A 26 -12.83 -4.34 6.25
CA TYR A 26 -14.24 -4.63 5.96
C TYR A 26 -15.04 -3.43 5.43
N CYS A 27 -14.42 -2.61 4.57
CA CYS A 27 -15.03 -1.46 3.91
C CYS A 27 -14.98 -1.59 2.37
N GLU A 28 -15.52 -0.61 1.64
CA GLU A 28 -15.48 -0.54 0.17
C GLU A 28 -14.17 0.08 -0.35
N PRO A 29 -13.64 -0.36 -1.50
CA PRO A 29 -12.43 0.20 -2.09
C PRO A 29 -12.62 1.66 -2.57
N GLY A 30 -13.86 2.08 -2.85
CA GLY A 30 -14.22 3.46 -3.15
C GLY A 30 -14.18 4.42 -1.95
N ASP A 31 -14.15 3.91 -0.72
CA ASP A 31 -13.97 4.72 0.50
C ASP A 31 -12.48 4.96 0.83
N ILE A 32 -11.58 4.10 0.34
CA ILE A 32 -10.13 4.28 0.41
C ILE A 32 -9.74 5.46 -0.51
N ASP A 33 -8.94 6.40 0.00
CA ASP A 33 -8.33 7.49 -0.80
C ASP A 33 -6.80 7.31 -0.87
N ASP A 34 -6.16 7.93 -1.87
CA ASP A 34 -4.70 7.89 -2.05
C ASP A 34 -3.96 8.66 -0.95
N GLU A 35 -4.59 9.69 -0.38
CA GLU A 35 -4.10 10.48 0.77
C GLU A 35 -4.83 10.14 2.08
N ALA A 36 -5.43 8.94 2.18
CA ALA A 36 -6.02 8.42 3.42
C ALA A 36 -4.95 8.13 4.50
N SER A 37 -5.39 7.87 5.73
CA SER A 37 -4.53 7.57 6.89
C SER A 37 -4.97 6.27 7.53
N PHE A 38 -4.09 5.26 7.56
CA PHE A 38 -4.48 3.86 7.83
C PHE A 38 -5.07 3.66 9.23
N ASN A 39 -4.54 4.32 10.25
CA ASN A 39 -5.09 4.24 11.61
C ASN A 39 -6.45 4.96 11.77
N THR A 40 -6.78 5.89 10.86
CA THR A 40 -8.11 6.53 10.78
C THR A 40 -9.11 5.63 10.02
N LEU A 41 -8.66 4.85 9.05
CA LEU A 41 -9.45 3.80 8.39
C LEU A 41 -9.77 2.63 9.35
N GLY A 42 -8.83 2.32 10.26
CA GLY A 42 -8.99 1.32 11.34
C GLY A 42 -7.79 0.37 11.55
N LEU A 43 -6.71 0.52 10.78
CA LEU A 43 -5.53 -0.35 10.82
C LEU A 43 -4.69 -0.13 12.10
N ASP A 44 -4.20 -1.21 12.70
CA ASP A 44 -3.28 -1.23 13.84
C ASP A 44 -2.13 -2.24 13.58
N SER A 45 -1.27 -2.53 14.56
CA SER A 45 -0.17 -3.52 14.41
C SER A 45 -0.66 -4.95 14.13
N ILE A 46 -1.86 -5.32 14.59
CA ILE A 46 -2.40 -6.70 14.51
C ILE A 46 -3.03 -6.95 13.13
N LEU A 47 -3.87 -6.05 12.64
CA LEU A 47 -4.37 -6.08 11.26
C LEU A 47 -3.26 -5.72 10.25
N GLY A 48 -2.32 -4.88 10.67
CA GLY A 48 -1.19 -4.40 9.88
C GLY A 48 -0.16 -5.48 9.54
N VAL A 49 0.23 -6.35 10.49
CA VAL A 49 1.17 -7.43 10.18
C VAL A 49 0.59 -8.44 9.17
N GLU A 50 -0.73 -8.62 9.14
CA GLU A 50 -1.41 -9.46 8.14
C GLU A 50 -1.54 -8.78 6.76
N PHE A 51 -1.61 -7.44 6.73
CA PHE A 51 -1.56 -6.66 5.50
C PHE A 51 -0.14 -6.62 4.92
N VAL A 52 0.89 -6.48 5.76
CA VAL A 52 2.30 -6.51 5.37
C VAL A 52 2.72 -7.92 4.92
N ALA A 53 2.12 -8.98 5.47
CA ALA A 53 2.28 -10.34 4.96
C ALA A 53 1.79 -10.52 3.50
N PHE A 54 0.78 -9.75 3.05
CA PHE A 54 0.41 -9.68 1.63
C PHE A 54 1.46 -8.90 0.81
N VAL A 55 1.86 -7.71 1.29
CA VAL A 55 2.87 -6.85 0.64
C VAL A 55 4.19 -7.60 0.40
N ASN A 56 4.65 -8.37 1.39
CA ASN A 56 5.89 -9.15 1.32
C ASN A 56 5.82 -10.30 0.31
N GLN A 57 4.65 -10.94 0.16
CA GLN A 57 4.46 -12.09 -0.74
C GLN A 57 4.18 -11.67 -2.20
N THR A 58 3.47 -10.55 -2.40
CA THR A 58 3.11 -10.05 -3.74
C THR A 58 4.28 -9.35 -4.44
N TYR A 59 5.14 -8.64 -3.69
CA TYR A 59 6.24 -7.82 -4.21
C TYR A 59 7.65 -8.33 -3.86
N GLY A 60 7.77 -9.46 -3.16
CA GLY A 60 9.04 -10.13 -2.85
C GLY A 60 9.88 -9.40 -1.79
N LEU A 61 9.24 -8.94 -0.72
CA LEU A 61 9.81 -8.07 0.32
C LEU A 61 9.89 -8.80 1.69
N ASP A 62 10.50 -8.15 2.69
CA ASP A 62 10.72 -8.69 4.04
C ASP A 62 10.51 -7.61 5.14
N GLU A 63 9.58 -6.68 4.92
CA GLU A 63 9.27 -5.60 5.88
C GLU A 63 8.41 -6.07 7.07
N LYS A 64 8.41 -5.26 8.14
CA LYS A 64 7.64 -5.47 9.39
C LYS A 64 6.48 -4.47 9.47
N ALA A 65 5.53 -4.70 10.39
CA ALA A 65 4.33 -3.88 10.54
C ALA A 65 4.61 -2.39 10.86
N GLY A 66 5.81 -2.06 11.37
CA GLY A 66 6.29 -0.68 11.53
C GLY A 66 6.36 0.14 10.23
N ILE A 67 6.37 -0.50 9.05
CA ILE A 67 6.32 0.21 7.75
C ILE A 67 5.02 1.02 7.57
N LEU A 68 3.94 0.62 8.25
CA LEU A 68 2.63 1.28 8.22
C LEU A 68 2.58 2.54 9.11
N TYR A 69 3.60 2.73 9.93
CA TYR A 69 3.82 3.89 10.78
C TYR A 69 4.91 4.82 10.21
N ASP A 70 5.80 4.31 9.35
CA ASP A 70 6.72 5.09 8.52
C ASP A 70 6.04 5.65 7.24
N HIS A 71 5.12 4.89 6.63
CA HIS A 71 4.29 5.28 5.49
C HIS A 71 2.79 5.02 5.81
N PRO A 72 2.12 5.93 6.54
CA PRO A 72 0.75 5.75 7.03
C PRO A 72 -0.35 6.04 5.99
N SER A 73 0.01 6.22 4.71
CA SER A 73 -0.90 6.60 3.62
C SER A 73 -0.63 5.81 2.34
N LEU A 74 -1.66 5.63 1.51
CA LEU A 74 -1.62 4.75 0.34
C LEU A 74 -0.61 5.22 -0.71
N ALA A 75 -0.58 6.51 -1.03
CA ALA A 75 0.36 7.09 -1.99
C ALA A 75 1.82 7.07 -1.51
N ALA A 76 2.07 7.05 -0.18
CA ALA A 76 3.41 6.97 0.40
C ALA A 76 3.93 5.52 0.51
N LEU A 77 3.07 4.57 0.86
CA LEU A 77 3.44 3.15 0.95
C LEU A 77 3.60 2.53 -0.45
N SER A 78 2.73 2.88 -1.40
CA SER A 78 2.79 2.34 -2.76
C SER A 78 4.08 2.73 -3.50
N ARG A 79 4.65 3.91 -3.23
CA ARG A 79 5.93 4.34 -3.82
C ARG A 79 7.15 3.73 -3.12
N HIS A 80 7.06 3.41 -1.82
CA HIS A 80 8.06 2.61 -1.12
C HIS A 80 8.10 1.18 -1.72
N VAL A 81 6.92 0.55 -1.87
CA VAL A 81 6.79 -0.80 -2.45
C VAL A 81 7.26 -0.81 -3.91
N ALA A 82 6.86 0.14 -4.74
CA ALA A 82 7.31 0.24 -6.14
C ALA A 82 8.83 0.47 -6.28
N GLY A 83 9.46 1.20 -5.34
CA GLY A 83 10.90 1.43 -5.28
C GLY A 83 11.72 0.22 -4.76
N ARG A 84 11.10 -0.68 -3.99
CA ARG A 84 11.73 -1.89 -3.42
C ARG A 84 11.51 -3.16 -4.24
N ALA A 85 10.38 -3.27 -4.95
CA ALA A 85 9.99 -4.48 -5.69
C ALA A 85 10.98 -4.84 -6.81
N ALA A 86 11.09 -6.15 -7.11
CA ALA A 86 11.99 -6.67 -8.14
C ALA A 86 11.52 -6.31 -9.58
N PRO A 87 12.44 -6.02 -10.52
CA PRO A 87 12.11 -5.64 -11.89
C PRO A 87 11.76 -6.83 -12.82
N VAL A 88 12.12 -8.06 -12.44
CA VAL A 88 11.92 -9.31 -13.22
C VAL A 88 10.50 -9.87 -13.12
N GLY A 1 1.83 15.27 -24.41
CA GLY A 1 2.14 14.11 -23.54
C GLY A 1 3.64 13.80 -23.49
N PRO A 2 4.06 12.82 -22.66
CA PRO A 2 5.45 12.40 -22.54
C PRO A 2 5.97 11.67 -23.78
N GLY A 3 7.27 11.77 -24.06
CA GLY A 3 7.91 11.21 -25.26
C GLY A 3 8.14 9.70 -25.21
N SER A 4 8.86 9.21 -24.18
CA SER A 4 9.20 7.80 -23.96
C SER A 4 9.56 7.53 -22.49
N ALA A 5 9.69 6.25 -22.13
CA ALA A 5 10.08 5.74 -20.81
C ALA A 5 9.18 6.28 -19.68
N VAL A 6 7.87 6.22 -19.93
CA VAL A 6 6.85 6.92 -19.14
C VAL A 6 6.81 6.41 -17.69
N ALA A 7 6.68 7.33 -16.72
CA ALA A 7 6.76 7.04 -15.29
C ALA A 7 5.45 6.44 -14.72
N VAL A 8 5.26 5.13 -14.92
CA VAL A 8 4.17 4.31 -14.37
C VAL A 8 4.77 3.18 -13.54
N ASP A 9 4.67 3.28 -12.21
CA ASP A 9 5.28 2.35 -11.25
C ASP A 9 4.51 2.21 -9.91
N PRO A 10 4.07 3.29 -9.25
CA PRO A 10 3.24 3.20 -8.04
C PRO A 10 1.74 3.06 -8.36
N ALA A 11 1.30 3.49 -9.54
CA ALA A 11 -0.09 3.39 -10.00
C ALA A 11 -0.64 1.93 -10.08
N PRO A 12 0.09 0.92 -10.59
CA PRO A 12 -0.33 -0.48 -10.52
C PRO A 12 -0.25 -1.10 -9.11
N VAL A 13 0.48 -0.47 -8.18
CA VAL A 13 0.58 -0.89 -6.77
C VAL A 13 -0.59 -0.31 -5.95
N ALA A 14 -0.92 0.97 -6.12
CA ALA A 14 -1.96 1.65 -5.34
C ALA A 14 -3.36 1.03 -5.54
N ARG A 15 -3.68 0.58 -6.76
CA ARG A 15 -4.95 -0.12 -7.05
C ARG A 15 -5.06 -1.50 -6.38
N ALA A 16 -3.93 -2.18 -6.16
CA ALA A 16 -3.87 -3.45 -5.44
C ALA A 16 -3.91 -3.24 -3.92
N LEU A 17 -3.10 -2.32 -3.39
CA LEU A 17 -3.05 -2.02 -1.95
C LEU A 17 -4.37 -1.40 -1.44
N ARG A 18 -5.13 -0.70 -2.29
CA ARG A 18 -6.52 -0.27 -1.98
C ARG A 18 -7.44 -1.47 -1.69
N GLU A 19 -7.45 -2.48 -2.55
CA GLU A 19 -8.26 -3.70 -2.33
C GLU A 19 -7.78 -4.53 -1.14
N GLU A 20 -6.48 -4.56 -0.86
CA GLU A 20 -5.92 -5.24 0.32
C GLU A 20 -6.24 -4.55 1.64
N LEU A 21 -6.36 -3.21 1.66
CA LEU A 21 -6.81 -2.46 2.83
C LEU A 21 -8.34 -2.58 3.00
N ALA A 22 -9.09 -2.66 1.89
CA ALA A 22 -10.54 -2.86 1.89
C ALA A 22 -10.95 -4.22 2.48
N ARG A 23 -10.25 -5.32 2.12
CA ARG A 23 -10.49 -6.66 2.72
C ARG A 23 -10.02 -6.76 4.18
N THR A 24 -9.00 -6.01 4.56
CA THR A 24 -8.44 -6.00 5.92
C THR A 24 -9.33 -5.25 6.91
N LEU A 25 -9.94 -4.13 6.48
CA LEU A 25 -10.86 -3.32 7.28
C LEU A 25 -12.35 -3.66 7.06
N TYR A 26 -12.65 -4.63 6.19
CA TYR A 26 -14.01 -5.02 5.76
C TYR A 26 -14.87 -3.82 5.32
N CYS A 27 -14.29 -2.96 4.47
CA CYS A 27 -14.93 -1.76 3.92
C CYS A 27 -14.94 -1.74 2.38
N GLU A 28 -15.58 -0.75 1.78
CA GLU A 28 -15.54 -0.52 0.32
C GLU A 28 -14.18 0.08 -0.11
N PRO A 29 -13.66 -0.26 -1.31
CA PRO A 29 -12.40 0.28 -1.81
C PRO A 29 -12.50 1.78 -2.15
N GLY A 30 -13.69 2.27 -2.48
CA GLY A 30 -13.96 3.70 -2.73
C GLY A 30 -13.97 4.59 -1.48
N ASP A 31 -14.00 4.01 -0.27
CA ASP A 31 -13.90 4.76 0.99
C ASP A 31 -12.42 5.13 1.33
N ILE A 32 -11.47 4.37 0.80
CA ILE A 32 -10.02 4.63 0.89
C ILE A 32 -9.64 5.72 -0.13
N ASP A 33 -8.88 6.72 0.30
CA ASP A 33 -8.24 7.74 -0.56
C ASP A 33 -6.72 7.48 -0.69
N ASP A 34 -6.08 8.05 -1.71
CA ASP A 34 -4.64 7.91 -1.95
C ASP A 34 -3.78 8.61 -0.88
N GLU A 35 -4.33 9.66 -0.26
CA GLU A 35 -3.74 10.43 0.85
C GLU A 35 -4.47 10.20 2.20
N ALA A 36 -5.16 9.06 2.35
CA ALA A 36 -5.80 8.65 3.60
C ALA A 36 -4.80 8.29 4.72
N SER A 37 -5.31 7.99 5.92
CA SER A 37 -4.53 7.69 7.13
C SER A 37 -5.00 6.37 7.75
N PHE A 38 -4.14 5.35 7.76
CA PHE A 38 -4.55 3.97 8.07
C PHE A 38 -5.08 3.80 9.49
N ASN A 39 -4.46 4.42 10.49
CA ASN A 39 -4.94 4.35 11.88
C ASN A 39 -6.23 5.16 12.11
N THR A 40 -6.54 6.12 11.25
CA THR A 40 -7.83 6.87 11.25
C THR A 40 -8.94 6.04 10.58
N LEU A 41 -8.59 5.25 9.56
CA LEU A 41 -9.48 4.24 8.95
C LEU A 41 -9.74 3.03 9.87
N GLY A 42 -8.90 2.82 10.88
CA GLY A 42 -9.06 1.81 11.94
C GLY A 42 -8.00 0.69 11.99
N LEU A 43 -6.97 0.75 11.15
CA LEU A 43 -5.87 -0.22 11.11
C LEU A 43 -5.00 -0.14 12.39
N ASP A 44 -4.59 -1.29 12.91
CA ASP A 44 -3.66 -1.42 14.05
C ASP A 44 -2.56 -2.45 13.72
N SER A 45 -1.70 -2.79 14.69
CA SER A 45 -0.59 -3.74 14.51
C SER A 45 -1.04 -5.16 14.13
N ILE A 46 -2.23 -5.59 14.57
CA ILE A 46 -2.78 -6.95 14.37
C ILE A 46 -3.42 -7.09 12.99
N LEU A 47 -4.24 -6.11 12.57
CA LEU A 47 -4.78 -6.05 11.21
C LEU A 47 -3.67 -5.72 10.18
N GLY A 48 -2.70 -4.90 10.58
CA GLY A 48 -1.59 -4.44 9.76
C GLY A 48 -0.62 -5.54 9.33
N VAL A 49 -0.23 -6.46 10.22
CA VAL A 49 0.67 -7.57 9.84
C VAL A 49 0.01 -8.53 8.83
N GLU A 50 -1.33 -8.65 8.83
CA GLU A 50 -2.09 -9.45 7.86
C GLU A 50 -2.30 -8.75 6.51
N PHE A 51 -1.99 -7.45 6.42
CA PHE A 51 -1.85 -6.69 5.19
C PHE A 51 -0.39 -6.78 4.68
N VAL A 52 0.59 -6.49 5.53
CA VAL A 52 2.03 -6.44 5.15
C VAL A 52 2.57 -7.81 4.72
N ALA A 53 2.10 -8.90 5.32
CA ALA A 53 2.45 -10.27 4.89
C ALA A 53 2.04 -10.58 3.43
N PHE A 54 0.98 -9.96 2.92
CA PHE A 54 0.60 -10.06 1.51
C PHE A 54 1.53 -9.24 0.61
N VAL A 55 1.90 -8.02 1.03
CA VAL A 55 2.82 -7.13 0.29
C VAL A 55 4.21 -7.77 0.16
N ASN A 56 4.71 -8.40 1.23
CA ASN A 56 6.00 -9.11 1.23
C ASN A 56 6.01 -10.28 0.24
N GLN A 57 4.93 -11.06 0.18
CA GLN A 57 4.78 -12.21 -0.72
C GLN A 57 4.57 -11.80 -2.20
N THR A 58 3.88 -10.69 -2.43
CA THR A 58 3.55 -10.18 -3.79
C THR A 58 4.74 -9.49 -4.46
N TYR A 59 5.50 -8.69 -3.73
CA TYR A 59 6.56 -7.82 -4.27
C TYR A 59 7.99 -8.28 -3.94
N GLY A 60 8.16 -9.38 -3.20
CA GLY A 60 9.46 -9.97 -2.84
C GLY A 60 10.20 -9.21 -1.74
N LEU A 61 9.47 -8.77 -0.71
CA LEU A 61 9.96 -7.92 0.38
C LEU A 61 10.04 -8.67 1.74
N ASP A 62 10.55 -7.99 2.76
CA ASP A 62 10.65 -8.49 4.14
C ASP A 62 10.35 -7.35 5.15
N GLU A 63 9.32 -6.55 4.88
CA GLU A 63 8.90 -5.42 5.74
C GLU A 63 8.13 -5.89 6.98
N LYS A 64 8.17 -5.10 8.07
CA LYS A 64 7.41 -5.31 9.31
C LYS A 64 6.18 -4.39 9.38
N ALA A 65 5.23 -4.68 10.27
CA ALA A 65 4.00 -3.88 10.43
C ALA A 65 4.25 -2.39 10.75
N GLY A 66 5.42 -2.04 11.29
CA GLY A 66 5.87 -0.65 11.49
C GLY A 66 5.96 0.20 10.21
N ILE A 67 5.97 -0.41 9.02
CA ILE A 67 5.88 0.32 7.74
C ILE A 67 4.60 1.15 7.63
N LEU A 68 3.53 0.73 8.31
CA LEU A 68 2.22 1.41 8.35
C LEU A 68 2.23 2.65 9.25
N TYR A 69 3.29 2.88 10.03
CA TYR A 69 3.55 4.10 10.78
C TYR A 69 4.55 5.03 10.05
N ASP A 70 5.52 4.45 9.33
CA ASP A 70 6.52 5.20 8.53
C ASP A 70 5.96 5.71 7.19
N HIS A 71 5.01 4.96 6.59
CA HIS A 71 4.24 5.30 5.39
C HIS A 71 2.74 5.10 5.69
N PRO A 72 2.08 6.00 6.44
CA PRO A 72 0.71 5.84 6.95
C PRO A 72 -0.40 6.08 5.91
N SER A 73 -0.05 6.20 4.62
CA SER A 73 -0.96 6.53 3.52
C SER A 73 -0.71 5.68 2.28
N LEU A 74 -1.74 5.47 1.46
CA LEU A 74 -1.73 4.55 0.33
C LEU A 74 -0.68 4.94 -0.72
N ALA A 75 -0.61 6.22 -1.10
CA ALA A 75 0.37 6.73 -2.06
C ALA A 75 1.82 6.64 -1.55
N ALA A 76 2.06 6.90 -0.25
CA ALA A 76 3.39 6.83 0.35
C ALA A 76 3.91 5.40 0.47
N LEU A 77 3.04 4.42 0.73
CA LEU A 77 3.41 2.99 0.75
C LEU A 77 3.60 2.45 -0.69
N SER A 78 2.75 2.86 -1.63
CA SER A 78 2.83 2.39 -3.03
C SER A 78 4.13 2.79 -3.71
N ARG A 79 4.64 4.00 -3.44
CA ARG A 79 5.94 4.49 -3.97
C ARG A 79 7.16 3.86 -3.28
N HIS A 80 7.02 3.50 -2.00
CA HIS A 80 8.01 2.69 -1.28
C HIS A 80 8.10 1.27 -1.89
N VAL A 81 6.96 0.60 -2.09
CA VAL A 81 6.90 -0.74 -2.70
C VAL A 81 7.44 -0.72 -4.13
N ALA A 82 7.04 0.26 -4.97
CA ALA A 82 7.55 0.40 -6.33
C ALA A 82 9.08 0.61 -6.38
N GLY A 83 9.67 1.28 -5.38
CA GLY A 83 11.12 1.47 -5.22
C GLY A 83 11.88 0.27 -4.63
N ARG A 84 11.17 -0.70 -4.01
CA ARG A 84 11.74 -1.85 -3.28
C ARG A 84 11.52 -3.21 -3.95
N ALA A 85 10.48 -3.34 -4.78
CA ALA A 85 10.06 -4.59 -5.40
C ALA A 85 11.15 -5.26 -6.28
N ALA A 86 11.10 -6.59 -6.40
CA ALA A 86 12.04 -7.36 -7.22
C ALA A 86 11.89 -7.08 -8.74
N PRO A 87 12.94 -7.25 -9.57
CA PRO A 87 12.89 -7.03 -11.02
C PRO A 87 11.98 -8.01 -11.80
N VAL A 88 11.74 -9.21 -11.24
CA VAL A 88 10.96 -10.31 -11.83
C VAL A 88 9.44 -10.16 -11.67
N GLY A 1 3.01 14.73 -23.12
CA GLY A 1 4.12 15.38 -23.82
C GLY A 1 5.35 15.56 -22.91
N PRO A 2 6.39 16.26 -23.38
CA PRO A 2 7.64 16.45 -22.61
C PRO A 2 7.46 17.17 -21.25
N GLY A 3 6.44 18.03 -21.14
CA GLY A 3 6.07 18.77 -19.92
C GLY A 3 5.23 17.99 -18.90
N SER A 4 4.77 16.77 -19.23
CA SER A 4 3.94 15.92 -18.37
C SER A 4 4.79 15.24 -17.28
N ALA A 5 4.28 15.19 -16.04
CA ALA A 5 5.00 14.72 -14.85
C ALA A 5 4.52 13.36 -14.29
N VAL A 6 3.65 12.66 -15.04
CA VAL A 6 3.11 11.33 -14.68
C VAL A 6 4.02 10.19 -15.13
N ALA A 7 4.06 9.10 -14.35
CA ALA A 7 4.59 7.81 -14.78
C ALA A 7 3.81 6.64 -14.12
N VAL A 8 3.63 5.55 -14.86
CA VAL A 8 2.89 4.35 -14.43
C VAL A 8 3.86 3.32 -13.83
N ASP A 9 4.11 3.46 -12.52
CA ASP A 9 4.99 2.57 -11.74
C ASP A 9 4.53 2.36 -10.29
N PRO A 10 4.13 3.42 -9.54
CA PRO A 10 3.48 3.28 -8.24
C PRO A 10 1.97 3.04 -8.38
N ALA A 11 1.36 3.51 -9.48
CA ALA A 11 -0.08 3.37 -9.76
C ALA A 11 -0.59 1.91 -9.77
N PRO A 12 0.06 0.92 -10.43
CA PRO A 12 -0.38 -0.48 -10.38
C PRO A 12 -0.14 -1.16 -9.02
N VAL A 13 0.70 -0.58 -8.16
CA VAL A 13 0.89 -1.00 -6.76
C VAL A 13 -0.20 -0.40 -5.85
N ALA A 14 -0.51 0.88 -6.03
CA ALA A 14 -1.52 1.58 -5.23
C ALA A 14 -2.90 0.92 -5.32
N ARG A 15 -3.35 0.45 -6.50
CA ARG A 15 -4.61 -0.28 -6.64
C ARG A 15 -4.61 -1.65 -5.93
N ALA A 16 -3.49 -2.36 -5.90
CA ALA A 16 -3.36 -3.64 -5.19
C ALA A 16 -3.42 -3.44 -3.67
N LEU A 17 -2.74 -2.42 -3.15
CA LEU A 17 -2.77 -2.02 -1.73
C LEU A 17 -4.17 -1.54 -1.31
N ARG A 18 -4.85 -0.78 -2.18
CA ARG A 18 -6.23 -0.28 -1.97
C ARG A 18 -7.24 -1.42 -1.88
N GLU A 19 -7.18 -2.37 -2.81
CA GLU A 19 -8.02 -3.56 -2.84
C GLU A 19 -7.78 -4.44 -1.60
N GLU A 20 -6.54 -4.52 -1.10
CA GLU A 20 -6.20 -5.28 0.11
C GLU A 20 -6.67 -4.57 1.39
N LEU A 21 -6.54 -3.25 1.50
CA LEU A 21 -7.03 -2.48 2.65
C LEU A 21 -8.56 -2.59 2.80
N ALA A 22 -9.30 -2.57 1.68
CA ALA A 22 -10.75 -2.73 1.68
C ALA A 22 -11.17 -4.07 2.33
N ARG A 23 -10.58 -5.20 1.92
CA ARG A 23 -10.88 -6.52 2.50
C ARG A 23 -10.28 -6.77 3.89
N THR A 24 -9.15 -6.13 4.22
CA THR A 24 -8.51 -6.19 5.55
C THR A 24 -9.38 -5.52 6.63
N LEU A 25 -10.03 -4.39 6.28
CA LEU A 25 -10.81 -3.56 7.19
C LEU A 25 -12.33 -3.76 7.06
N TYR A 26 -12.79 -4.69 6.20
CA TYR A 26 -14.20 -4.90 5.83
C TYR A 26 -14.92 -3.62 5.37
N CYS A 27 -14.19 -2.75 4.65
CA CYS A 27 -14.67 -1.48 4.13
C CYS A 27 -14.84 -1.52 2.60
N GLU A 28 -15.55 -0.54 2.02
CA GLU A 28 -15.64 -0.36 0.58
C GLU A 28 -14.33 0.25 0.01
N PRO A 29 -13.90 -0.11 -1.21
CA PRO A 29 -12.70 0.45 -1.83
C PRO A 29 -12.87 1.94 -2.18
N GLY A 30 -14.11 2.44 -2.31
CA GLY A 30 -14.43 3.86 -2.48
C GLY A 30 -14.20 4.72 -1.23
N ASP A 31 -14.03 4.11 -0.04
CA ASP A 31 -13.69 4.82 1.20
C ASP A 31 -12.18 5.00 1.38
N ILE A 32 -11.35 4.23 0.65
CA ILE A 32 -9.89 4.38 0.57
C ILE A 32 -9.54 5.60 -0.33
N ASP A 33 -8.45 6.29 -0.03
CA ASP A 33 -7.94 7.44 -0.81
C ASP A 33 -6.40 7.41 -0.92
N ASP A 34 -5.84 8.14 -1.88
CA ASP A 34 -4.39 8.24 -2.09
C ASP A 34 -3.67 8.98 -0.95
N GLU A 35 -4.35 9.92 -0.28
CA GLU A 35 -3.88 10.64 0.92
C GLU A 35 -4.65 10.21 2.20
N ALA A 36 -5.16 8.97 2.24
CA ALA A 36 -5.77 8.38 3.44
C ALA A 36 -4.77 8.19 4.59
N SER A 37 -5.30 7.90 5.79
CA SER A 37 -4.52 7.55 6.99
C SER A 37 -5.00 6.22 7.54
N PHE A 38 -4.16 5.18 7.53
CA PHE A 38 -4.62 3.80 7.74
C PHE A 38 -5.24 3.55 9.13
N ASN A 39 -4.71 4.17 10.18
CA ASN A 39 -5.29 4.06 11.52
C ASN A 39 -6.66 4.78 11.66
N THR A 40 -6.95 5.74 10.77
CA THR A 40 -8.26 6.41 10.64
C THR A 40 -9.25 5.58 9.81
N LEU A 41 -8.76 4.82 8.82
CA LEU A 41 -9.57 3.78 8.13
C LEU A 41 -9.95 2.64 9.10
N GLY A 42 -9.05 2.30 10.02
CA GLY A 42 -9.27 1.33 11.11
C GLY A 42 -8.11 0.34 11.37
N LEU A 43 -6.98 0.48 10.67
CA LEU A 43 -5.85 -0.45 10.75
C LEU A 43 -5.08 -0.30 12.08
N ASP A 44 -5.10 -1.35 12.90
CA ASP A 44 -4.32 -1.48 14.15
C ASP A 44 -3.05 -2.32 13.91
N SER A 45 -2.17 -2.43 14.90
CA SER A 45 -0.87 -3.13 14.79
C SER A 45 -0.99 -4.61 14.43
N ILE A 46 -2.05 -5.28 14.90
CA ILE A 46 -2.33 -6.70 14.62
C ILE A 46 -2.81 -6.87 13.16
N LEU A 47 -3.75 -6.04 12.73
CA LEU A 47 -4.27 -6.03 11.35
C LEU A 47 -3.20 -5.59 10.33
N GLY A 48 -2.28 -4.72 10.75
CA GLY A 48 -1.15 -4.24 9.95
C GLY A 48 -0.22 -5.37 9.49
N VAL A 49 0.09 -6.35 10.35
CA VAL A 49 0.92 -7.50 9.97
C VAL A 49 0.23 -8.37 8.91
N GLU A 50 -1.10 -8.49 8.94
CA GLU A 50 -1.87 -9.25 7.93
C GLU A 50 -1.94 -8.51 6.57
N PHE A 51 -1.85 -7.18 6.57
CA PHE A 51 -1.72 -6.36 5.36
C PHE A 51 -0.29 -6.47 4.79
N VAL A 52 0.72 -6.33 5.65
CA VAL A 52 2.14 -6.49 5.33
C VAL A 52 2.46 -7.89 4.77
N ALA A 53 1.80 -8.94 5.28
CA ALA A 53 1.94 -10.32 4.78
C ALA A 53 1.53 -10.48 3.30
N PHE A 54 0.58 -9.67 2.82
CA PHE A 54 0.24 -9.61 1.39
C PHE A 54 1.33 -8.89 0.58
N VAL A 55 1.82 -7.75 1.06
CA VAL A 55 2.86 -6.95 0.36
C VAL A 55 4.19 -7.71 0.24
N ASN A 56 4.60 -8.40 1.31
CA ASN A 56 5.83 -9.20 1.34
C ASN A 56 5.80 -10.35 0.32
N GLN A 57 4.65 -11.01 0.16
CA GLN A 57 4.48 -12.12 -0.77
C GLN A 57 4.29 -11.69 -2.22
N THR A 58 3.63 -10.54 -2.46
CA THR A 58 3.37 -10.02 -3.81
C THR A 58 4.59 -9.36 -4.44
N TYR A 59 5.40 -8.65 -3.64
CA TYR A 59 6.55 -7.85 -4.11
C TYR A 59 7.93 -8.36 -3.66
N GLY A 60 7.99 -9.51 -2.99
CA GLY A 60 9.24 -10.20 -2.61
C GLY A 60 10.02 -9.49 -1.48
N LEU A 61 9.30 -8.99 -0.47
CA LEU A 61 9.83 -8.17 0.63
C LEU A 61 9.90 -8.94 1.96
N ASP A 62 10.43 -8.30 3.00
CA ASP A 62 10.61 -8.87 4.35
C ASP A 62 10.31 -7.83 5.45
N GLU A 63 9.24 -7.05 5.26
CA GLU A 63 8.87 -5.93 6.15
C GLU A 63 8.03 -6.40 7.35
N LYS A 64 7.93 -5.53 8.36
CA LYS A 64 7.04 -5.65 9.54
C LYS A 64 6.09 -4.46 9.61
N ALA A 65 5.02 -4.56 10.40
CA ALA A 65 3.97 -3.53 10.54
C ALA A 65 4.45 -2.15 11.03
N GLY A 66 5.69 -2.04 11.55
CA GLY A 66 6.36 -0.76 11.76
C GLY A 66 6.54 0.10 10.49
N ILE A 67 6.50 -0.50 9.29
CA ILE A 67 6.49 0.23 8.01
C ILE A 67 5.26 1.14 7.86
N LEU A 68 4.13 0.75 8.48
CA LEU A 68 2.85 1.46 8.39
C LEU A 68 2.80 2.71 9.29
N TYR A 69 3.75 2.86 10.22
CA TYR A 69 3.94 4.08 11.01
C TYR A 69 4.77 5.14 10.25
N ASP A 70 5.66 4.70 9.36
CA ASP A 70 6.50 5.58 8.52
C ASP A 70 5.82 5.89 7.16
N HIS A 71 5.02 4.96 6.63
CA HIS A 71 4.19 5.10 5.43
C HIS A 71 2.70 4.85 5.78
N PRO A 72 2.02 5.76 6.52
CA PRO A 72 0.63 5.59 6.96
C PRO A 72 -0.43 5.87 5.87
N SER A 73 0.00 6.04 4.62
CA SER A 73 -0.82 6.55 3.51
C SER A 73 -0.56 5.79 2.22
N LEU A 74 -1.57 5.65 1.37
CA LEU A 74 -1.54 4.78 0.19
C LEU A 74 -0.44 5.20 -0.81
N ALA A 75 -0.38 6.50 -1.13
CA ALA A 75 0.62 7.06 -2.03
C ALA A 75 2.04 7.18 -1.42
N ALA A 76 2.19 6.97 -0.10
CA ALA A 76 3.49 6.88 0.57
C ALA A 76 4.03 5.44 0.59
N LEU A 77 3.15 4.44 0.71
CA LEU A 77 3.51 3.01 0.71
C LEU A 77 3.76 2.49 -0.71
N SER A 78 2.90 2.85 -1.68
CA SER A 78 2.99 2.37 -3.06
C SER A 78 4.31 2.75 -3.74
N ARG A 79 4.80 3.98 -3.50
CA ARG A 79 6.07 4.47 -4.10
C ARG A 79 7.31 3.86 -3.44
N HIS A 80 7.22 3.47 -2.17
CA HIS A 80 8.28 2.71 -1.48
C HIS A 80 8.35 1.28 -2.03
N VAL A 81 7.21 0.58 -2.12
CA VAL A 81 7.13 -0.79 -2.67
C VAL A 81 7.55 -0.84 -4.14
N ALA A 82 7.16 0.14 -4.96
CA ALA A 82 7.59 0.22 -6.36
C ALA A 82 9.11 0.42 -6.54
N GLY A 83 9.78 1.09 -5.59
CA GLY A 83 11.24 1.23 -5.53
C GLY A 83 11.96 -0.02 -4.99
N ARG A 84 11.37 -0.70 -4.00
CA ARG A 84 11.91 -1.91 -3.33
C ARG A 84 11.82 -3.16 -4.19
N ALA A 85 10.74 -3.31 -4.97
CA ALA A 85 10.43 -4.53 -5.74
C ALA A 85 11.48 -4.84 -6.84
N ALA A 86 11.56 -6.13 -7.22
CA ALA A 86 12.50 -6.65 -8.23
C ALA A 86 11.81 -7.67 -9.17
N PRO A 87 12.27 -7.82 -10.44
CA PRO A 87 11.65 -8.72 -11.42
C PRO A 87 11.99 -10.20 -11.22
N VAL A 88 13.06 -10.50 -10.45
CA VAL A 88 13.57 -11.85 -10.08
C VAL A 88 13.60 -12.86 -11.25
N GLY A 1 15.62 20.22 -17.65
CA GLY A 1 16.78 19.58 -18.30
C GLY A 1 16.45 18.20 -18.85
N PRO A 2 17.15 17.74 -19.90
CA PRO A 2 16.85 16.49 -20.62
C PRO A 2 17.13 15.20 -19.82
N GLY A 3 17.91 15.29 -18.72
CA GLY A 3 18.18 14.16 -17.82
C GLY A 3 17.01 13.76 -16.91
N SER A 4 16.00 14.62 -16.75
CA SER A 4 14.78 14.35 -15.97
C SER A 4 13.76 13.51 -16.75
N ALA A 5 13.07 12.60 -16.06
CA ALA A 5 12.03 11.72 -16.63
C ALA A 5 10.98 11.35 -15.56
N VAL A 6 9.76 11.05 -16.01
CA VAL A 6 8.62 10.59 -15.19
C VAL A 6 7.90 9.44 -15.91
N ALA A 7 7.56 8.38 -15.18
CA ALA A 7 6.82 7.21 -15.66
C ALA A 7 5.89 6.63 -14.58
N VAL A 8 4.90 5.83 -14.98
CA VAL A 8 3.96 5.14 -14.08
C VAL A 8 4.64 3.98 -13.33
N ASP A 9 4.41 3.89 -12.01
CA ASP A 9 5.05 2.89 -11.13
C ASP A 9 4.30 2.61 -9.81
N PRO A 10 3.86 3.63 -9.04
CA PRO A 10 3.10 3.41 -7.81
C PRO A 10 1.62 3.15 -8.08
N ALA A 11 1.08 3.65 -9.19
CA ALA A 11 -0.34 3.50 -9.56
C ALA A 11 -0.84 2.04 -9.72
N PRO A 12 -0.10 1.09 -10.35
CA PRO A 12 -0.48 -0.33 -10.37
C PRO A 12 -0.35 -1.03 -9.01
N VAL A 13 0.40 -0.46 -8.06
CA VAL A 13 0.52 -0.95 -6.68
C VAL A 13 -0.59 -0.39 -5.78
N ALA A 14 -0.89 0.90 -5.89
CA ALA A 14 -1.88 1.60 -5.08
C ALA A 14 -3.29 1.01 -5.23
N ARG A 15 -3.69 0.59 -6.45
CA ARG A 15 -4.97 -0.09 -6.69
C ARG A 15 -5.08 -1.47 -6.03
N ALA A 16 -3.97 -2.22 -5.95
CA ALA A 16 -3.91 -3.50 -5.24
C ALA A 16 -3.93 -3.33 -3.72
N LEU A 17 -3.17 -2.35 -3.19
CA LEU A 17 -3.17 -1.99 -1.76
C LEU A 17 -4.54 -1.43 -1.30
N ARG A 18 -5.25 -0.70 -2.17
CA ARG A 18 -6.65 -0.26 -1.94
C ARG A 18 -7.60 -1.45 -1.80
N GLU A 19 -7.53 -2.44 -2.70
CA GLU A 19 -8.37 -3.64 -2.61
C GLU A 19 -8.01 -4.53 -1.40
N GLU A 20 -6.74 -4.55 -0.98
CA GLU A 20 -6.31 -5.21 0.26
C GLU A 20 -6.87 -4.50 1.50
N LEU A 21 -6.76 -3.18 1.61
CA LEU A 21 -7.33 -2.42 2.74
C LEU A 21 -8.85 -2.56 2.79
N ALA A 22 -9.53 -2.59 1.64
CA ALA A 22 -10.96 -2.80 1.55
C ALA A 22 -11.40 -4.13 2.21
N ARG A 23 -10.74 -5.26 1.89
CA ARG A 23 -11.08 -6.57 2.50
C ARG A 23 -10.50 -6.80 3.90
N THR A 24 -9.38 -6.16 4.23
CA THR A 24 -8.75 -6.20 5.57
C THR A 24 -9.61 -5.48 6.62
N LEU A 25 -10.25 -4.37 6.25
CA LEU A 25 -11.05 -3.50 7.14
C LEU A 25 -12.57 -3.66 6.96
N TYR A 26 -13.01 -4.49 6.01
CA TYR A 26 -14.40 -4.62 5.55
C TYR A 26 -15.04 -3.27 5.15
N CYS A 27 -14.31 -2.50 4.35
CA CYS A 27 -14.74 -1.23 3.75
C CYS A 27 -14.88 -1.37 2.23
N GLU A 28 -15.49 -0.38 1.55
CA GLU A 28 -15.49 -0.29 0.09
C GLU A 28 -14.17 0.29 -0.43
N PRO A 29 -13.66 -0.13 -1.60
CA PRO A 29 -12.41 0.40 -2.17
C PRO A 29 -12.54 1.88 -2.58
N GLY A 30 -13.76 2.35 -2.89
CA GLY A 30 -14.07 3.76 -3.10
C GLY A 30 -14.08 4.63 -1.83
N ASP A 31 -14.10 4.04 -0.64
CA ASP A 31 -13.96 4.73 0.65
C ASP A 31 -12.48 4.87 1.09
N ILE A 32 -11.58 4.04 0.53
CA ILE A 32 -10.12 4.23 0.61
C ILE A 32 -9.72 5.41 -0.29
N ASP A 33 -8.92 6.34 0.23
CA ASP A 33 -8.34 7.46 -0.53
C ASP A 33 -6.80 7.32 -0.65
N ASP A 34 -6.21 7.98 -1.65
CA ASP A 34 -4.76 7.97 -1.86
C ASP A 34 -4.02 8.77 -0.76
N GLU A 35 -4.66 9.77 -0.18
CA GLU A 35 -4.17 10.57 0.95
C GLU A 35 -4.89 10.23 2.28
N ALA A 36 -5.47 9.03 2.38
CA ALA A 36 -6.01 8.47 3.62
C ALA A 36 -4.92 8.18 4.68
N SER A 37 -5.34 7.86 5.90
CA SER A 37 -4.47 7.51 7.03
C SER A 37 -4.94 6.18 7.62
N PHE A 38 -4.09 5.15 7.65
CA PHE A 38 -4.53 3.76 7.87
C PHE A 38 -5.11 3.54 9.27
N ASN A 39 -4.54 4.18 10.29
CA ASN A 39 -5.06 4.14 11.66
C ASN A 39 -6.44 4.83 11.79
N THR A 40 -6.79 5.75 10.88
CA THR A 40 -8.08 6.43 10.79
C THR A 40 -9.11 5.60 10.00
N LEU A 41 -8.67 4.82 9.00
CA LEU A 41 -9.49 3.81 8.30
C LEU A 41 -9.89 2.65 9.23
N GLY A 42 -9.05 2.34 10.22
CA GLY A 42 -9.28 1.33 11.27
C GLY A 42 -8.18 0.28 11.40
N LEU A 43 -7.06 0.43 10.70
CA LEU A 43 -5.92 -0.49 10.74
C LEU A 43 -5.12 -0.34 12.05
N ASP A 44 -5.27 -1.31 12.95
CA ASP A 44 -4.39 -1.48 14.13
C ASP A 44 -3.21 -2.40 13.78
N SER A 45 -2.23 -2.53 14.67
CA SER A 45 -0.99 -3.29 14.43
C SER A 45 -1.21 -4.78 14.14
N ILE A 46 -2.26 -5.38 14.74
CA ILE A 46 -2.64 -6.79 14.54
C ILE A 46 -3.17 -7.04 13.12
N LEU A 47 -3.91 -6.08 12.55
CA LEU A 47 -4.34 -6.10 11.14
C LEU A 47 -3.20 -5.68 10.20
N GLY A 48 -2.37 -4.72 10.63
CA GLY A 48 -1.23 -4.19 9.89
C GLY A 48 -0.17 -5.25 9.57
N VAL A 49 0.22 -6.09 10.53
CA VAL A 49 1.20 -7.17 10.27
C VAL A 49 0.70 -8.20 9.24
N GLU A 50 -0.61 -8.46 9.18
CA GLU A 50 -1.21 -9.35 8.18
C GLU A 50 -1.37 -8.70 6.80
N PHE A 51 -1.55 -7.38 6.75
CA PHE A 51 -1.54 -6.59 5.50
C PHE A 51 -0.13 -6.54 4.89
N VAL A 52 0.88 -6.29 5.72
CA VAL A 52 2.30 -6.28 5.32
C VAL A 52 2.79 -7.69 4.94
N ALA A 53 2.29 -8.74 5.58
CA ALA A 53 2.60 -10.14 5.20
C ALA A 53 2.12 -10.50 3.79
N PHE A 54 0.98 -9.97 3.32
CA PHE A 54 0.53 -10.15 1.95
C PHE A 54 1.39 -9.38 0.95
N VAL A 55 1.77 -8.14 1.28
CA VAL A 55 2.63 -7.28 0.44
C VAL A 55 4.04 -7.85 0.30
N ASN A 56 4.62 -8.42 1.36
CA ASN A 56 5.91 -9.12 1.32
C ASN A 56 5.87 -10.34 0.40
N GLN A 57 4.78 -11.11 0.41
CA GLN A 57 4.60 -12.29 -0.43
C GLN A 57 4.30 -11.93 -1.90
N THR A 58 3.58 -10.83 -2.15
CA THR A 58 3.19 -10.37 -3.49
C THR A 58 4.35 -9.70 -4.24
N TYR A 59 5.13 -8.87 -3.56
CA TYR A 59 6.19 -8.04 -4.15
C TYR A 59 7.62 -8.51 -3.82
N GLY A 60 7.78 -9.62 -3.09
CA GLY A 60 9.09 -10.24 -2.78
C GLY A 60 9.90 -9.48 -1.71
N LEU A 61 9.23 -8.82 -0.76
CA LEU A 61 9.82 -7.95 0.26
C LEU A 61 10.14 -8.69 1.58
N ASP A 62 10.80 -7.97 2.49
CA ASP A 62 11.19 -8.41 3.84
C ASP A 62 10.93 -7.30 4.90
N GLU A 63 9.91 -6.45 4.68
CA GLU A 63 9.55 -5.35 5.58
C GLU A 63 8.80 -5.83 6.84
N LYS A 64 8.93 -5.07 7.93
CA LYS A 64 8.22 -5.28 9.21
C LYS A 64 6.98 -4.40 9.31
N ALA A 65 6.06 -4.71 10.21
CA ALA A 65 4.80 -3.95 10.41
C ALA A 65 5.01 -2.45 10.72
N GLY A 66 6.18 -2.07 11.25
CA GLY A 66 6.59 -0.68 11.47
C GLY A 66 6.70 0.18 10.20
N ILE A 67 6.70 -0.42 9.00
CA ILE A 67 6.63 0.32 7.72
C ILE A 67 5.34 1.16 7.61
N LEU A 68 4.26 0.75 8.29
CA LEU A 68 2.99 1.46 8.35
C LEU A 68 3.02 2.72 9.23
N TYR A 69 4.04 2.87 10.10
CA TYR A 69 4.30 4.10 10.85
C TYR A 69 5.13 5.09 10.02
N ASP A 70 6.03 4.60 9.15
CA ASP A 70 6.85 5.42 8.25
C ASP A 70 6.10 5.84 6.96
N HIS A 71 5.17 5.00 6.48
CA HIS A 71 4.27 5.26 5.35
C HIS A 71 2.81 4.97 5.77
N PRO A 72 2.17 5.87 6.55
CA PRO A 72 0.81 5.70 7.08
C PRO A 72 -0.31 5.96 6.07
N SER A 73 0.02 6.18 4.79
CA SER A 73 -0.90 6.59 3.72
C SER A 73 -0.62 5.86 2.40
N LEU A 74 -1.65 5.70 1.57
CA LEU A 74 -1.62 4.85 0.38
C LEU A 74 -0.64 5.38 -0.68
N ALA A 75 -0.63 6.69 -0.94
CA ALA A 75 0.30 7.33 -1.86
C ALA A 75 1.77 7.28 -1.40
N ALA A 76 2.03 7.13 -0.09
CA ALA A 76 3.38 7.01 0.47
C ALA A 76 3.88 5.54 0.50
N LEU A 77 3.00 4.57 0.76
CA LEU A 77 3.39 3.14 0.86
C LEU A 77 3.51 2.49 -0.53
N SER A 78 2.61 2.82 -1.47
CA SER A 78 2.65 2.28 -2.84
C SER A 78 3.96 2.61 -3.58
N ARG A 79 4.58 3.76 -3.30
CA ARG A 79 5.87 4.15 -3.92
C ARG A 79 7.08 3.50 -3.26
N HIS A 80 7.03 3.21 -1.96
CA HIS A 80 8.03 2.39 -1.27
C HIS A 80 7.99 0.94 -1.81
N VAL A 81 6.80 0.35 -1.91
CA VAL A 81 6.60 -1.01 -2.44
C VAL A 81 7.03 -1.09 -3.91
N ALA A 82 6.65 -0.14 -4.76
CA ALA A 82 7.10 -0.08 -6.16
C ALA A 82 8.63 0.07 -6.30
N GLY A 83 9.28 0.80 -5.38
CA GLY A 83 10.73 1.00 -5.35
C GLY A 83 11.52 -0.23 -4.86
N ARG A 84 10.91 -1.08 -4.01
CA ARG A 84 11.53 -2.29 -3.43
C ARG A 84 11.18 -3.60 -4.15
N ALA A 85 10.10 -3.64 -4.93
CA ALA A 85 9.57 -4.87 -5.54
C ALA A 85 10.59 -5.68 -6.36
N ALA A 86 10.56 -7.00 -6.20
CA ALA A 86 11.45 -7.95 -6.86
C ALA A 86 11.07 -8.21 -8.34
N PRO A 87 12.04 -8.56 -9.22
CA PRO A 87 11.83 -8.86 -10.64
C PRO A 87 11.29 -10.29 -10.85
N VAL A 88 10.11 -10.59 -10.30
CA VAL A 88 9.42 -11.91 -10.36
C VAL A 88 8.92 -12.23 -11.78
N GLY A 1 -1.60 11.78 -29.75
CA GLY A 1 -0.32 11.56 -29.05
C GLY A 1 0.08 10.09 -29.01
N PRO A 2 1.10 9.71 -28.21
CA PRO A 2 1.56 8.33 -28.05
C PRO A 2 0.55 7.45 -27.27
N GLY A 3 0.71 6.11 -27.39
CA GLY A 3 -0.09 5.12 -26.67
C GLY A 3 0.26 4.95 -25.18
N SER A 4 1.39 5.50 -24.74
CA SER A 4 1.90 5.47 -23.36
C SER A 4 1.29 6.57 -22.47
N ALA A 5 1.50 6.43 -21.15
CA ALA A 5 1.12 7.40 -20.13
C ALA A 5 2.33 7.78 -19.24
N VAL A 6 2.35 9.03 -18.76
CA VAL A 6 3.52 9.62 -18.07
C VAL A 6 3.49 9.34 -16.56
N ALA A 7 4.67 9.07 -15.98
CA ALA A 7 4.92 8.87 -14.55
C ALA A 7 4.03 7.82 -13.87
N VAL A 8 3.86 6.68 -14.54
CA VAL A 8 3.15 5.49 -14.06
C VAL A 8 4.16 4.53 -13.41
N ASP A 9 4.17 4.48 -12.08
CA ASP A 9 5.09 3.61 -11.30
C ASP A 9 4.48 3.12 -9.97
N PRO A 10 3.92 3.98 -9.09
CA PRO A 10 3.24 3.54 -7.87
C PRO A 10 1.75 3.20 -8.12
N ALA A 11 1.16 3.76 -9.17
CA ALA A 11 -0.25 3.54 -9.54
C ALA A 11 -0.64 2.06 -9.78
N PRO A 12 0.15 1.24 -10.53
CA PRO A 12 -0.15 -0.19 -10.70
C PRO A 12 0.04 -1.04 -9.43
N VAL A 13 0.67 -0.48 -8.38
CA VAL A 13 0.78 -1.08 -7.03
C VAL A 13 -0.40 -0.62 -6.16
N ALA A 14 -0.71 0.68 -6.14
CA ALA A 14 -1.72 1.28 -5.29
C ALA A 14 -3.12 0.69 -5.48
N ARG A 15 -3.48 0.32 -6.72
CA ARG A 15 -4.75 -0.37 -7.04
C ARG A 15 -4.94 -1.69 -6.30
N ALA A 16 -3.85 -2.45 -6.08
CA ALA A 16 -3.90 -3.74 -5.37
C ALA A 16 -3.89 -3.54 -3.85
N LEU A 17 -3.11 -2.57 -3.35
CA LEU A 17 -3.08 -2.20 -1.93
C LEU A 17 -4.44 -1.62 -1.47
N ARG A 18 -5.15 -0.90 -2.34
CA ARG A 18 -6.50 -0.34 -2.10
C ARG A 18 -7.58 -1.42 -2.00
N GLU A 19 -7.51 -2.47 -2.81
CA GLU A 19 -8.40 -3.64 -2.67
C GLU A 19 -8.03 -4.50 -1.44
N GLU A 20 -6.76 -4.56 -1.06
CA GLU A 20 -6.32 -5.26 0.15
C GLU A 20 -6.76 -4.53 1.42
N LEU A 21 -6.67 -3.19 1.48
CA LEU A 21 -7.23 -2.38 2.56
C LEU A 21 -8.75 -2.58 2.69
N ALA A 22 -9.49 -2.67 1.58
CA ALA A 22 -10.94 -2.87 1.61
C ALA A 22 -11.35 -4.16 2.36
N ARG A 23 -10.68 -5.29 2.10
CA ARG A 23 -10.96 -6.55 2.83
C ARG A 23 -10.36 -6.58 4.24
N THR A 24 -9.23 -5.92 4.46
CA THR A 24 -8.57 -5.82 5.79
C THR A 24 -9.40 -4.99 6.78
N LEU A 25 -10.05 -3.92 6.30
CA LEU A 25 -10.85 -2.98 7.10
C LEU A 25 -12.35 -3.31 7.16
N TYR A 26 -12.80 -4.35 6.44
CA TYR A 26 -14.22 -4.65 6.16
C TYR A 26 -14.97 -3.42 5.61
N CYS A 27 -14.38 -2.79 4.60
CA CYS A 27 -14.85 -1.57 3.95
C CYS A 27 -14.93 -1.77 2.41
N GLU A 28 -14.97 -0.67 1.65
CA GLU A 28 -15.03 -0.67 0.18
C GLU A 28 -13.88 0.16 -0.43
N PRO A 29 -13.34 -0.23 -1.60
CA PRO A 29 -12.27 0.52 -2.26
C PRO A 29 -12.72 1.92 -2.73
N GLY A 30 -14.03 2.16 -2.87
CA GLY A 30 -14.60 3.48 -3.17
C GLY A 30 -14.48 4.51 -2.04
N ASP A 31 -14.21 4.07 -0.80
CA ASP A 31 -14.02 4.94 0.38
C ASP A 31 -12.54 5.21 0.70
N ILE A 32 -11.65 4.26 0.41
CA ILE A 32 -10.19 4.39 0.50
C ILE A 32 -9.69 5.38 -0.58
N ASP A 33 -8.62 6.12 -0.28
CA ASP A 33 -8.04 7.17 -1.14
C ASP A 33 -6.50 7.14 -1.10
N ASP A 34 -5.86 7.77 -2.08
CA ASP A 34 -4.40 7.91 -2.16
C ASP A 34 -3.82 8.67 -0.95
N GLU A 35 -4.53 9.68 -0.45
CA GLU A 35 -4.13 10.51 0.70
C GLU A 35 -4.87 10.12 2.01
N ALA A 36 -5.45 8.90 2.07
CA ALA A 36 -5.99 8.32 3.30
C ALA A 36 -4.89 8.01 4.34
N SER A 37 -5.29 7.88 5.61
CA SER A 37 -4.41 7.56 6.74
C SER A 37 -4.92 6.31 7.48
N PHE A 38 -4.11 5.26 7.56
CA PHE A 38 -4.59 3.90 7.88
C PHE A 38 -5.12 3.76 9.30
N ASN A 39 -4.50 4.43 10.27
CA ASN A 39 -4.96 4.44 11.66
C ASN A 39 -6.27 5.27 11.83
N THR A 40 -6.59 6.16 10.88
CA THR A 40 -7.88 6.88 10.81
C THR A 40 -8.97 6.04 10.12
N LEU A 41 -8.59 5.22 9.14
CA LEU A 41 -9.47 4.19 8.55
C LEU A 41 -9.83 3.06 9.55
N GLY A 42 -8.96 2.81 10.54
CA GLY A 42 -9.17 1.83 11.62
C GLY A 42 -8.18 0.67 11.66
N LEU A 43 -7.08 0.73 10.91
CA LEU A 43 -6.01 -0.27 10.92
C LEU A 43 -5.26 -0.26 12.27
N ASP A 44 -5.34 -1.37 13.00
CA ASP A 44 -4.54 -1.65 14.21
C ASP A 44 -3.34 -2.56 13.85
N SER A 45 -2.43 -2.79 14.79
CA SER A 45 -1.19 -3.57 14.56
C SER A 45 -1.47 -5.03 14.16
N ILE A 46 -2.56 -5.62 14.67
CA ILE A 46 -2.98 -7.01 14.37
C ILE A 46 -3.52 -7.13 12.93
N LEU A 47 -4.20 -6.10 12.42
CA LEU A 47 -4.62 -6.01 11.01
C LEU A 47 -3.43 -5.65 10.10
N GLY A 48 -2.56 -4.78 10.58
CA GLY A 48 -1.39 -4.29 9.87
C GLY A 48 -0.33 -5.35 9.57
N VAL A 49 -0.01 -6.22 10.54
CA VAL A 49 0.99 -7.29 10.32
C VAL A 49 0.54 -8.29 9.24
N GLU A 50 -0.76 -8.51 9.08
CA GLU A 50 -1.31 -9.37 8.02
C GLU A 50 -1.34 -8.67 6.65
N PHE A 51 -1.52 -7.34 6.60
CA PHE A 51 -1.40 -6.54 5.39
C PHE A 51 0.06 -6.52 4.89
N VAL A 52 1.02 -6.37 5.81
CA VAL A 52 2.46 -6.41 5.49
C VAL A 52 2.91 -7.82 5.10
N ALA A 53 2.36 -8.88 5.70
CA ALA A 53 2.61 -10.25 5.27
C ALA A 53 2.10 -10.54 3.84
N PHE A 54 0.98 -9.95 3.41
CA PHE A 54 0.52 -9.99 2.02
C PHE A 54 1.48 -9.24 1.08
N VAL A 55 1.91 -8.03 1.46
CA VAL A 55 2.86 -7.21 0.69
C VAL A 55 4.22 -7.92 0.51
N ASN A 56 4.74 -8.55 1.56
CA ASN A 56 6.01 -9.32 1.51
C ASN A 56 5.92 -10.50 0.54
N GLN A 57 4.79 -11.20 0.49
CA GLN A 57 4.57 -12.36 -0.38
C GLN A 57 4.25 -11.97 -1.84
N THR A 58 3.58 -10.85 -2.06
CA THR A 58 3.17 -10.37 -3.39
C THR A 58 4.35 -9.73 -4.15
N TYR A 59 5.21 -8.97 -3.45
CA TYR A 59 6.27 -8.14 -4.07
C TYR A 59 7.70 -8.62 -3.80
N GLY A 60 7.87 -9.71 -3.05
CA GLY A 60 9.19 -10.31 -2.76
C GLY A 60 10.00 -9.52 -1.73
N LEU A 61 9.34 -9.04 -0.67
CA LEU A 61 9.88 -8.15 0.37
C LEU A 61 9.97 -8.88 1.73
N ASP A 62 10.61 -8.24 2.71
CA ASP A 62 10.81 -8.77 4.08
C ASP A 62 10.63 -7.66 5.15
N GLU A 63 9.72 -6.71 4.90
CA GLU A 63 9.42 -5.59 5.81
C GLU A 63 8.66 -6.04 7.08
N LYS A 64 8.77 -5.24 8.14
CA LYS A 64 8.10 -5.43 9.44
C LYS A 64 6.88 -4.50 9.55
N ALA A 65 5.97 -4.77 10.49
CA ALA A 65 4.75 -3.99 10.73
C ALA A 65 5.02 -2.48 11.03
N GLY A 66 6.24 -2.13 11.47
CA GLY A 66 6.71 -0.75 11.61
C GLY A 66 6.70 0.08 10.31
N ILE A 67 6.59 -0.54 9.13
CA ILE A 67 6.48 0.18 7.85
C ILE A 67 5.18 1.02 7.77
N LEU A 68 4.16 0.67 8.55
CA LEU A 68 2.86 1.36 8.58
C LEU A 68 2.89 2.64 9.42
N TYR A 69 3.91 2.78 10.27
CA TYR A 69 4.21 3.98 11.04
C TYR A 69 5.11 4.95 10.24
N ASP A 70 5.90 4.45 9.29
CA ASP A 70 6.78 5.26 8.43
C ASP A 70 6.07 5.70 7.13
N HIS A 71 5.19 4.84 6.57
CA HIS A 71 4.33 5.11 5.42
C HIS A 71 2.85 4.85 5.78
N PRO A 72 2.19 5.76 6.53
CA PRO A 72 0.83 5.58 7.04
C PRO A 72 -0.29 5.83 6.00
N SER A 73 0.05 5.96 4.71
CA SER A 73 -0.86 6.35 3.62
C SER A 73 -0.59 5.59 2.32
N LEU A 74 -1.61 5.47 1.49
CA LEU A 74 -1.57 4.67 0.25
C LEU A 74 -0.55 5.22 -0.76
N ALA A 75 -0.51 6.54 -0.96
CA ALA A 75 0.46 7.20 -1.84
C ALA A 75 1.91 7.06 -1.36
N ALA A 76 2.15 6.89 -0.05
CA ALA A 76 3.48 6.73 0.53
C ALA A 76 3.99 5.28 0.47
N LEU A 77 3.13 4.29 0.74
CA LEU A 77 3.53 2.87 0.79
C LEU A 77 3.58 2.23 -0.61
N SER A 78 2.72 2.64 -1.54
CA SER A 78 2.76 2.16 -2.94
C SER A 78 4.07 2.51 -3.66
N ARG A 79 4.66 3.68 -3.37
CA ARG A 79 5.97 4.08 -3.93
C ARG A 79 7.17 3.45 -3.20
N HIS A 80 7.04 3.13 -1.92
CA HIS A 80 8.02 2.31 -1.21
C HIS A 80 8.11 0.90 -1.84
N VAL A 81 6.96 0.27 -2.09
CA VAL A 81 6.88 -1.04 -2.75
C VAL A 81 7.39 -0.96 -4.20
N ALA A 82 6.93 0.01 -5.00
CA ALA A 82 7.39 0.18 -6.38
C ALA A 82 8.92 0.41 -6.51
N GLY A 83 9.55 1.04 -5.50
CA GLY A 83 11.00 1.25 -5.40
C GLY A 83 11.82 0.08 -4.87
N ARG A 84 11.18 -1.00 -4.37
CA ARG A 84 11.84 -2.15 -3.70
C ARG A 84 11.47 -3.54 -4.26
N ALA A 85 10.33 -3.68 -4.93
CA ALA A 85 9.77 -4.96 -5.38
C ALA A 85 10.67 -5.75 -6.34
N ALA A 86 10.61 -7.08 -6.23
CA ALA A 86 11.31 -8.02 -7.11
C ALA A 86 10.58 -8.20 -8.47
N PRO A 87 11.30 -8.54 -9.56
CA PRO A 87 10.69 -8.76 -10.87
C PRO A 87 10.01 -10.14 -11.03
N VAL A 88 10.32 -11.10 -10.16
CA VAL A 88 9.80 -12.49 -10.15
C VAL A 88 8.44 -12.65 -9.46
N GLY A 1 -1.39 21.58 -21.16
CA GLY A 1 -2.02 20.72 -22.19
C GLY A 1 -2.83 19.58 -21.57
N PRO A 2 -3.69 18.89 -22.36
CA PRO A 2 -4.58 17.84 -21.87
C PRO A 2 -3.88 16.48 -21.64
N GLY A 3 -2.71 16.24 -22.23
CA GLY A 3 -1.95 14.98 -22.11
C GLY A 3 -1.36 14.75 -20.71
N SER A 4 -1.33 13.48 -20.28
CA SER A 4 -0.83 13.07 -18.95
C SER A 4 0.70 13.10 -18.87
N ALA A 5 1.21 13.35 -17.66
CA ALA A 5 2.65 13.42 -17.35
C ALA A 5 3.07 12.56 -16.13
N VAL A 6 2.19 11.66 -15.68
CA VAL A 6 2.39 10.79 -14.50
C VAL A 6 3.12 9.50 -14.90
N ALA A 7 4.10 9.07 -14.09
CA ALA A 7 4.80 7.80 -14.25
C ALA A 7 3.99 6.64 -13.65
N VAL A 8 3.58 5.69 -14.49
CA VAL A 8 2.80 4.51 -14.09
C VAL A 8 3.75 3.43 -13.58
N ASP A 9 4.08 3.51 -12.28
CA ASP A 9 5.02 2.62 -11.58
C ASP A 9 4.67 2.39 -10.09
N PRO A 10 4.23 3.41 -9.33
CA PRO A 10 3.57 3.21 -8.03
C PRO A 10 2.06 2.97 -8.19
N ALA A 11 1.45 3.45 -9.28
CA ALA A 11 0.01 3.32 -9.52
C ALA A 11 -0.49 1.85 -9.66
N PRO A 12 0.24 0.92 -10.32
CA PRO A 12 -0.11 -0.50 -10.35
C PRO A 12 -0.01 -1.18 -8.97
N VAL A 13 0.84 -0.64 -8.08
CA VAL A 13 0.98 -1.10 -6.68
C VAL A 13 -0.14 -0.55 -5.81
N ALA A 14 -0.50 0.73 -6.00
CA ALA A 14 -1.55 1.40 -5.24
C ALA A 14 -2.93 0.72 -5.38
N ARG A 15 -3.29 0.22 -6.57
CA ARG A 15 -4.55 -0.53 -6.76
C ARG A 15 -4.57 -1.86 -5.97
N ALA A 16 -3.44 -2.59 -5.94
CA ALA A 16 -3.31 -3.86 -5.25
C ALA A 16 -3.33 -3.70 -3.72
N LEU A 17 -2.72 -2.63 -3.21
CA LEU A 17 -2.81 -2.21 -1.81
C LEU A 17 -4.25 -1.80 -1.45
N ARG A 18 -4.93 -1.01 -2.29
CA ARG A 18 -6.31 -0.53 -2.06
C ARG A 18 -7.35 -1.65 -2.03
N GLU A 19 -7.30 -2.58 -2.98
CA GLU A 19 -8.28 -3.67 -3.07
C GLU A 19 -8.13 -4.71 -1.94
N GLU A 20 -6.96 -4.79 -1.31
CA GLU A 20 -6.73 -5.60 -0.09
C GLU A 20 -7.08 -4.85 1.20
N LEU A 21 -6.79 -3.55 1.29
CA LEU A 21 -7.09 -2.74 2.47
C LEU A 21 -8.62 -2.66 2.73
N ALA A 22 -9.42 -2.69 1.67
CA ALA A 22 -10.87 -2.77 1.71
C ALA A 22 -11.35 -4.00 2.51
N ARG A 23 -10.96 -5.22 2.11
CA ARG A 23 -11.37 -6.45 2.82
C ARG A 23 -10.66 -6.67 4.16
N THR A 24 -9.48 -6.10 4.34
CA THR A 24 -8.75 -6.09 5.63
C THR A 24 -9.49 -5.26 6.69
N LEU A 25 -10.10 -4.14 6.28
CA LEU A 25 -10.94 -3.28 7.13
C LEU A 25 -12.44 -3.65 7.10
N TYR A 26 -12.83 -4.66 6.30
CA TYR A 26 -14.21 -5.02 5.99
C TYR A 26 -15.07 -3.83 5.50
N CYS A 27 -14.47 -2.95 4.68
CA CYS A 27 -15.11 -1.80 4.07
C CYS A 27 -15.11 -1.87 2.51
N GLU A 28 -15.76 -0.91 1.86
CA GLU A 28 -15.71 -0.74 0.40
C GLU A 28 -14.39 -0.04 -0.04
N PRO A 29 -13.85 -0.35 -1.23
CA PRO A 29 -12.64 0.31 -1.74
C PRO A 29 -12.85 1.80 -2.08
N GLY A 30 -14.09 2.25 -2.22
CA GLY A 30 -14.48 3.65 -2.39
C GLY A 30 -14.26 4.53 -1.14
N ASP A 31 -14.07 3.94 0.04
CA ASP A 31 -13.79 4.66 1.29
C ASP A 31 -12.29 5.01 1.48
N ILE A 32 -11.41 4.28 0.78
CA ILE A 32 -9.96 4.53 0.72
C ILE A 32 -9.67 5.68 -0.29
N ASP A 33 -8.61 6.44 -0.05
CA ASP A 33 -8.09 7.48 -0.96
C ASP A 33 -6.55 7.47 -0.97
N ASP A 34 -5.92 8.11 -1.96
CA ASP A 34 -4.45 8.16 -2.10
C ASP A 34 -3.77 8.89 -0.94
N GLU A 35 -4.41 9.93 -0.41
CA GLU A 35 -3.94 10.75 0.73
C GLU A 35 -4.64 10.38 2.05
N ALA A 36 -5.26 9.19 2.13
CA ALA A 36 -5.85 8.66 3.37
C ALA A 36 -4.79 8.29 4.43
N SER A 37 -5.25 7.95 5.64
CA SER A 37 -4.40 7.57 6.79
C SER A 37 -4.90 6.25 7.41
N PHE A 38 -4.04 5.24 7.51
CA PHE A 38 -4.47 3.87 7.80
C PHE A 38 -5.02 3.68 9.21
N ASN A 39 -4.42 4.34 10.21
CA ASN A 39 -4.91 4.32 11.58
C ASN A 39 -6.21 5.14 11.76
N THR A 40 -6.49 6.10 10.87
CA THR A 40 -7.74 6.89 10.82
C THR A 40 -8.86 6.10 10.13
N LEU A 41 -8.51 5.28 9.14
CA LEU A 41 -9.39 4.26 8.52
C LEU A 41 -9.72 3.09 9.48
N GLY A 42 -9.03 2.99 10.63
CA GLY A 42 -9.26 2.01 11.69
C GLY A 42 -8.33 0.80 11.71
N LEU A 43 -7.24 0.82 10.93
CA LEU A 43 -6.23 -0.25 10.90
C LEU A 43 -5.43 -0.28 12.21
N ASP A 44 -5.50 -1.39 12.93
CA ASP A 44 -4.70 -1.67 14.14
C ASP A 44 -3.47 -2.53 13.80
N SER A 45 -2.58 -2.78 14.76
CA SER A 45 -1.33 -3.54 14.55
C SER A 45 -1.56 -4.99 14.09
N ILE A 46 -2.66 -5.60 14.55
CA ILE A 46 -3.07 -6.98 14.18
C ILE A 46 -3.53 -7.05 12.71
N LEU A 47 -4.26 -6.03 12.23
CA LEU A 47 -4.64 -5.91 10.83
C LEU A 47 -3.45 -5.47 9.96
N GLY A 48 -2.55 -4.66 10.51
CA GLY A 48 -1.35 -4.14 9.86
C GLY A 48 -0.33 -5.22 9.50
N VAL A 49 0.03 -6.11 10.44
CA VAL A 49 0.97 -7.22 10.15
C VAL A 49 0.42 -8.17 9.09
N GLU A 50 -0.90 -8.39 9.06
CA GLU A 50 -1.58 -9.23 8.06
C GLU A 50 -1.67 -8.54 6.68
N PHE A 51 -1.71 -7.21 6.66
CA PHE A 51 -1.67 -6.41 5.42
C PHE A 51 -0.25 -6.39 4.83
N VAL A 52 0.77 -6.22 5.67
CA VAL A 52 2.19 -6.28 5.28
C VAL A 52 2.59 -7.69 4.80
N ALA A 53 1.97 -8.74 5.34
CA ALA A 53 2.17 -10.11 4.87
C ALA A 53 1.70 -10.34 3.42
N PHE A 54 0.68 -9.60 2.93
CA PHE A 54 0.33 -9.58 1.51
C PHE A 54 1.40 -8.87 0.67
N VAL A 55 1.87 -7.70 1.10
CA VAL A 55 2.88 -6.91 0.37
C VAL A 55 4.21 -7.68 0.24
N ASN A 56 4.66 -8.34 1.31
CA ASN A 56 5.92 -9.10 1.31
C ASN A 56 5.84 -10.31 0.37
N GLN A 57 4.70 -10.98 0.30
CA GLN A 57 4.50 -12.15 -0.59
C GLN A 57 4.31 -11.75 -2.06
N THR A 58 3.65 -10.61 -2.33
CA THR A 58 3.36 -10.12 -3.69
C THR A 58 4.58 -9.48 -4.36
N TYR A 59 5.38 -8.72 -3.61
CA TYR A 59 6.50 -7.92 -4.14
C TYR A 59 7.89 -8.45 -3.72
N GLY A 60 7.95 -9.61 -3.07
CA GLY A 60 9.21 -10.30 -2.72
C GLY A 60 10.01 -9.63 -1.60
N LEU A 61 9.33 -8.90 -0.69
CA LEU A 61 9.94 -8.11 0.38
C LEU A 61 10.10 -8.91 1.68
N ASP A 62 10.75 -8.28 2.66
CA ASP A 62 10.94 -8.76 4.04
C ASP A 62 10.65 -7.64 5.07
N GLU A 63 9.75 -6.70 4.73
CA GLU A 63 9.45 -5.52 5.55
C GLU A 63 8.63 -5.83 6.81
N LYS A 64 8.77 -4.95 7.81
CA LYS A 64 8.21 -5.08 9.16
C LYS A 64 6.80 -4.51 9.23
N ALA A 65 5.99 -4.93 10.22
CA ALA A 65 4.66 -4.36 10.46
C ALA A 65 4.69 -2.84 10.73
N GLY A 66 5.81 -2.33 11.27
CA GLY A 66 6.07 -0.90 11.48
C GLY A 66 6.22 -0.06 10.20
N ILE A 67 6.30 -0.64 9.00
CA ILE A 67 6.37 0.12 7.74
C ILE A 67 5.13 0.99 7.50
N LEU A 68 3.98 0.62 8.11
CA LEU A 68 2.73 1.39 8.08
C LEU A 68 2.74 2.61 9.02
N TYR A 69 3.74 2.73 9.91
CA TYR A 69 4.02 3.97 10.67
C TYR A 69 4.96 4.91 9.89
N ASP A 70 5.91 4.35 9.14
CA ASP A 70 6.84 5.11 8.28
C ASP A 70 6.16 5.65 7.01
N HIS A 71 5.22 4.88 6.44
CA HIS A 71 4.37 5.27 5.30
C HIS A 71 2.89 5.02 5.65
N PRO A 72 2.22 5.95 6.38
CA PRO A 72 0.86 5.78 6.88
C PRO A 72 -0.25 6.05 5.85
N SER A 73 0.10 6.29 4.58
CA SER A 73 -0.81 6.65 3.49
C SER A 73 -0.53 5.85 2.22
N LEU A 74 -1.54 5.70 1.36
CA LEU A 74 -1.47 4.88 0.15
C LEU A 74 -0.46 5.43 -0.86
N ALA A 75 -0.42 6.75 -1.06
CA ALA A 75 0.53 7.42 -1.95
C ALA A 75 2.00 7.31 -1.46
N ALA A 76 2.23 7.19 -0.16
CA ALA A 76 3.58 7.00 0.42
C ALA A 76 4.03 5.54 0.41
N LEU A 77 3.14 4.59 0.71
CA LEU A 77 3.48 3.16 0.80
C LEU A 77 3.66 2.52 -0.59
N SER A 78 2.81 2.88 -1.56
CA SER A 78 2.93 2.37 -2.94
C SER A 78 4.25 2.75 -3.61
N ARG A 79 4.79 3.94 -3.31
CA ARG A 79 6.09 4.38 -3.87
C ARG A 79 7.31 3.84 -3.10
N HIS A 80 7.17 3.55 -1.80
CA HIS A 80 8.14 2.74 -1.06
C HIS A 80 8.25 1.33 -1.66
N VAL A 81 7.11 0.66 -1.86
CA VAL A 81 7.05 -0.70 -2.42
C VAL A 81 7.56 -0.75 -3.86
N ALA A 82 7.17 0.20 -4.71
CA ALA A 82 7.70 0.31 -6.09
C ALA A 82 9.23 0.52 -6.14
N GLY A 83 9.82 1.17 -5.12
CA GLY A 83 11.27 1.33 -4.97
C GLY A 83 12.00 0.12 -4.36
N ARG A 84 11.27 -0.90 -3.86
CA ARG A 84 11.80 -2.08 -3.14
C ARG A 84 11.50 -3.43 -3.81
N ALA A 85 10.45 -3.50 -4.65
CA ALA A 85 9.92 -4.73 -5.22
C ALA A 85 10.92 -5.53 -6.08
N ALA A 86 10.85 -6.86 -5.99
CA ALA A 86 11.52 -7.80 -6.89
C ALA A 86 10.80 -7.92 -8.25
N PRO A 87 11.47 -8.36 -9.33
CA PRO A 87 10.83 -8.72 -10.59
C PRO A 87 9.84 -9.89 -10.40
N VAL A 88 8.55 -9.63 -10.62
CA VAL A 88 7.43 -10.60 -10.51
C VAL A 88 7.27 -11.50 -11.74
N GLY A 1 2.33 13.25 -26.85
CA GLY A 1 0.93 12.87 -27.14
C GLY A 1 -0.06 13.59 -26.23
N PRO A 2 -1.38 13.34 -26.41
CA PRO A 2 -2.44 13.94 -25.60
C PRO A 2 -2.48 13.41 -24.17
N GLY A 3 -3.19 14.12 -23.28
CA GLY A 3 -3.33 13.78 -21.86
C GLY A 3 -2.08 14.10 -21.02
N SER A 4 -2.01 13.51 -19.81
CA SER A 4 -0.89 13.70 -18.89
C SER A 4 0.37 12.92 -19.31
N ALA A 5 1.55 13.48 -19.02
CA ALA A 5 2.86 12.93 -19.36
C ALA A 5 3.67 12.38 -18.15
N VAL A 6 3.01 12.19 -17.01
CA VAL A 6 3.60 11.70 -15.75
C VAL A 6 3.98 10.22 -15.86
N ALA A 7 5.14 9.83 -15.32
CA ALA A 7 5.64 8.46 -15.32
C ALA A 7 4.86 7.55 -14.34
N VAL A 8 4.29 6.48 -14.89
CA VAL A 8 3.49 5.49 -14.15
C VAL A 8 4.40 4.43 -13.52
N ASP A 9 4.34 4.29 -12.19
CA ASP A 9 5.11 3.29 -11.42
C ASP A 9 4.49 2.90 -10.06
N PRO A 10 4.06 3.85 -9.20
CA PRO A 10 3.41 3.55 -7.93
C PRO A 10 1.90 3.36 -8.05
N ALA A 11 1.29 3.90 -9.11
CA ALA A 11 -0.15 3.80 -9.37
C ALA A 11 -0.69 2.36 -9.55
N PRO A 12 -0.02 1.44 -10.30
CA PRO A 12 -0.46 0.05 -10.38
C PRO A 12 -0.27 -0.73 -9.07
N VAL A 13 0.62 -0.26 -8.18
CA VAL A 13 0.79 -0.81 -6.82
C VAL A 13 -0.27 -0.29 -5.86
N ALA A 14 -0.61 1.00 -5.94
CA ALA A 14 -1.60 1.65 -5.09
C ALA A 14 -2.99 0.97 -5.20
N ARG A 15 -3.44 0.64 -6.42
CA ARG A 15 -4.72 -0.08 -6.62
C ARG A 15 -4.72 -1.51 -6.05
N ALA A 16 -3.57 -2.18 -6.05
CA ALA A 16 -3.42 -3.53 -5.47
C ALA A 16 -3.37 -3.51 -3.92
N LEU A 17 -2.78 -2.46 -3.32
CA LEU A 17 -2.81 -2.22 -1.88
C LEU A 17 -4.22 -1.79 -1.41
N ARG A 18 -4.92 -1.00 -2.22
CA ARG A 18 -6.28 -0.48 -1.96
C ARG A 18 -7.33 -1.60 -1.89
N GLU A 19 -7.31 -2.56 -2.81
CA GLU A 19 -8.24 -3.71 -2.75
C GLU A 19 -7.96 -4.64 -1.54
N GLU A 20 -6.71 -4.71 -1.07
CA GLU A 20 -6.35 -5.50 0.11
C GLU A 20 -6.78 -4.79 1.42
N LEU A 21 -6.62 -3.47 1.52
CA LEU A 21 -7.09 -2.68 2.66
C LEU A 21 -8.61 -2.77 2.80
N ALA A 22 -9.35 -2.76 1.69
CA ALA A 22 -10.82 -2.86 1.69
C ALA A 22 -11.33 -4.13 2.38
N ARG A 23 -10.76 -5.31 2.06
CA ARG A 23 -11.10 -6.61 2.67
C ARG A 23 -10.44 -6.89 4.02
N THR A 24 -9.30 -6.26 4.31
CA THR A 24 -8.65 -6.28 5.63
C THR A 24 -9.46 -5.50 6.68
N LEU A 25 -10.07 -4.38 6.28
CA LEU A 25 -10.81 -3.46 7.17
C LEU A 25 -12.35 -3.56 7.05
N TYR A 26 -12.85 -4.47 6.21
CA TYR A 26 -14.27 -4.65 5.88
C TYR A 26 -14.98 -3.35 5.49
N CYS A 27 -14.34 -2.56 4.64
CA CYS A 27 -14.89 -1.33 4.05
C CYS A 27 -14.91 -1.42 2.50
N GLU A 28 -15.53 -0.45 1.83
CA GLU A 28 -15.51 -0.37 0.35
C GLU A 28 -14.21 0.29 -0.15
N PRO A 29 -13.71 -0.06 -1.35
CA PRO A 29 -12.53 0.57 -1.92
C PRO A 29 -12.75 2.07 -2.22
N GLY A 30 -14.01 2.51 -2.37
CA GLY A 30 -14.39 3.92 -2.45
C GLY A 30 -14.21 4.72 -1.15
N ASP A 31 -14.05 4.06 0.01
CA ASP A 31 -13.75 4.70 1.30
C ASP A 31 -12.25 5.01 1.47
N ILE A 32 -11.38 4.27 0.79
CA ILE A 32 -9.93 4.48 0.70
C ILE A 32 -9.63 5.53 -0.40
N ASP A 33 -8.55 6.29 -0.24
CA ASP A 33 -8.07 7.29 -1.20
C ASP A 33 -6.52 7.37 -1.20
N ASP A 34 -5.92 8.01 -2.20
CA ASP A 34 -4.46 8.19 -2.34
C ASP A 34 -3.84 8.91 -1.13
N GLU A 35 -4.55 9.89 -0.57
CA GLU A 35 -4.13 10.71 0.59
C GLU A 35 -4.87 10.30 1.90
N ALA A 36 -5.44 9.10 1.95
CA ALA A 36 -6.04 8.53 3.16
C ALA A 36 -5.01 8.21 4.26
N SER A 37 -5.49 7.85 5.44
CA SER A 37 -4.69 7.47 6.61
C SER A 37 -5.17 6.13 7.17
N PHE A 38 -4.27 5.15 7.31
CA PHE A 38 -4.64 3.77 7.63
C PHE A 38 -5.24 3.61 9.02
N ASN A 39 -4.76 4.36 10.00
CA ASN A 39 -5.31 4.36 11.37
C ASN A 39 -6.70 5.02 11.45
N THR A 40 -7.03 5.93 10.52
CA THR A 40 -8.37 6.55 10.38
C THR A 40 -9.33 5.59 9.66
N LEU A 41 -8.85 4.81 8.68
CA LEU A 41 -9.59 3.74 8.02
C LEU A 41 -9.88 2.54 8.97
N GLY A 42 -9.05 2.35 10.01
CA GLY A 42 -9.27 1.39 11.11
C GLY A 42 -8.13 0.40 11.36
N LEU A 43 -7.01 0.51 10.65
CA LEU A 43 -5.82 -0.35 10.78
C LEU A 43 -5.09 -0.11 12.11
N ASP A 44 -4.71 -1.20 12.76
CA ASP A 44 -3.83 -1.24 13.94
C ASP A 44 -2.75 -2.31 13.72
N SER A 45 -1.77 -2.44 14.61
CA SER A 45 -0.60 -3.33 14.47
C SER A 45 -0.98 -4.80 14.16
N ILE A 46 -2.09 -5.29 14.75
CA ILE A 46 -2.55 -6.68 14.59
C ILE A 46 -3.11 -6.96 13.18
N LEU A 47 -3.80 -5.98 12.58
CA LEU A 47 -4.27 -6.04 11.19
C LEU A 47 -3.17 -5.64 10.19
N GLY A 48 -2.27 -4.75 10.63
CA GLY A 48 -1.14 -4.24 9.86
C GLY A 48 -0.10 -5.30 9.56
N VAL A 49 0.28 -6.15 10.53
CA VAL A 49 1.23 -7.25 10.28
C VAL A 49 0.69 -8.27 9.28
N GLU A 50 -0.63 -8.48 9.25
CA GLU A 50 -1.31 -9.36 8.28
C GLU A 50 -1.41 -8.73 6.88
N PHE A 51 -1.50 -7.40 6.79
CA PHE A 51 -1.46 -6.64 5.54
C PHE A 51 -0.04 -6.64 4.96
N VAL A 52 0.98 -6.46 5.80
CA VAL A 52 2.40 -6.52 5.41
C VAL A 52 2.80 -7.94 5.02
N ALA A 53 2.22 -8.99 5.63
CA ALA A 53 2.45 -10.38 5.21
C ALA A 53 1.91 -10.67 3.79
N PHE A 54 0.83 -10.02 3.36
CA PHE A 54 0.36 -10.06 1.96
C PHE A 54 1.33 -9.32 1.02
N VAL A 55 1.78 -8.13 1.40
CA VAL A 55 2.70 -7.30 0.60
C VAL A 55 4.06 -7.98 0.42
N ASN A 56 4.59 -8.61 1.47
CA ASN A 56 5.85 -9.36 1.42
C ASN A 56 5.77 -10.57 0.46
N GLN A 57 4.61 -11.25 0.41
CA GLN A 57 4.38 -12.41 -0.45
C GLN A 57 4.07 -12.04 -1.90
N THR A 58 3.42 -10.89 -2.12
CA THR A 58 3.05 -10.38 -3.46
C THR A 58 4.25 -9.75 -4.18
N TYR A 59 5.10 -9.02 -3.46
CA TYR A 59 6.23 -8.25 -4.03
C TYR A 59 7.62 -8.82 -3.71
N GLY A 60 7.71 -9.94 -2.99
CA GLY A 60 8.96 -10.65 -2.70
C GLY A 60 9.85 -10.01 -1.62
N LEU A 61 9.23 -9.37 -0.61
CA LEU A 61 9.89 -8.51 0.38
C LEU A 61 10.03 -9.18 1.75
N ASP A 62 10.68 -8.48 2.68
CA ASP A 62 10.75 -8.82 4.10
C ASP A 62 10.59 -7.56 5.00
N GLU A 63 9.61 -6.71 4.68
CA GLU A 63 9.27 -5.54 5.51
C GLU A 63 8.50 -5.96 6.78
N LYS A 64 8.52 -5.11 7.81
CA LYS A 64 7.86 -5.33 9.12
C LYS A 64 6.73 -4.31 9.34
N ALA A 65 5.82 -4.59 10.27
CA ALA A 65 4.63 -3.77 10.53
C ALA A 65 4.91 -2.30 10.85
N GLY A 66 6.12 -1.96 11.33
CA GLY A 66 6.58 -0.59 11.53
C GLY A 66 6.56 0.28 10.26
N ILE A 67 6.58 -0.32 9.06
CA ILE A 67 6.47 0.41 7.78
C ILE A 67 5.16 1.21 7.63
N LEU A 68 4.10 0.80 8.35
CA LEU A 68 2.78 1.43 8.29
C LEU A 68 2.69 2.69 9.16
N TYR A 69 3.67 2.91 10.02
CA TYR A 69 3.83 4.08 10.88
C TYR A 69 4.81 5.10 10.30
N ASP A 70 5.67 4.69 9.35
CA ASP A 70 6.52 5.57 8.52
C ASP A 70 5.84 5.95 7.19
N HIS A 71 5.03 5.05 6.62
CA HIS A 71 4.18 5.27 5.43
C HIS A 71 2.69 4.99 5.77
N PRO A 72 2.00 5.89 6.50
CA PRO A 72 0.61 5.69 6.95
C PRO A 72 -0.47 5.97 5.88
N SER A 73 -0.08 6.17 4.63
CA SER A 73 -0.95 6.64 3.53
C SER A 73 -0.70 5.84 2.25
N LEU A 74 -1.74 5.69 1.41
CA LEU A 74 -1.70 4.80 0.24
C LEU A 74 -0.62 5.22 -0.76
N ALA A 75 -0.56 6.50 -1.13
CA ALA A 75 0.44 7.06 -2.03
C ALA A 75 1.85 7.19 -1.42
N ALA A 76 1.98 7.04 -0.09
CA ALA A 76 3.27 7.01 0.60
C ALA A 76 3.87 5.60 0.66
N LEU A 77 3.05 4.56 0.82
CA LEU A 77 3.50 3.16 0.88
C LEU A 77 3.65 2.52 -0.50
N SER A 78 2.81 2.90 -1.48
CA SER A 78 2.87 2.38 -2.85
C SER A 78 4.19 2.68 -3.55
N ARG A 79 4.85 3.82 -3.24
CA ARG A 79 6.15 4.20 -3.82
C ARG A 79 7.32 3.45 -3.16
N HIS A 80 7.21 3.13 -1.87
CA HIS A 80 8.15 2.25 -1.16
C HIS A 80 8.09 0.83 -1.75
N VAL A 81 6.89 0.26 -1.89
CA VAL A 81 6.70 -1.08 -2.47
C VAL A 81 7.11 -1.13 -3.95
N ALA A 82 6.77 -0.11 -4.77
CA ALA A 82 7.19 -0.04 -6.17
C ALA A 82 8.73 0.05 -6.33
N GLY A 83 9.43 0.71 -5.40
CA GLY A 83 10.90 0.77 -5.36
C GLY A 83 11.58 -0.50 -4.83
N ARG A 84 10.91 -1.29 -3.98
CA ARG A 84 11.43 -2.52 -3.34
C ARG A 84 11.11 -3.82 -4.09
N ALA A 85 10.04 -3.85 -4.88
CA ALA A 85 9.49 -5.08 -5.49
C ALA A 85 10.50 -5.90 -6.32
N ALA A 86 10.34 -7.23 -6.28
CA ALA A 86 11.17 -8.24 -6.95
C ALA A 86 12.70 -8.03 -6.75
N PRO A 87 13.22 -8.06 -5.50
CA PRO A 87 14.65 -7.92 -5.23
C PRO A 87 15.46 -9.16 -5.67
N VAL A 88 14.80 -10.31 -5.86
CA VAL A 88 15.32 -11.59 -6.39
C VAL A 88 14.39 -12.24 -7.42
N GLY A 1 -6.59 22.40 -21.89
CA GLY A 1 -6.56 21.02 -22.40
C GLY A 1 -6.22 19.99 -21.32
N PRO A 2 -6.33 18.68 -21.63
CA PRO A 2 -6.03 17.59 -20.70
C PRO A 2 -4.54 17.42 -20.39
N GLY A 3 -4.22 16.80 -19.25
CA GLY A 3 -2.86 16.44 -18.83
C GLY A 3 -2.26 15.24 -19.56
N SER A 4 -0.98 14.94 -19.26
CA SER A 4 -0.22 13.80 -19.80
C SER A 4 0.82 13.30 -18.79
N ALA A 5 1.13 12.00 -18.84
CA ALA A 5 2.09 11.31 -17.97
C ALA A 5 2.79 10.14 -18.71
N VAL A 6 4.00 9.80 -18.25
CA VAL A 6 4.86 8.73 -18.80
C VAL A 6 5.49 7.92 -17.66
N ALA A 7 5.65 6.60 -17.87
CA ALA A 7 6.37 5.67 -17.00
C ALA A 7 5.95 5.71 -15.52
N VAL A 8 4.65 5.59 -15.27
CA VAL A 8 4.06 5.56 -13.91
C VAL A 8 4.45 4.29 -13.14
N ASP A 9 4.56 4.39 -11.81
CA ASP A 9 5.21 3.40 -10.93
C ASP A 9 4.44 3.06 -9.64
N PRO A 10 3.91 4.03 -8.88
CA PRO A 10 3.14 3.73 -7.67
C PRO A 10 1.68 3.40 -8.01
N ALA A 11 1.16 3.89 -9.12
CA ALA A 11 -0.22 3.60 -9.56
C ALA A 11 -0.52 2.10 -9.81
N PRO A 12 0.32 1.32 -10.54
CA PRO A 12 0.16 -0.13 -10.69
C PRO A 12 0.42 -0.93 -9.41
N VAL A 13 0.89 -0.30 -8.33
CA VAL A 13 0.99 -0.91 -6.97
C VAL A 13 -0.25 -0.56 -6.12
N ALA A 14 -0.69 0.70 -6.14
CA ALA A 14 -1.78 1.22 -5.32
C ALA A 14 -3.11 0.46 -5.53
N ARG A 15 -3.38 0.01 -6.76
CA ARG A 15 -4.56 -0.81 -7.10
C ARG A 15 -4.70 -2.08 -6.23
N ALA A 16 -3.60 -2.79 -5.98
CA ALA A 16 -3.60 -4.02 -5.20
C ALA A 16 -3.62 -3.74 -3.68
N LEU A 17 -2.90 -2.70 -3.23
CA LEU A 17 -2.89 -2.29 -1.83
C LEU A 17 -4.27 -1.77 -1.38
N ARG A 18 -4.99 -1.06 -2.26
CA ARG A 18 -6.35 -0.56 -2.01
C ARG A 18 -7.39 -1.69 -1.95
N GLU A 19 -7.33 -2.68 -2.84
CA GLU A 19 -8.19 -3.86 -2.78
C GLU A 19 -7.90 -4.74 -1.55
N GLU A 20 -6.63 -4.85 -1.12
CA GLU A 20 -6.26 -5.58 0.10
C GLU A 20 -6.74 -4.86 1.37
N LEU A 21 -6.60 -3.52 1.45
CA LEU A 21 -7.00 -2.75 2.62
C LEU A 21 -8.54 -2.72 2.78
N ALA A 22 -9.29 -2.75 1.67
CA ALA A 22 -10.74 -2.84 1.67
C ALA A 22 -11.25 -4.12 2.39
N ARG A 23 -10.73 -5.29 2.00
CA ARG A 23 -11.12 -6.57 2.66
C ARG A 23 -10.50 -6.77 4.05
N THR A 24 -9.35 -6.14 4.33
CA THR A 24 -8.72 -6.12 5.67
C THR A 24 -9.56 -5.34 6.69
N LEU A 25 -10.12 -4.19 6.29
CA LEU A 25 -10.98 -3.34 7.14
C LEU A 25 -12.48 -3.67 7.03
N TYR A 26 -12.88 -4.62 6.18
CA TYR A 26 -14.26 -4.92 5.80
C TYR A 26 -15.04 -3.67 5.33
N CYS A 27 -14.38 -2.80 4.56
CA CYS A 27 -14.96 -1.62 3.93
C CYS A 27 -14.97 -1.74 2.39
N GLU A 28 -15.51 -0.73 1.69
CA GLU A 28 -15.41 -0.63 0.22
C GLU A 28 -14.11 0.06 -0.20
N PRO A 29 -13.57 -0.23 -1.40
CA PRO A 29 -12.39 0.48 -1.93
C PRO A 29 -12.66 1.97 -2.17
N GLY A 30 -13.93 2.38 -2.34
CA GLY A 30 -14.36 3.78 -2.40
C GLY A 30 -14.24 4.54 -1.07
N ASP A 31 -14.05 3.85 0.06
CA ASP A 31 -13.79 4.45 1.38
C ASP A 31 -12.30 4.79 1.60
N ILE A 32 -11.39 4.17 0.84
CA ILE A 32 -9.95 4.45 0.79
C ILE A 32 -9.66 5.57 -0.23
N ASP A 33 -8.59 6.34 -0.01
CA ASP A 33 -8.06 7.35 -0.94
C ASP A 33 -6.52 7.30 -0.97
N ASP A 34 -5.91 7.91 -1.98
CA ASP A 34 -4.45 8.05 -2.09
C ASP A 34 -3.84 8.82 -0.91
N GLU A 35 -4.55 9.83 -0.39
CA GLU A 35 -4.14 10.68 0.73
C GLU A 35 -4.85 10.32 2.06
N ALA A 36 -5.42 9.10 2.16
CA ALA A 36 -6.02 8.58 3.39
C ALA A 36 -4.96 8.24 4.47
N SER A 37 -5.42 7.89 5.67
CA SER A 37 -4.57 7.61 6.85
C SER A 37 -5.00 6.30 7.50
N PHE A 38 -4.11 5.29 7.52
CA PHE A 38 -4.45 3.93 7.93
C PHE A 38 -4.87 3.84 9.40
N ASN A 39 -4.23 4.62 10.27
CA ASN A 39 -4.56 4.68 11.71
C ASN A 39 -5.94 5.32 11.95
N THR A 40 -6.40 6.21 11.06
CA THR A 40 -7.73 6.86 11.11
C THR A 40 -8.83 5.98 10.48
N LEU A 41 -8.47 5.19 9.46
CA LEU A 41 -9.30 4.12 8.88
C LEU A 41 -9.50 2.91 9.82
N GLY A 42 -8.74 2.83 10.92
CA GLY A 42 -8.88 1.79 11.96
C GLY A 42 -7.96 0.58 11.79
N LEU A 43 -6.91 0.67 10.95
CA LEU A 43 -5.87 -0.36 10.84
C LEU A 43 -4.98 -0.33 12.10
N ASP A 44 -5.02 -1.40 12.89
CA ASP A 44 -4.22 -1.55 14.12
C ASP A 44 -3.04 -2.51 13.91
N SER A 45 -2.28 -2.84 14.96
CA SER A 45 -1.13 -3.76 14.90
C SER A 45 -1.49 -5.18 14.46
N ILE A 46 -2.72 -5.63 14.72
CA ILE A 46 -3.22 -6.98 14.42
C ILE A 46 -3.63 -7.11 12.95
N LEU A 47 -4.39 -6.15 12.42
CA LEU A 47 -4.74 -6.09 10.99
C LEU A 47 -3.54 -5.67 10.12
N GLY A 48 -2.65 -4.82 10.66
CA GLY A 48 -1.48 -4.30 9.97
C GLY A 48 -0.44 -5.37 9.63
N VAL A 49 -0.08 -6.26 10.55
CA VAL A 49 0.87 -7.34 10.28
C VAL A 49 0.37 -8.33 9.22
N GLU A 50 -0.95 -8.55 9.15
CA GLU A 50 -1.60 -9.40 8.13
C GLU A 50 -1.71 -8.71 6.76
N PHE A 51 -1.80 -7.38 6.73
CA PHE A 51 -1.75 -6.57 5.52
C PHE A 51 -0.32 -6.58 4.93
N VAL A 52 0.70 -6.35 5.77
CA VAL A 52 2.12 -6.35 5.36
C VAL A 52 2.58 -7.74 4.89
N ALA A 53 2.01 -8.82 5.46
CA ALA A 53 2.24 -10.18 4.98
C ALA A 53 1.76 -10.42 3.54
N PHE A 54 0.73 -9.71 3.06
CA PHE A 54 0.35 -9.70 1.64
C PHE A 54 1.36 -8.92 0.79
N VAL A 55 1.77 -7.72 1.23
CA VAL A 55 2.73 -6.88 0.47
C VAL A 55 4.07 -7.61 0.29
N ASN A 56 4.55 -8.30 1.31
CA ASN A 56 5.82 -9.05 1.26
C ASN A 56 5.75 -10.24 0.29
N GLN A 57 4.61 -10.91 0.19
CA GLN A 57 4.40 -12.05 -0.70
C GLN A 57 4.12 -11.64 -2.16
N THR A 58 3.39 -10.55 -2.39
CA THR A 58 3.06 -10.04 -3.73
C THR A 58 4.26 -9.35 -4.41
N TYR A 59 5.07 -8.61 -3.65
CA TYR A 59 6.19 -7.80 -4.17
C TYR A 59 7.59 -8.35 -3.81
N GLY A 60 7.69 -9.50 -3.14
CA GLY A 60 8.95 -10.19 -2.83
C GLY A 60 9.82 -9.46 -1.78
N LEU A 61 9.18 -8.82 -0.79
CA LEU A 61 9.81 -7.99 0.24
C LEU A 61 10.00 -8.72 1.58
N ASP A 62 10.60 -8.03 2.55
CA ASP A 62 10.74 -8.47 3.94
C ASP A 62 10.52 -7.29 4.92
N GLU A 63 9.48 -6.48 4.67
CA GLU A 63 9.14 -5.35 5.54
C GLU A 63 8.44 -5.82 6.83
N LYS A 64 8.63 -5.09 7.93
CA LYS A 64 7.97 -5.33 9.23
C LYS A 64 6.69 -4.49 9.37
N ALA A 65 5.82 -4.86 10.31
CA ALA A 65 4.52 -4.18 10.52
C ALA A 65 4.64 -2.67 10.80
N GLY A 66 5.80 -2.22 11.31
CA GLY A 66 6.12 -0.81 11.54
C GLY A 66 6.19 0.06 10.28
N ILE A 67 6.22 -0.53 9.07
CA ILE A 67 6.20 0.21 7.79
C ILE A 67 4.90 1.03 7.61
N LEU A 68 3.83 0.67 8.32
CA LEU A 68 2.53 1.35 8.29
C LEU A 68 2.52 2.62 9.14
N TYR A 69 3.52 2.77 10.01
CA TYR A 69 3.76 3.95 10.83
C TYR A 69 4.77 4.92 10.18
N ASP A 70 5.67 4.40 9.34
CA ASP A 70 6.59 5.17 8.51
C ASP A 70 5.96 5.65 7.18
N HIS A 71 5.02 4.88 6.62
CA HIS A 71 4.22 5.23 5.43
C HIS A 71 2.73 5.04 5.73
N PRO A 72 2.08 5.99 6.43
CA PRO A 72 0.70 5.84 6.93
C PRO A 72 -0.40 6.09 5.89
N SER A 73 -0.05 6.27 4.61
CA SER A 73 -0.98 6.56 3.51
C SER A 73 -0.71 5.71 2.27
N LEU A 74 -1.75 5.52 1.44
CA LEU A 74 -1.66 4.70 0.23
C LEU A 74 -0.61 5.24 -0.76
N ALA A 75 -0.55 6.56 -0.97
CA ALA A 75 0.45 7.18 -1.83
C ALA A 75 1.88 7.03 -1.30
N ALA A 76 2.10 7.16 0.02
CA ALA A 76 3.43 7.07 0.62
C ALA A 76 3.97 5.63 0.66
N LEU A 77 3.08 4.63 0.82
CA LEU A 77 3.47 3.22 0.86
C LEU A 77 3.63 2.64 -0.55
N SER A 78 2.77 3.00 -1.51
CA SER A 78 2.86 2.51 -2.90
C SER A 78 4.16 2.93 -3.58
N ARG A 79 4.67 4.13 -3.28
CA ARG A 79 5.95 4.62 -3.87
C ARG A 79 7.18 3.96 -3.22
N HIS A 80 7.09 3.60 -1.94
CA HIS A 80 8.10 2.77 -1.26
C HIS A 80 8.14 1.34 -1.86
N VAL A 81 6.99 0.70 -2.00
CA VAL A 81 6.86 -0.66 -2.56
C VAL A 81 7.29 -0.68 -4.03
N ALA A 82 6.92 0.32 -4.85
CA ALA A 82 7.38 0.43 -6.24
C ALA A 82 8.91 0.55 -6.37
N GLY A 83 9.57 1.21 -5.41
CA GLY A 83 11.04 1.31 -5.33
C GLY A 83 11.76 0.09 -4.75
N ARG A 84 11.03 -0.87 -4.18
CA ARG A 84 11.55 -2.06 -3.45
C ARG A 84 11.21 -3.40 -4.12
N ALA A 85 10.15 -3.47 -4.92
CA ALA A 85 9.59 -4.71 -5.47
C ALA A 85 10.57 -5.50 -6.34
N ALA A 86 10.53 -6.83 -6.19
CA ALA A 86 11.26 -7.80 -7.00
C ALA A 86 10.46 -8.19 -8.27
N PRO A 87 11.12 -8.58 -9.39
CA PRO A 87 10.44 -8.97 -10.63
C PRO A 87 9.77 -10.35 -10.58
N VAL A 88 10.15 -11.20 -9.60
CA VAL A 88 9.64 -12.56 -9.32
C VAL A 88 9.42 -13.44 -10.57
N GLY A 1 0.62 5.56 -30.64
CA GLY A 1 1.38 6.82 -30.73
C GLY A 1 2.35 7.00 -29.57
N PRO A 2 3.26 7.99 -29.64
CA PRO A 2 4.33 8.23 -28.64
C PRO A 2 3.86 8.92 -27.35
N GLY A 3 2.61 9.39 -27.29
CA GLY A 3 2.05 10.18 -26.16
C GLY A 3 1.84 9.44 -24.84
N SER A 4 2.05 8.12 -24.79
CA SER A 4 1.83 7.25 -23.61
C SER A 4 2.95 7.34 -22.55
N ALA A 5 3.43 8.56 -22.27
CA ALA A 5 4.58 8.86 -21.40
C ALA A 5 4.19 9.18 -19.93
N VAL A 6 2.96 8.84 -19.51
CA VAL A 6 2.42 9.09 -18.16
C VAL A 6 3.14 8.20 -17.12
N ALA A 7 3.41 8.74 -15.94
CA ALA A 7 4.19 8.11 -14.86
C ALA A 7 3.39 7.08 -14.03
N VAL A 8 2.83 6.07 -14.71
CA VAL A 8 2.04 4.98 -14.11
C VAL A 8 3.00 3.92 -13.53
N ASP A 9 3.39 4.12 -12.27
CA ASP A 9 4.48 3.37 -11.62
C ASP A 9 4.27 3.05 -10.11
N PRO A 10 3.75 3.97 -9.29
CA PRO A 10 3.20 3.65 -7.97
C PRO A 10 1.72 3.25 -8.06
N ALA A 11 1.03 3.64 -9.13
CA ALA A 11 -0.39 3.40 -9.35
C ALA A 11 -0.78 1.91 -9.59
N PRO A 12 0.07 1.07 -10.23
CA PRO A 12 -0.15 -0.38 -10.30
C PRO A 12 -0.03 -1.09 -8.94
N VAL A 13 0.66 -0.47 -7.97
CA VAL A 13 0.76 -0.95 -6.59
C VAL A 13 -0.39 -0.42 -5.74
N ALA A 14 -0.72 0.86 -5.85
CA ALA A 14 -1.79 1.51 -5.07
C ALA A 14 -3.15 0.84 -5.25
N ARG A 15 -3.49 0.36 -6.47
CA ARG A 15 -4.74 -0.37 -6.74
C ARG A 15 -4.81 -1.74 -6.04
N ALA A 16 -3.69 -2.44 -5.90
CA ALA A 16 -3.61 -3.71 -5.18
C ALA A 16 -3.66 -3.52 -3.65
N LEU A 17 -2.99 -2.48 -3.13
CA LEU A 17 -3.03 -2.13 -1.70
C LEU A 17 -4.40 -1.56 -1.28
N ARG A 18 -5.13 -0.89 -2.18
CA ARG A 18 -6.54 -0.49 -2.01
C ARG A 18 -7.46 -1.71 -1.90
N GLU A 19 -7.29 -2.72 -2.75
CA GLU A 19 -8.06 -3.97 -2.64
C GLU A 19 -7.76 -4.73 -1.34
N GLU A 20 -6.52 -4.68 -0.82
CA GLU A 20 -6.18 -5.18 0.51
C GLU A 20 -6.87 -4.39 1.64
N LEU A 21 -6.85 -3.05 1.62
CA LEU A 21 -7.48 -2.23 2.65
C LEU A 21 -9.00 -2.43 2.69
N ALA A 22 -9.64 -2.66 1.54
CA ALA A 22 -11.07 -2.94 1.45
C ALA A 22 -11.48 -4.22 2.22
N ARG A 23 -10.70 -5.30 2.12
CA ARG A 23 -10.95 -6.56 2.84
C ARG A 23 -10.35 -6.63 4.25
N THR A 24 -9.29 -5.88 4.52
CA THR A 24 -8.63 -5.80 5.84
C THR A 24 -9.44 -4.95 6.84
N LEU A 25 -10.02 -3.84 6.37
CA LEU A 25 -10.71 -2.84 7.21
C LEU A 25 -12.22 -2.72 6.94
N TYR A 26 -12.79 -3.64 6.14
CA TYR A 26 -14.19 -3.63 5.66
C TYR A 26 -14.60 -2.33 4.92
N CYS A 27 -13.63 -1.64 4.31
CA CYS A 27 -13.87 -0.46 3.49
C CYS A 27 -14.28 -0.83 2.05
N GLU A 28 -14.57 0.16 1.21
CA GLU A 28 -14.80 -0.01 -0.24
C GLU A 28 -13.69 0.66 -1.05
N PRO A 29 -13.28 0.10 -2.21
CA PRO A 29 -12.19 0.67 -3.02
C PRO A 29 -12.50 2.08 -3.55
N GLY A 30 -13.77 2.39 -3.81
CA GLY A 30 -14.24 3.73 -4.18
C GLY A 30 -14.33 4.72 -3.01
N ASP A 31 -14.27 4.25 -1.76
CA ASP A 31 -14.27 5.07 -0.54
C ASP A 31 -12.85 5.30 0.00
N ILE A 32 -11.95 4.32 -0.18
CA ILE A 32 -10.49 4.47 0.06
C ILE A 32 -9.91 5.52 -0.89
N ASP A 33 -9.11 6.44 -0.34
CA ASP A 33 -8.38 7.48 -1.09
C ASP A 33 -6.87 7.21 -1.06
N ASP A 34 -6.13 7.79 -2.00
CA ASP A 34 -4.66 7.70 -2.05
C ASP A 34 -4.00 8.51 -0.91
N GLU A 35 -4.66 9.57 -0.46
CA GLU A 35 -4.26 10.43 0.67
C GLU A 35 -4.87 9.99 2.02
N ALA A 36 -5.48 8.79 2.09
CA ALA A 36 -6.05 8.23 3.32
C ALA A 36 -4.99 7.96 4.41
N SER A 37 -5.42 7.83 5.66
CA SER A 37 -4.56 7.58 6.84
C SER A 37 -5.02 6.31 7.57
N PHE A 38 -4.14 5.31 7.68
CA PHE A 38 -4.53 3.95 8.08
C PHE A 38 -5.02 3.84 9.53
N ASN A 39 -4.48 4.65 10.44
CA ASN A 39 -4.97 4.75 11.82
C ASN A 39 -6.41 5.31 11.90
N THR A 40 -6.79 6.18 10.94
CA THR A 40 -8.14 6.74 10.83
C THR A 40 -9.12 5.74 10.18
N LEU A 41 -8.62 4.89 9.27
CA LEU A 41 -9.36 3.74 8.72
C LEU A 41 -9.53 2.58 9.72
N GLY A 42 -8.81 2.60 10.85
CA GLY A 42 -8.93 1.63 11.95
C GLY A 42 -7.89 0.49 11.95
N LEU A 43 -6.80 0.61 11.18
CA LEU A 43 -5.69 -0.34 11.19
C LEU A 43 -4.94 -0.33 12.54
N ASP A 44 -4.56 -1.52 13.02
CA ASP A 44 -3.81 -1.74 14.26
C ASP A 44 -2.65 -2.72 13.98
N SER A 45 -1.80 -3.03 14.97
CA SER A 45 -0.65 -3.93 14.79
C SER A 45 -1.05 -5.34 14.32
N ILE A 46 -2.16 -5.88 14.82
CA ILE A 46 -2.65 -7.23 14.50
C ILE A 46 -3.26 -7.30 13.09
N LEU A 47 -3.94 -6.24 12.64
CA LEU A 47 -4.45 -6.13 11.26
C LEU A 47 -3.33 -5.77 10.27
N GLY A 48 -2.35 -4.97 10.71
CA GLY A 48 -1.22 -4.49 9.93
C GLY A 48 -0.20 -5.57 9.59
N VAL A 49 0.13 -6.47 10.53
CA VAL A 49 1.08 -7.56 10.24
C VAL A 49 0.56 -8.52 9.16
N GLU A 50 -0.76 -8.69 9.03
CA GLU A 50 -1.39 -9.49 7.97
C GLU A 50 -1.42 -8.75 6.61
N PHE A 51 -1.53 -7.42 6.61
CA PHE A 51 -1.39 -6.60 5.41
C PHE A 51 0.05 -6.64 4.90
N VAL A 52 1.03 -6.51 5.80
CA VAL A 52 2.47 -6.55 5.45
C VAL A 52 2.91 -7.95 5.02
N ALA A 53 2.30 -9.01 5.55
CA ALA A 53 2.51 -10.38 5.06
C ALA A 53 2.09 -10.58 3.60
N PHE A 54 1.02 -9.91 3.13
CA PHE A 54 0.65 -9.90 1.71
C PHE A 54 1.68 -9.11 0.87
N VAL A 55 2.11 -7.93 1.34
CA VAL A 55 3.11 -7.09 0.66
C VAL A 55 4.45 -7.83 0.48
N ASN A 56 4.90 -8.54 1.51
CA ASN A 56 6.13 -9.33 1.48
C ASN A 56 6.07 -10.49 0.46
N GLN A 57 4.91 -11.15 0.35
CA GLN A 57 4.71 -12.29 -0.55
C GLN A 57 4.48 -11.88 -2.02
N THR A 58 3.82 -10.74 -2.24
CA THR A 58 3.47 -10.23 -3.58
C THR A 58 4.66 -9.56 -4.28
N TYR A 59 5.49 -8.82 -3.53
CA TYR A 59 6.56 -7.98 -4.08
C TYR A 59 7.99 -8.47 -3.74
N GLY A 60 8.13 -9.60 -3.04
CA GLY A 60 9.43 -10.21 -2.70
C GLY A 60 10.22 -9.44 -1.64
N LEU A 61 9.53 -9.06 -0.56
CA LEU A 61 10.05 -8.19 0.52
C LEU A 61 10.05 -8.93 1.87
N ASP A 62 10.63 -8.31 2.91
CA ASP A 62 10.78 -8.86 4.26
C ASP A 62 10.52 -7.79 5.36
N GLU A 63 9.61 -6.85 5.10
CA GLU A 63 9.25 -5.76 6.01
C GLU A 63 8.45 -6.23 7.23
N LYS A 64 8.48 -5.41 8.29
CA LYS A 64 7.74 -5.61 9.56
C LYS A 64 6.56 -4.64 9.64
N ALA A 65 5.63 -4.88 10.56
CA ALA A 65 4.43 -4.03 10.74
C ALA A 65 4.73 -2.55 11.05
N GLY A 66 5.94 -2.23 11.51
CA GLY A 66 6.45 -0.85 11.67
C GLY A 66 6.46 -0.01 10.39
N ILE A 67 6.44 -0.62 9.19
CA ILE A 67 6.37 0.11 7.90
C ILE A 67 5.10 0.97 7.79
N LEU A 68 4.02 0.58 8.48
CA LEU A 68 2.72 1.25 8.47
C LEU A 68 2.70 2.53 9.33
N TYR A 69 3.74 2.71 10.15
CA TYR A 69 3.95 3.86 11.01
C TYR A 69 4.99 4.84 10.42
N ASP A 70 5.83 4.38 9.49
CA ASP A 70 6.70 5.22 8.66
C ASP A 70 6.03 5.68 7.35
N HIS A 71 5.12 4.86 6.79
CA HIS A 71 4.30 5.16 5.61
C HIS A 71 2.80 4.97 5.96
N PRO A 72 2.18 5.88 6.71
CA PRO A 72 0.80 5.73 7.22
C PRO A 72 -0.31 5.99 6.20
N SER A 73 0.02 6.10 4.92
CA SER A 73 -0.91 6.46 3.83
C SER A 73 -0.64 5.66 2.54
N LEU A 74 -1.69 5.48 1.74
CA LEU A 74 -1.67 4.62 0.55
C LEU A 74 -0.64 5.09 -0.49
N ALA A 75 -0.61 6.39 -0.79
CA ALA A 75 0.35 6.99 -1.72
C ALA A 75 1.82 6.99 -1.22
N ALA A 76 2.05 6.93 0.10
CA ALA A 76 3.40 6.87 0.66
C ALA A 76 3.99 5.44 0.64
N LEU A 77 3.17 4.42 0.82
CA LEU A 77 3.61 3.01 0.85
C LEU A 77 3.69 2.41 -0.56
N SER A 78 2.76 2.75 -1.46
CA SER A 78 2.77 2.26 -2.85
C SER A 78 4.05 2.62 -3.61
N ARG A 79 4.60 3.82 -3.39
CA ARG A 79 5.86 4.27 -4.04
C ARG A 79 7.11 3.64 -3.43
N HIS A 80 7.08 3.33 -2.13
CA HIS A 80 8.16 2.58 -1.47
C HIS A 80 8.23 1.15 -2.00
N VAL A 81 7.08 0.45 -2.08
CA VAL A 81 6.99 -0.91 -2.64
C VAL A 81 7.35 -0.93 -4.13
N ALA A 82 6.91 0.05 -4.92
CA ALA A 82 7.28 0.17 -6.34
C ALA A 82 8.80 0.34 -6.55
N GLY A 83 9.48 1.07 -5.64
CA GLY A 83 10.94 1.25 -5.66
C GLY A 83 11.74 0.03 -5.15
N ARG A 84 11.15 -0.77 -4.26
CA ARG A 84 11.78 -1.93 -3.59
C ARG A 84 11.56 -3.27 -4.33
N ALA A 85 10.44 -3.42 -5.05
CA ALA A 85 10.08 -4.65 -5.76
C ALA A 85 11.09 -5.05 -6.87
N ALA A 86 11.12 -6.34 -7.22
CA ALA A 86 12.01 -6.94 -8.21
C ALA A 86 11.24 -7.77 -9.27
N PRO A 87 11.86 -8.10 -10.43
CA PRO A 87 11.21 -8.89 -11.49
C PRO A 87 10.89 -10.36 -11.14
N VAL A 88 11.51 -10.88 -10.07
CA VAL A 88 11.41 -12.28 -9.59
C VAL A 88 10.96 -12.39 -8.12
N GLY A 1 6.50 12.70 -26.64
CA GLY A 1 6.79 13.98 -27.32
C GLY A 1 6.92 15.15 -26.35
N PRO A 2 6.64 16.39 -26.79
CA PRO A 2 6.70 17.60 -25.96
C PRO A 2 5.75 17.60 -24.75
N GLY A 3 6.04 18.47 -23.78
CA GLY A 3 5.24 18.65 -22.55
C GLY A 3 5.49 17.62 -21.45
N SER A 4 4.83 17.81 -20.30
CA SER A 4 4.96 17.00 -19.08
C SER A 4 4.29 15.61 -19.20
N ALA A 5 4.80 14.64 -18.46
CA ALA A 5 4.29 13.26 -18.37
C ALA A 5 4.49 12.66 -16.97
N VAL A 6 3.75 11.58 -16.67
CA VAL A 6 3.79 10.83 -15.39
C VAL A 6 3.89 9.32 -15.66
N ALA A 7 4.75 8.62 -14.93
CA ALA A 7 4.94 7.17 -15.03
C ALA A 7 3.87 6.41 -14.25
N VAL A 8 3.18 5.48 -14.93
CA VAL A 8 2.22 4.53 -14.35
C VAL A 8 2.98 3.36 -13.73
N ASP A 9 3.45 3.54 -12.50
CA ASP A 9 4.45 2.68 -11.82
C ASP A 9 4.25 2.53 -10.30
N PRO A 10 3.89 3.59 -9.54
CA PRO A 10 3.33 3.44 -8.20
C PRO A 10 1.84 3.09 -8.28
N ALA A 11 1.15 3.50 -9.34
CA ALA A 11 -0.30 3.33 -9.49
C ALA A 11 -0.77 1.85 -9.60
N PRO A 12 -0.07 0.94 -10.32
CA PRO A 12 -0.39 -0.48 -10.32
C PRO A 12 -0.26 -1.16 -8.95
N VAL A 13 0.66 -0.66 -8.11
CA VAL A 13 0.84 -1.08 -6.72
C VAL A 13 -0.26 -0.48 -5.83
N ALA A 14 -0.58 0.81 -6.00
CA ALA A 14 -1.59 1.51 -5.21
C ALA A 14 -2.97 0.85 -5.32
N ARG A 15 -3.40 0.39 -6.52
CA ARG A 15 -4.70 -0.31 -6.64
C ARG A 15 -4.74 -1.64 -5.86
N ALA A 16 -3.65 -2.41 -5.87
CA ALA A 16 -3.55 -3.68 -5.14
C ALA A 16 -3.55 -3.46 -3.62
N LEU A 17 -2.80 -2.46 -3.13
CA LEU A 17 -2.81 -2.08 -1.71
C LEU A 17 -4.18 -1.58 -1.26
N ARG A 18 -4.88 -0.80 -2.10
CA ARG A 18 -6.24 -0.30 -1.87
C ARG A 18 -7.28 -1.42 -1.79
N GLU A 19 -7.23 -2.37 -2.72
CA GLU A 19 -8.13 -3.54 -2.74
C GLU A 19 -7.90 -4.49 -1.55
N GLU A 20 -6.65 -4.61 -1.08
CA GLU A 20 -6.32 -5.42 0.11
C GLU A 20 -6.67 -4.72 1.43
N LEU A 21 -6.57 -3.39 1.53
CA LEU A 21 -7.04 -2.62 2.69
C LEU A 21 -8.57 -2.67 2.80
N ALA A 22 -9.29 -2.64 1.68
CA ALA A 22 -10.75 -2.73 1.64
C ALA A 22 -11.26 -4.03 2.29
N ARG A 23 -10.75 -5.19 1.86
CA ARG A 23 -11.13 -6.50 2.44
C ARG A 23 -10.60 -6.73 3.85
N THR A 24 -9.44 -6.16 4.21
CA THR A 24 -8.86 -6.24 5.57
C THR A 24 -9.70 -5.47 6.60
N LEU A 25 -10.28 -4.33 6.22
CA LEU A 25 -11.04 -3.44 7.10
C LEU A 25 -12.57 -3.53 6.92
N TYR A 26 -13.04 -4.43 6.05
CA TYR A 26 -14.45 -4.57 5.60
C TYR A 26 -15.04 -3.27 5.00
N CYS A 27 -14.19 -2.44 4.40
CA CYS A 27 -14.55 -1.22 3.69
C CYS A 27 -14.82 -1.50 2.20
N GLU A 28 -15.34 -0.51 1.47
CA GLU A 28 -15.24 -0.46 0.01
C GLU A 28 -13.94 0.26 -0.41
N PRO A 29 -13.33 -0.05 -1.58
CA PRO A 29 -12.10 0.61 -2.02
C PRO A 29 -12.27 2.12 -2.23
N GLY A 30 -13.49 2.60 -2.51
CA GLY A 30 -13.83 4.02 -2.60
C GLY A 30 -13.80 4.76 -1.24
N ASP A 31 -13.75 4.06 -0.12
CA ASP A 31 -13.55 4.66 1.21
C ASP A 31 -12.08 5.04 1.46
N ILE A 32 -11.15 4.32 0.82
CA ILE A 32 -9.71 4.58 0.83
C ILE A 32 -9.38 5.59 -0.29
N ASP A 33 -8.33 6.37 -0.12
CA ASP A 33 -7.84 7.35 -1.10
C ASP A 33 -6.31 7.48 -1.04
N ASP A 34 -5.71 8.17 -2.01
CA ASP A 34 -4.25 8.35 -2.11
C ASP A 34 -3.63 9.01 -0.85
N GLU A 35 -4.29 10.03 -0.30
CA GLU A 35 -3.90 10.75 0.91
C GLU A 35 -4.66 10.32 2.18
N ALA A 36 -5.27 9.12 2.17
CA ALA A 36 -5.91 8.53 3.35
C ALA A 36 -4.90 8.13 4.45
N SER A 37 -5.41 7.79 5.63
CA SER A 37 -4.62 7.40 6.82
C SER A 37 -5.11 6.07 7.36
N PHE A 38 -4.24 5.06 7.45
CA PHE A 38 -4.64 3.67 7.70
C PHE A 38 -5.25 3.44 9.09
N ASN A 39 -4.70 4.06 10.15
CA ASN A 39 -5.27 3.97 11.50
C ASN A 39 -6.62 4.72 11.63
N THR A 40 -6.89 5.72 10.78
CA THR A 40 -8.18 6.40 10.68
C THR A 40 -9.22 5.56 9.92
N LEU A 41 -8.78 4.83 8.88
CA LEU A 41 -9.58 3.82 8.18
C LEU A 41 -9.94 2.63 9.08
N GLY A 42 -9.05 2.24 9.99
CA GLY A 42 -9.29 1.23 11.03
C GLY A 42 -8.14 0.23 11.28
N LEU A 43 -7.00 0.37 10.60
CA LEU A 43 -5.85 -0.55 10.71
C LEU A 43 -5.17 -0.46 12.09
N ASP A 44 -4.77 -1.62 12.63
CA ASP A 44 -4.26 -1.79 13.99
C ASP A 44 -2.95 -2.63 14.00
N SER A 45 -2.35 -2.84 15.18
CA SER A 45 -1.09 -3.60 15.34
C SER A 45 -1.12 -5.02 14.76
N ILE A 46 -2.27 -5.71 14.87
CA ILE A 46 -2.46 -7.09 14.36
C ILE A 46 -2.86 -7.06 12.88
N LEU A 47 -3.85 -6.23 12.51
CA LEU A 47 -4.34 -6.12 11.12
C LEU A 47 -3.27 -5.57 10.16
N GLY A 48 -2.36 -4.73 10.66
CA GLY A 48 -1.20 -4.23 9.92
C GLY A 48 -0.23 -5.33 9.50
N VAL A 49 0.09 -6.28 10.40
CA VAL A 49 0.94 -7.44 10.05
C VAL A 49 0.24 -8.34 9.03
N GLU A 50 -1.07 -8.50 9.11
CA GLU A 50 -1.87 -9.29 8.13
C GLU A 50 -1.93 -8.63 6.74
N PHE A 51 -1.78 -7.30 6.65
CA PHE A 51 -1.67 -6.55 5.41
C PHE A 51 -0.23 -6.60 4.87
N VAL A 52 0.78 -6.43 5.73
CA VAL A 52 2.21 -6.58 5.41
C VAL A 52 2.52 -8.00 4.89
N ALA A 53 1.86 -9.03 5.42
CA ALA A 53 1.97 -10.41 4.93
C ALA A 53 1.55 -10.58 3.46
N PHE A 54 0.65 -9.75 2.93
CA PHE A 54 0.39 -9.67 1.48
C PHE A 54 1.54 -8.98 0.74
N VAL A 55 1.96 -7.79 1.20
CA VAL A 55 2.97 -6.98 0.50
C VAL A 55 4.32 -7.72 0.38
N ASN A 56 4.76 -8.41 1.42
CA ASN A 56 6.00 -9.18 1.43
C ASN A 56 5.98 -10.35 0.41
N GLN A 57 4.83 -10.98 0.23
CA GLN A 57 4.67 -12.14 -0.65
C GLN A 57 4.46 -11.73 -2.13
N THR A 58 3.75 -10.64 -2.38
CA THR A 58 3.47 -10.14 -3.74
C THR A 58 4.67 -9.41 -4.36
N TYR A 59 5.46 -8.69 -3.56
CA TYR A 59 6.56 -7.85 -4.03
C TYR A 59 7.97 -8.34 -3.60
N GLY A 60 8.05 -9.49 -2.92
CA GLY A 60 9.32 -10.16 -2.55
C GLY A 60 10.10 -9.44 -1.45
N LEU A 61 9.40 -8.85 -0.49
CA LEU A 61 9.94 -8.02 0.61
C LEU A 61 10.00 -8.80 1.95
N ASP A 62 10.57 -8.17 2.98
CA ASP A 62 10.73 -8.72 4.33
C ASP A 62 10.44 -7.65 5.41
N GLU A 63 9.39 -6.86 5.21
CA GLU A 63 8.99 -5.78 6.12
C GLU A 63 8.17 -6.27 7.32
N LYS A 64 8.06 -5.41 8.34
CA LYS A 64 7.19 -5.56 9.52
C LYS A 64 6.21 -4.38 9.58
N ALA A 65 5.17 -4.48 10.41
CA ALA A 65 4.12 -3.45 10.54
C ALA A 65 4.62 -2.06 11.01
N GLY A 66 5.86 -1.93 11.49
CA GLY A 66 6.54 -0.64 11.65
C GLY A 66 6.65 0.20 10.36
N ILE A 67 6.56 -0.42 9.17
CA ILE A 67 6.50 0.29 7.89
C ILE A 67 5.24 1.16 7.76
N LEU A 68 4.14 0.77 8.42
CA LEU A 68 2.85 1.47 8.40
C LEU A 68 2.85 2.71 9.32
N TYR A 69 3.82 2.82 10.24
CA TYR A 69 4.06 4.01 11.04
C TYR A 69 4.88 5.07 10.27
N ASP A 70 5.78 4.63 9.37
CA ASP A 70 6.63 5.52 8.56
C ASP A 70 5.96 5.90 7.21
N HIS A 71 5.12 5.01 6.67
CA HIS A 71 4.27 5.20 5.48
C HIS A 71 2.79 4.96 5.84
N PRO A 72 2.13 5.88 6.56
CA PRO A 72 0.74 5.73 7.05
C PRO A 72 -0.34 5.96 5.98
N SER A 73 0.04 6.14 4.72
CA SER A 73 -0.84 6.56 3.62
C SER A 73 -0.52 5.85 2.31
N LEU A 74 -1.51 5.75 1.42
CA LEU A 74 -1.40 4.98 0.18
C LEU A 74 -0.35 5.58 -0.78
N ALA A 75 -0.29 6.91 -0.88
CA ALA A 75 0.70 7.64 -1.67
C ALA A 75 2.11 7.62 -1.07
N ALA A 76 2.30 7.18 0.17
CA ALA A 76 3.62 6.96 0.78
C ALA A 76 4.08 5.50 0.62
N LEU A 77 3.18 4.52 0.74
CA LEU A 77 3.52 3.09 0.76
C LEU A 77 3.73 2.53 -0.66
N SER A 78 2.84 2.88 -1.59
CA SER A 78 2.86 2.34 -2.97
C SER A 78 4.14 2.69 -3.72
N ARG A 79 4.69 3.90 -3.52
CA ARG A 79 5.95 4.34 -4.16
C ARG A 79 7.20 3.73 -3.54
N HIS A 80 7.18 3.41 -2.24
CA HIS A 80 8.25 2.66 -1.60
C HIS A 80 8.29 1.22 -2.11
N VAL A 81 7.14 0.53 -2.13
CA VAL A 81 7.02 -0.84 -2.66
C VAL A 81 7.39 -0.91 -4.14
N ALA A 82 6.93 0.04 -4.97
CA ALA A 82 7.31 0.12 -6.38
C ALA A 82 8.82 0.33 -6.60
N GLY A 83 9.49 1.10 -5.73
CA GLY A 83 10.94 1.32 -5.76
C GLY A 83 11.76 0.11 -5.27
N ARG A 84 11.22 -0.67 -4.33
CA ARG A 84 11.84 -1.86 -3.73
C ARG A 84 11.69 -3.13 -4.59
N ALA A 85 10.55 -3.28 -5.28
CA ALA A 85 10.24 -4.44 -6.13
C ALA A 85 11.14 -4.55 -7.37
N ALA A 86 11.39 -5.77 -7.84
CA ALA A 86 12.18 -6.06 -9.03
C ALA A 86 11.37 -5.87 -10.35
N PRO A 87 12.03 -5.56 -11.49
CA PRO A 87 11.36 -5.38 -12.78
C PRO A 87 10.98 -6.71 -13.46
N VAL A 88 11.46 -7.85 -12.95
CA VAL A 88 11.30 -9.21 -13.51
C VAL A 88 10.79 -10.24 -12.48
N GLY A 1 12.63 27.02 -10.16
CA GLY A 1 13.13 25.66 -10.46
C GLY A 1 11.98 24.68 -10.72
N PRO A 2 12.26 23.53 -11.35
CA PRO A 2 11.26 22.51 -11.68
C PRO A 2 10.72 21.78 -10.45
N GLY A 3 9.40 21.50 -10.44
CA GLY A 3 8.71 20.72 -9.42
C GLY A 3 8.70 19.21 -9.70
N SER A 4 8.04 18.44 -8.82
CA SER A 4 7.75 17.01 -8.97
C SER A 4 6.61 16.73 -9.96
N ALA A 5 6.56 15.50 -10.48
CA ALA A 5 5.54 15.04 -11.42
C ALA A 5 5.13 13.57 -11.14
N VAL A 6 3.91 13.20 -11.55
CA VAL A 6 3.31 11.86 -11.36
C VAL A 6 3.46 11.02 -12.64
N ALA A 7 3.72 9.72 -12.49
CA ALA A 7 3.82 8.73 -13.55
C ALA A 7 3.19 7.38 -13.14
N VAL A 8 2.86 6.54 -14.12
CA VAL A 8 2.22 5.22 -13.90
C VAL A 8 3.28 4.17 -13.56
N ASP A 9 3.65 4.12 -12.28
CA ASP A 9 4.64 3.20 -11.71
C ASP A 9 4.36 2.78 -10.24
N PRO A 10 3.97 3.71 -9.33
CA PRO A 10 3.35 3.34 -8.06
C PRO A 10 1.82 3.16 -8.21
N ALA A 11 1.22 3.73 -9.25
CA ALA A 11 -0.21 3.66 -9.54
C ALA A 11 -0.77 2.22 -9.68
N PRO A 12 -0.13 1.28 -10.43
CA PRO A 12 -0.59 -0.12 -10.49
C PRO A 12 -0.42 -0.89 -9.16
N VAL A 13 0.44 -0.41 -8.25
CA VAL A 13 0.59 -0.94 -6.88
C VAL A 13 -0.50 -0.36 -5.96
N ALA A 14 -0.79 0.94 -6.05
CA ALA A 14 -1.77 1.62 -5.20
C ALA A 14 -3.19 1.04 -5.33
N ARG A 15 -3.62 0.64 -6.54
CA ARG A 15 -4.92 -0.04 -6.75
C ARG A 15 -4.99 -1.43 -6.11
N ALA A 16 -3.87 -2.17 -6.08
CA ALA A 16 -3.78 -3.47 -5.41
C ALA A 16 -3.76 -3.32 -3.87
N LEU A 17 -3.00 -2.36 -3.34
CA LEU A 17 -2.98 -2.05 -1.90
C LEU A 17 -4.34 -1.52 -1.40
N ARG A 18 -5.08 -0.77 -2.22
CA ARG A 18 -6.49 -0.39 -1.97
C ARG A 18 -7.41 -1.60 -1.84
N GLU A 19 -7.34 -2.55 -2.77
CA GLU A 19 -8.17 -3.78 -2.70
C GLU A 19 -7.81 -4.66 -1.49
N GLU A 20 -6.53 -4.70 -1.10
CA GLU A 20 -6.09 -5.38 0.12
C GLU A 20 -6.57 -4.69 1.40
N LEU A 21 -6.51 -3.36 1.49
CA LEU A 21 -7.06 -2.61 2.63
C LEU A 21 -8.57 -2.77 2.71
N ALA A 22 -9.28 -2.80 1.57
CA ALA A 22 -10.73 -2.94 1.52
C ALA A 22 -11.19 -4.27 2.15
N ARG A 23 -10.54 -5.41 1.83
CA ARG A 23 -10.88 -6.70 2.44
C ARG A 23 -10.35 -6.84 3.88
N THR A 24 -9.23 -6.21 4.22
CA THR A 24 -8.65 -6.22 5.57
C THR A 24 -9.51 -5.43 6.58
N LEU A 25 -10.07 -4.30 6.15
CA LEU A 25 -10.93 -3.42 6.96
C LEU A 25 -12.44 -3.71 6.82
N TYR A 26 -12.80 -4.65 5.93
CA TYR A 26 -14.18 -4.97 5.52
C TYR A 26 -14.99 -3.75 5.03
N CYS A 27 -14.31 -2.81 4.34
CA CYS A 27 -14.87 -1.57 3.81
C CYS A 27 -14.92 -1.55 2.27
N GLU A 28 -15.48 -0.50 1.67
CA GLU A 28 -15.48 -0.31 0.22
C GLU A 28 -14.12 0.26 -0.28
N PRO A 29 -13.65 -0.13 -1.48
CA PRO A 29 -12.40 0.40 -2.05
C PRO A 29 -12.50 1.90 -2.40
N GLY A 30 -13.71 2.41 -2.64
CA GLY A 30 -13.99 3.84 -2.84
C GLY A 30 -13.94 4.70 -1.57
N ASP A 31 -13.95 4.09 -0.37
CA ASP A 31 -13.82 4.81 0.91
C ASP A 31 -12.35 5.10 1.27
N ILE A 32 -11.43 4.25 0.81
CA ILE A 32 -9.98 4.46 0.85
C ILE A 32 -9.59 5.52 -0.20
N ASP A 33 -8.82 6.52 0.20
CA ASP A 33 -8.24 7.57 -0.67
C ASP A 33 -6.72 7.35 -0.82
N ASP A 34 -6.14 7.94 -1.87
CA ASP A 34 -4.68 7.89 -2.10
C ASP A 34 -3.90 8.68 -1.04
N GLU A 35 -4.46 9.77 -0.52
CA GLU A 35 -3.89 10.60 0.56
C GLU A 35 -4.46 10.23 1.96
N ALA A 36 -5.13 9.07 2.09
CA ALA A 36 -5.66 8.58 3.36
C ALA A 36 -4.57 8.22 4.39
N SER A 37 -4.99 7.89 5.61
CA SER A 37 -4.12 7.49 6.73
C SER A 37 -4.64 6.19 7.35
N PHE A 38 -3.81 5.16 7.48
CA PHE A 38 -4.28 3.81 7.83
C PHE A 38 -4.84 3.72 9.25
N ASN A 39 -4.27 4.45 10.21
CA ASN A 39 -4.83 4.54 11.57
C ASN A 39 -6.21 5.25 11.61
N THR A 40 -6.48 6.17 10.68
CA THR A 40 -7.77 6.88 10.54
C THR A 40 -8.80 6.01 9.80
N LEU A 41 -8.34 5.17 8.85
CA LEU A 41 -9.14 4.10 8.22
C LEU A 41 -9.46 2.93 9.18
N GLY A 42 -8.84 2.89 10.37
CA GLY A 42 -9.11 1.90 11.42
C GLY A 42 -8.21 0.66 11.39
N LEU A 43 -7.08 0.70 10.68
CA LEU A 43 -6.08 -0.38 10.64
C LEU A 43 -5.30 -0.41 11.97
N ASP A 44 -5.58 -1.41 12.81
CA ASP A 44 -4.84 -1.69 14.05
C ASP A 44 -3.60 -2.56 13.75
N SER A 45 -2.74 -2.79 14.75
CA SER A 45 -1.49 -3.56 14.59
C SER A 45 -1.73 -5.02 14.17
N ILE A 46 -2.82 -5.64 14.64
CA ILE A 46 -3.22 -7.02 14.32
C ILE A 46 -3.69 -7.15 12.86
N LEU A 47 -4.37 -6.13 12.34
CA LEU A 47 -4.77 -6.06 10.92
C LEU A 47 -3.58 -5.66 10.03
N GLY A 48 -2.76 -4.73 10.49
CA GLY A 48 -1.59 -4.20 9.79
C GLY A 48 -0.50 -5.24 9.52
N VAL A 49 -0.17 -6.10 10.49
CA VAL A 49 0.84 -7.16 10.29
C VAL A 49 0.42 -8.18 9.22
N GLU A 50 -0.88 -8.46 9.07
CA GLU A 50 -1.41 -9.36 8.03
C GLU A 50 -1.47 -8.69 6.64
N PHE A 51 -1.67 -7.36 6.59
CA PHE A 51 -1.58 -6.57 5.36
C PHE A 51 -0.13 -6.50 4.85
N VAL A 52 0.82 -6.30 5.76
CA VAL A 52 2.27 -6.31 5.45
C VAL A 52 2.76 -7.71 5.09
N ALA A 53 2.21 -8.77 5.70
CA ALA A 53 2.52 -10.15 5.34
C ALA A 53 2.11 -10.51 3.90
N PHE A 54 1.02 -9.93 3.36
CA PHE A 54 0.68 -10.06 1.93
C PHE A 54 1.68 -9.30 1.06
N VAL A 55 2.02 -8.06 1.42
CA VAL A 55 2.99 -7.22 0.69
C VAL A 55 4.37 -7.87 0.60
N ASN A 56 4.82 -8.55 1.66
CA ASN A 56 6.08 -9.31 1.66
C ASN A 56 6.06 -10.48 0.68
N GLN A 57 4.95 -11.20 0.59
CA GLN A 57 4.80 -12.40 -0.25
C GLN A 57 4.57 -12.06 -1.74
N THR A 58 3.83 -10.99 -2.02
CA THR A 58 3.47 -10.58 -3.39
C THR A 58 4.59 -9.80 -4.10
N TYR A 59 5.33 -8.95 -3.37
CA TYR A 59 6.38 -8.08 -3.95
C TYR A 59 7.81 -8.49 -3.59
N GLY A 60 8.00 -9.60 -2.87
CA GLY A 60 9.31 -10.17 -2.54
C GLY A 60 10.10 -9.35 -1.50
N LEU A 61 9.45 -9.01 -0.39
CA LEU A 61 9.95 -8.13 0.68
C LEU A 61 9.97 -8.85 2.04
N ASP A 62 10.50 -8.22 3.08
CA ASP A 62 10.64 -8.76 4.44
C ASP A 62 10.32 -7.71 5.53
N GLU A 63 9.42 -6.77 5.24
CA GLU A 63 9.07 -5.65 6.12
C GLU A 63 8.28 -6.10 7.37
N LYS A 64 8.39 -5.31 8.43
CA LYS A 64 7.63 -5.46 9.69
C LYS A 64 6.49 -4.45 9.75
N ALA A 65 5.53 -4.62 10.66
CA ALA A 65 4.35 -3.74 10.76
C ALA A 65 4.68 -2.24 11.01
N GLY A 66 5.89 -1.93 11.49
CA GLY A 66 6.43 -0.57 11.60
C GLY A 66 6.53 0.20 10.27
N ILE A 67 6.48 -0.47 9.11
CA ILE A 67 6.39 0.19 7.79
C ILE A 67 5.13 1.07 7.67
N LEU A 68 4.07 0.74 8.41
CA LEU A 68 2.80 1.49 8.48
C LEU A 68 2.87 2.75 9.33
N TYR A 69 3.99 2.99 10.03
CA TYR A 69 4.32 4.25 10.69
C TYR A 69 5.26 5.14 9.84
N ASP A 70 6.14 4.50 9.05
CA ASP A 70 7.08 5.20 8.15
C ASP A 70 6.40 5.68 6.84
N HIS A 71 5.49 4.84 6.31
CA HIS A 71 4.58 5.15 5.19
C HIS A 71 3.12 4.90 5.64
N PRO A 72 2.49 5.84 6.38
CA PRO A 72 1.15 5.68 6.95
C PRO A 72 0.01 5.90 5.95
N SER A 73 0.32 6.05 4.65
CA SER A 73 -0.61 6.50 3.60
C SER A 73 -0.41 5.74 2.29
N LEU A 74 -1.50 5.59 1.52
CA LEU A 74 -1.54 4.72 0.34
C LEU A 74 -0.56 5.18 -0.75
N ALA A 75 -0.54 6.49 -1.06
CA ALA A 75 0.37 7.10 -2.03
C ALA A 75 1.83 7.24 -1.52
N ALA A 76 2.13 6.86 -0.27
CA ALA A 76 3.50 6.71 0.23
C ALA A 76 3.98 5.24 0.20
N LEU A 77 3.13 4.27 0.58
CA LEU A 77 3.49 2.86 0.62
C LEU A 77 3.63 2.27 -0.79
N SER A 78 2.81 2.71 -1.74
CA SER A 78 2.90 2.31 -3.15
C SER A 78 4.28 2.63 -3.77
N ARG A 79 4.86 3.78 -3.43
CA ARG A 79 6.20 4.21 -3.86
C ARG A 79 7.29 3.35 -3.24
N HIS A 80 7.13 3.00 -1.97
CA HIS A 80 8.11 2.16 -1.28
C HIS A 80 8.18 0.77 -1.93
N VAL A 81 7.03 0.15 -2.17
CA VAL A 81 6.94 -1.17 -2.83
C VAL A 81 7.45 -1.10 -4.28
N ALA A 82 7.03 -0.10 -5.06
CA ALA A 82 7.45 0.06 -6.46
C ALA A 82 8.96 0.36 -6.60
N GLY A 83 9.57 1.05 -5.64
CA GLY A 83 11.01 1.33 -5.60
C GLY A 83 11.87 0.14 -5.17
N ARG A 84 11.32 -0.77 -4.35
CA ARG A 84 12.01 -1.97 -3.84
C ARG A 84 11.90 -3.18 -4.77
N ALA A 85 10.75 -3.39 -5.40
CA ALA A 85 10.50 -4.50 -6.32
C ALA A 85 11.09 -4.22 -7.72
N ALA A 86 12.19 -4.90 -8.07
CA ALA A 86 12.92 -4.75 -9.33
C ALA A 86 13.62 -6.08 -9.75
N PRO A 87 14.02 -6.26 -11.04
CA PRO A 87 14.69 -7.48 -11.51
C PRO A 87 16.12 -7.70 -10.99
N VAL A 88 16.78 -6.62 -10.51
CA VAL A 88 18.19 -6.62 -10.06
C VAL A 88 18.43 -7.30 -8.71
N GLY A 1 -2.91 18.01 -23.88
CA GLY A 1 -3.25 19.12 -22.96
C GLY A 1 -2.36 19.14 -21.72
N PRO A 2 -2.56 20.10 -20.80
CA PRO A 2 -1.82 20.20 -19.54
C PRO A 2 -2.16 19.08 -18.54
N GLY A 3 -1.26 18.84 -17.59
CA GLY A 3 -1.40 17.81 -16.55
C GLY A 3 -0.26 17.81 -15.52
N SER A 4 -0.30 16.86 -14.59
CA SER A 4 0.72 16.68 -13.54
C SER A 4 2.01 16.01 -14.06
N ALA A 5 3.08 16.07 -13.26
CA ALA A 5 4.38 15.47 -13.56
C ALA A 5 4.52 14.00 -13.08
N VAL A 6 3.41 13.37 -12.68
CA VAL A 6 3.36 12.00 -12.14
C VAL A 6 3.55 10.96 -13.25
N ALA A 7 4.25 9.86 -12.94
CA ALA A 7 4.49 8.73 -13.83
C ALA A 7 3.83 7.45 -13.29
N VAL A 8 3.53 6.51 -14.18
CA VAL A 8 2.85 5.23 -13.87
C VAL A 8 3.86 4.22 -13.33
N ASP A 9 4.06 4.24 -12.00
CA ASP A 9 4.95 3.33 -11.26
C ASP A 9 4.44 2.97 -9.85
N PRO A 10 3.99 3.93 -9.01
CA PRO A 10 3.26 3.62 -7.78
C PRO A 10 1.79 3.26 -8.08
N ALA A 11 1.20 3.88 -9.09
CA ALA A 11 -0.20 3.71 -9.49
C ALA A 11 -0.63 2.23 -9.73
N PRO A 12 0.12 1.40 -10.48
CA PRO A 12 -0.25 -0.02 -10.67
C PRO A 12 -0.08 -0.89 -9.41
N VAL A 13 0.57 -0.37 -8.36
CA VAL A 13 0.68 -1.00 -7.03
C VAL A 13 -0.43 -0.52 -6.09
N ALA A 14 -0.72 0.80 -6.09
CA ALA A 14 -1.74 1.43 -5.26
C ALA A 14 -3.13 0.83 -5.46
N ARG A 15 -3.51 0.51 -6.72
CA ARG A 15 -4.80 -0.15 -7.04
C ARG A 15 -4.99 -1.50 -6.33
N ALA A 16 -3.91 -2.26 -6.14
CA ALA A 16 -3.93 -3.55 -5.44
C ALA A 16 -3.94 -3.37 -3.92
N LEU A 17 -3.11 -2.45 -3.38
CA LEU A 17 -3.08 -2.15 -1.94
C LEU A 17 -4.41 -1.57 -1.43
N ARG A 18 -5.13 -0.82 -2.27
CA ARG A 18 -6.48 -0.31 -1.99
C ARG A 18 -7.52 -1.43 -1.82
N GLU A 19 -7.47 -2.46 -2.66
CA GLU A 19 -8.34 -3.65 -2.54
C GLU A 19 -7.94 -4.55 -1.35
N GLU A 20 -6.65 -4.61 -1.00
CA GLU A 20 -6.19 -5.33 0.20
C GLU A 20 -6.65 -4.66 1.49
N LEU A 21 -6.54 -3.33 1.59
CA LEU A 21 -7.07 -2.57 2.71
C LEU A 21 -8.60 -2.70 2.81
N ALA A 22 -9.32 -2.72 1.67
CA ALA A 22 -10.77 -2.91 1.64
C ALA A 22 -11.20 -4.21 2.32
N ARG A 23 -10.60 -5.36 1.95
CA ARG A 23 -10.93 -6.66 2.57
C ARG A 23 -10.39 -6.83 3.99
N THR A 24 -9.25 -6.20 4.32
CA THR A 24 -8.66 -6.19 5.68
C THR A 24 -9.52 -5.42 6.68
N LEU A 25 -10.12 -4.30 6.26
CA LEU A 25 -10.94 -3.40 7.09
C LEU A 25 -12.46 -3.70 7.04
N TYR A 26 -12.90 -4.61 6.16
CA TYR A 26 -14.31 -4.82 5.78
C TYR A 26 -14.99 -3.52 5.25
N CYS A 27 -14.24 -2.75 4.46
CA CYS A 27 -14.67 -1.49 3.87
C CYS A 27 -14.84 -1.61 2.34
N GLU A 28 -15.46 -0.62 1.71
CA GLU A 28 -15.44 -0.48 0.24
C GLU A 28 -14.09 0.13 -0.23
N PRO A 29 -13.54 -0.27 -1.39
CA PRO A 29 -12.27 0.26 -1.89
C PRO A 29 -12.34 1.76 -2.22
N GLY A 30 -13.53 2.25 -2.61
CA GLY A 30 -13.78 3.67 -2.88
C GLY A 30 -13.76 4.59 -1.63
N ASP A 31 -13.81 4.02 -0.41
CA ASP A 31 -13.67 4.79 0.84
C ASP A 31 -12.19 5.05 1.21
N ILE A 32 -11.28 4.18 0.78
CA ILE A 32 -9.83 4.38 0.81
C ILE A 32 -9.43 5.32 -0.34
N ASP A 33 -8.37 6.10 -0.17
CA ASP A 33 -7.88 7.08 -1.16
C ASP A 33 -6.35 7.22 -1.09
N ASP A 34 -5.73 7.85 -2.09
CA ASP A 34 -4.28 8.04 -2.16
C ASP A 34 -3.73 8.82 -0.96
N GLU A 35 -4.43 9.89 -0.56
CA GLU A 35 -4.09 10.77 0.57
C GLU A 35 -4.72 10.33 1.91
N ALA A 36 -5.32 9.15 1.99
CA ALA A 36 -5.88 8.58 3.22
C ALA A 36 -4.81 8.25 4.28
N SER A 37 -5.25 7.91 5.50
CA SER A 37 -4.39 7.55 6.63
C SER A 37 -4.87 6.24 7.27
N PHE A 38 -3.98 5.26 7.41
CA PHE A 38 -4.37 3.89 7.78
C PHE A 38 -4.94 3.78 9.20
N ASN A 39 -4.42 4.55 10.16
CA ASN A 39 -4.99 4.60 11.52
C ASN A 39 -6.36 5.29 11.56
N THR A 40 -6.64 6.23 10.64
CA THR A 40 -7.95 6.90 10.50
C THR A 40 -8.97 6.01 9.79
N LEU A 41 -8.52 5.16 8.85
CA LEU A 41 -9.29 4.07 8.24
C LEU A 41 -9.57 2.90 9.21
N GLY A 42 -8.96 2.89 10.40
CA GLY A 42 -9.20 1.92 11.47
C GLY A 42 -8.28 0.70 11.47
N LEU A 43 -7.14 0.75 10.76
CA LEU A 43 -6.16 -0.34 10.72
C LEU A 43 -5.41 -0.47 12.06
N ASP A 44 -5.61 -1.59 12.75
CA ASP A 44 -4.89 -1.94 13.99
C ASP A 44 -3.49 -2.51 13.67
N SER A 45 -2.67 -2.74 14.69
CA SER A 45 -1.39 -3.45 14.56
C SER A 45 -1.58 -4.91 14.14
N ILE A 46 -2.65 -5.57 14.62
CA ILE A 46 -3.00 -6.95 14.28
C ILE A 46 -3.47 -7.05 12.81
N LEU A 47 -4.23 -6.06 12.32
CA LEU A 47 -4.61 -5.97 10.91
C LEU A 47 -3.42 -5.56 10.01
N GLY A 48 -2.55 -4.67 10.52
CA GLY A 48 -1.38 -4.15 9.82
C GLY A 48 -0.32 -5.20 9.54
N VAL A 49 0.05 -6.04 10.51
CA VAL A 49 1.04 -7.12 10.30
C VAL A 49 0.57 -8.15 9.26
N GLU A 50 -0.74 -8.41 9.19
CA GLU A 50 -1.33 -9.32 8.19
C GLU A 50 -1.39 -8.70 6.78
N PHE A 51 -1.57 -7.38 6.68
CA PHE A 51 -1.50 -6.64 5.42
C PHE A 51 -0.07 -6.61 4.89
N VAL A 52 0.92 -6.32 5.75
CA VAL A 52 2.34 -6.34 5.41
C VAL A 52 2.83 -7.75 5.04
N ALA A 53 2.32 -8.80 5.69
CA ALA A 53 2.63 -10.19 5.35
C ALA A 53 2.13 -10.58 3.93
N PHE A 54 0.99 -10.05 3.48
CA PHE A 54 0.52 -10.23 2.09
C PHE A 54 1.41 -9.48 1.10
N VAL A 55 1.76 -8.22 1.39
CA VAL A 55 2.63 -7.38 0.55
C VAL A 55 4.06 -7.96 0.42
N ASN A 56 4.62 -8.52 1.50
CA ASN A 56 5.91 -9.22 1.47
C ASN A 56 5.90 -10.44 0.53
N GLN A 57 4.80 -11.21 0.55
CA GLN A 57 4.65 -12.40 -0.29
C GLN A 57 4.33 -12.07 -1.78
N THR A 58 3.61 -10.98 -2.02
CA THR A 58 3.24 -10.52 -3.37
C THR A 58 4.40 -9.85 -4.12
N TYR A 59 5.21 -9.04 -3.41
CA TYR A 59 6.27 -8.20 -4.01
C TYR A 59 7.70 -8.64 -3.66
N GLY A 60 7.87 -9.76 -2.95
CA GLY A 60 9.18 -10.36 -2.63
C GLY A 60 10.00 -9.57 -1.59
N LEU A 61 9.33 -9.06 -0.55
CA LEU A 61 9.90 -8.17 0.47
C LEU A 61 10.08 -8.89 1.84
N ASP A 62 10.72 -8.20 2.77
CA ASP A 62 11.04 -8.68 4.13
C ASP A 62 10.79 -7.59 5.20
N GLU A 63 9.83 -6.68 4.96
CA GLU A 63 9.51 -5.56 5.86
C GLU A 63 8.59 -5.98 7.03
N LYS A 64 8.66 -5.20 8.12
CA LYS A 64 7.95 -5.42 9.39
C LYS A 64 6.79 -4.43 9.55
N ALA A 65 5.88 -4.69 10.49
CA ALA A 65 4.63 -3.91 10.67
C ALA A 65 4.87 -2.39 10.90
N GLY A 66 6.04 -1.99 11.39
CA GLY A 66 6.47 -0.60 11.54
C GLY A 66 6.56 0.19 10.22
N ILE A 67 6.56 -0.48 9.05
CA ILE A 67 6.52 0.20 7.75
C ILE A 67 5.24 1.04 7.56
N LEU A 68 4.15 0.67 8.25
CA LEU A 68 2.87 1.39 8.22
C LEU A 68 2.88 2.66 9.11
N TYR A 69 3.90 2.83 9.96
CA TYR A 69 4.17 4.08 10.69
C TYR A 69 5.08 5.02 9.86
N ASP A 70 6.02 4.45 9.09
CA ASP A 70 6.91 5.22 8.20
C ASP A 70 6.20 5.67 6.90
N HIS A 71 5.27 4.86 6.38
CA HIS A 71 4.39 5.16 5.26
C HIS A 71 2.92 4.95 5.69
N PRO A 72 2.28 5.93 6.35
CA PRO A 72 0.92 5.80 6.91
C PRO A 72 -0.21 6.03 5.90
N SER A 73 0.11 6.20 4.61
CA SER A 73 -0.83 6.55 3.53
C SER A 73 -0.59 5.71 2.28
N LEU A 74 -1.63 5.56 1.44
CA LEU A 74 -1.58 4.74 0.23
C LEU A 74 -0.56 5.29 -0.80
N ALA A 75 -0.50 6.63 -0.97
CA ALA A 75 0.48 7.28 -1.83
C ALA A 75 1.93 7.12 -1.33
N ALA A 76 2.17 7.06 -0.01
CA ALA A 76 3.50 6.85 0.57
C ALA A 76 3.94 5.37 0.52
N LEU A 77 3.03 4.42 0.73
CA LEU A 77 3.36 2.99 0.79
C LEU A 77 3.48 2.36 -0.60
N SER A 78 2.62 2.75 -1.55
CA SER A 78 2.69 2.24 -2.93
C SER A 78 4.00 2.61 -3.64
N ARG A 79 4.58 3.78 -3.35
CA ARG A 79 5.89 4.19 -3.91
C ARG A 79 7.07 3.48 -3.25
N HIS A 80 6.96 3.16 -1.96
CA HIS A 80 7.95 2.31 -1.27
C HIS A 80 7.96 0.90 -1.88
N VAL A 81 6.80 0.27 -2.04
CA VAL A 81 6.66 -1.07 -2.63
C VAL A 81 7.11 -1.07 -4.10
N ALA A 82 6.70 -0.10 -4.91
CA ALA A 82 7.17 0.04 -6.30
C ALA A 82 8.70 0.24 -6.42
N GLY A 83 9.32 0.94 -5.46
CA GLY A 83 10.77 1.13 -5.38
C GLY A 83 11.57 -0.07 -4.84
N ARG A 84 10.90 -1.11 -4.31
CA ARG A 84 11.52 -2.28 -3.64
C ARG A 84 11.20 -3.63 -4.30
N ALA A 85 10.09 -3.72 -5.05
CA ALA A 85 9.52 -5.00 -5.52
C ALA A 85 10.48 -5.83 -6.40
N ALA A 86 10.40 -7.16 -6.23
CA ALA A 86 11.03 -8.15 -7.09
C ALA A 86 10.33 -8.24 -8.46
N PRO A 87 11.01 -8.71 -9.53
CA PRO A 87 10.38 -8.98 -10.82
C PRO A 87 9.44 -10.20 -10.72
N VAL A 88 8.15 -9.98 -10.96
CA VAL A 88 7.07 -11.00 -10.97
C VAL A 88 6.71 -11.40 -12.40
N GLY A 1 9.79 6.54 -24.21
CA GLY A 1 11.06 6.35 -24.96
C GLY A 1 11.37 7.61 -25.76
N PRO A 2 11.04 7.63 -27.08
CA PRO A 2 11.21 8.82 -27.91
C PRO A 2 10.37 10.01 -27.41
N GLY A 3 10.96 11.21 -27.37
CA GLY A 3 10.30 12.48 -27.01
C GLY A 3 10.01 12.70 -25.52
N SER A 4 9.79 11.64 -24.73
CA SER A 4 9.52 11.70 -23.29
C SER A 4 9.92 10.40 -22.57
N ALA A 5 10.42 10.53 -21.33
CA ALA A 5 10.80 9.43 -20.44
C ALA A 5 9.82 9.18 -19.28
N VAL A 6 8.63 9.79 -19.33
CA VAL A 6 7.56 9.64 -18.32
C VAL A 6 6.91 8.25 -18.44
N ALA A 7 6.69 7.58 -17.30
CA ALA A 7 6.09 6.25 -17.20
C ALA A 7 5.31 6.08 -15.87
N VAL A 8 4.45 5.04 -15.82
CA VAL A 8 3.61 4.67 -14.67
C VAL A 8 4.26 3.52 -13.89
N ASP A 9 4.22 3.57 -12.54
CA ASP A 9 4.92 2.60 -11.66
C ASP A 9 4.28 2.39 -10.26
N PRO A 10 3.94 3.45 -9.50
CA PRO A 10 3.34 3.29 -8.17
C PRO A 10 1.82 3.15 -8.23
N ALA A 11 1.17 3.59 -9.32
CA ALA A 11 -0.28 3.48 -9.51
C ALA A 11 -0.82 2.03 -9.52
N PRO A 12 -0.21 1.06 -10.24
CA PRO A 12 -0.65 -0.34 -10.19
C PRO A 12 -0.44 -0.98 -8.80
N VAL A 13 0.53 -0.49 -8.02
CA VAL A 13 0.77 -0.91 -6.63
C VAL A 13 -0.27 -0.29 -5.68
N ALA A 14 -0.60 0.99 -5.88
CA ALA A 14 -1.61 1.71 -5.09
C ALA A 14 -3.00 1.05 -5.18
N ARG A 15 -3.46 0.65 -6.38
CA ARG A 15 -4.75 -0.04 -6.52
C ARG A 15 -4.77 -1.43 -5.88
N ALA A 16 -3.65 -2.16 -5.90
CA ALA A 16 -3.53 -3.46 -5.25
C ALA A 16 -3.53 -3.34 -3.71
N LEU A 17 -2.83 -2.32 -3.17
CA LEU A 17 -2.87 -1.98 -1.74
C LEU A 17 -4.28 -1.53 -1.30
N ARG A 18 -4.99 -0.75 -2.13
CA ARG A 18 -6.37 -0.29 -1.89
C ARG A 18 -7.39 -1.43 -1.87
N GLU A 19 -7.29 -2.36 -2.83
CA GLU A 19 -8.12 -3.56 -2.86
C GLU A 19 -7.87 -4.49 -1.66
N GLU A 20 -6.63 -4.58 -1.18
CA GLU A 20 -6.30 -5.37 0.02
C GLU A 20 -6.75 -4.68 1.32
N LEU A 21 -6.64 -3.36 1.43
CA LEU A 21 -7.16 -2.60 2.58
C LEU A 21 -8.68 -2.77 2.74
N ALA A 22 -9.42 -2.76 1.63
CA ALA A 22 -10.89 -2.90 1.64
C ALA A 22 -11.33 -4.22 2.30
N ARG A 23 -10.72 -5.36 1.91
CA ARG A 23 -11.01 -6.68 2.51
C ARG A 23 -10.36 -6.91 3.88
N THR A 24 -9.23 -6.25 4.18
CA THR A 24 -8.59 -6.26 5.51
C THR A 24 -9.45 -5.55 6.56
N LEU A 25 -10.07 -4.42 6.19
CA LEU A 25 -10.88 -3.58 7.07
C LEU A 25 -12.39 -3.90 7.03
N TYR A 26 -12.82 -4.81 6.14
CA TYR A 26 -14.24 -5.07 5.81
C TYR A 26 -15.01 -3.79 5.45
N CYS A 27 -14.38 -2.94 4.65
CA CYS A 27 -14.91 -1.67 4.15
C CYS A 27 -15.03 -1.66 2.61
N GLU A 28 -15.66 -0.64 2.03
CA GLU A 28 -15.69 -0.44 0.57
C GLU A 28 -14.41 0.27 0.08
N PRO A 29 -13.91 -0.02 -1.13
CA PRO A 29 -12.71 0.64 -1.67
C PRO A 29 -12.90 2.14 -1.90
N GLY A 30 -14.15 2.61 -2.05
CA GLY A 30 -14.52 4.02 -2.12
C GLY A 30 -14.32 4.81 -0.80
N ASP A 31 -14.14 4.12 0.33
CA ASP A 31 -13.80 4.76 1.63
C ASP A 31 -12.30 5.14 1.73
N ILE A 32 -11.44 4.44 0.99
CA ILE A 32 -9.99 4.69 0.89
C ILE A 32 -9.71 5.80 -0.14
N ASP A 33 -8.64 6.57 0.06
CA ASP A 33 -8.17 7.61 -0.87
C ASP A 33 -6.62 7.68 -0.91
N ASP A 34 -6.04 8.40 -1.87
CA ASP A 34 -4.59 8.49 -2.07
C ASP A 34 -3.84 9.08 -0.84
N GLU A 35 -4.41 10.12 -0.23
CA GLU A 35 -3.90 10.79 0.98
C GLU A 35 -4.72 10.43 2.24
N ALA A 36 -5.37 9.26 2.25
CA ALA A 36 -5.97 8.67 3.46
C ALA A 36 -4.91 8.25 4.50
N SER A 37 -5.35 7.90 5.72
CA SER A 37 -4.51 7.48 6.84
C SER A 37 -5.01 6.15 7.40
N PHE A 38 -4.15 5.13 7.44
CA PHE A 38 -4.57 3.73 7.70
C PHE A 38 -5.15 3.53 9.10
N ASN A 39 -4.63 4.20 10.13
CA ASN A 39 -5.19 4.13 11.48
C ASN A 39 -6.50 4.93 11.65
N THR A 40 -6.78 5.88 10.74
CA THR A 40 -8.09 6.57 10.66
C THR A 40 -9.13 5.74 9.89
N LEU A 41 -8.69 4.97 8.89
CA LEU A 41 -9.49 3.94 8.20
C LEU A 41 -9.83 2.73 9.09
N GLY A 42 -9.07 2.50 10.17
CA GLY A 42 -9.32 1.50 11.22
C GLY A 42 -8.25 0.41 11.37
N LEU A 43 -7.13 0.50 10.65
CA LEU A 43 -6.02 -0.46 10.73
C LEU A 43 -5.26 -0.31 12.07
N ASP A 44 -4.83 -1.43 12.65
CA ASP A 44 -4.00 -1.51 13.86
C ASP A 44 -2.81 -2.47 13.63
N SER A 45 -2.01 -2.77 14.65
CA SER A 45 -0.84 -3.68 14.54
C SER A 45 -1.22 -5.12 14.14
N ILE A 46 -2.41 -5.59 14.52
CA ILE A 46 -2.89 -6.97 14.28
C ILE A 46 -3.36 -7.13 12.83
N LEU A 47 -4.18 -6.20 12.32
CA LEU A 47 -4.54 -6.16 10.90
C LEU A 47 -3.34 -5.76 10.03
N GLY A 48 -2.46 -4.89 10.54
CA GLY A 48 -1.27 -4.40 9.86
C GLY A 48 -0.24 -5.48 9.55
N VAL A 49 0.09 -6.37 10.49
CA VAL A 49 1.06 -7.45 10.23
C VAL A 49 0.54 -8.46 9.18
N GLU A 50 -0.78 -8.66 9.09
CA GLU A 50 -1.42 -9.50 8.06
C GLU A 50 -1.51 -8.79 6.69
N PHE A 51 -1.66 -7.46 6.69
CA PHE A 51 -1.64 -6.64 5.47
C PHE A 51 -0.22 -6.60 4.88
N VAL A 52 0.79 -6.46 5.74
CA VAL A 52 2.21 -6.46 5.35
C VAL A 52 2.69 -7.85 4.92
N ALA A 53 2.13 -8.93 5.48
CA ALA A 53 2.39 -10.31 5.02
C ALA A 53 1.95 -10.54 3.56
N PHE A 54 0.87 -9.89 3.09
CA PHE A 54 0.49 -9.87 1.67
C PHE A 54 1.49 -9.08 0.82
N VAL A 55 1.89 -7.89 1.26
CA VAL A 55 2.86 -7.00 0.58
C VAL A 55 4.23 -7.68 0.41
N ASN A 56 4.73 -8.38 1.45
CA ASN A 56 5.99 -9.11 1.41
C ASN A 56 5.98 -10.23 0.35
N GLN A 57 4.87 -10.96 0.23
CA GLN A 57 4.72 -12.08 -0.70
C GLN A 57 4.45 -11.63 -2.15
N THR A 58 3.80 -10.48 -2.34
CA THR A 58 3.47 -9.92 -3.67
C THR A 58 4.68 -9.23 -4.31
N TYR A 59 5.49 -8.51 -3.53
CA TYR A 59 6.57 -7.65 -4.02
C TYR A 59 8.00 -8.09 -3.64
N GLY A 60 8.14 -9.25 -2.96
CA GLY A 60 9.44 -9.86 -2.62
C GLY A 60 10.20 -9.13 -1.49
N LEU A 61 9.48 -8.70 -0.45
CA LEU A 61 9.97 -7.91 0.68
C LEU A 61 9.99 -8.72 1.98
N ASP A 62 10.49 -8.14 3.07
CA ASP A 62 10.64 -8.81 4.38
C ASP A 62 10.29 -7.85 5.55
N GLU A 63 9.26 -7.04 5.36
CA GLU A 63 8.88 -5.95 6.27
C GLU A 63 8.02 -6.43 7.45
N LYS A 64 7.96 -5.62 8.51
CA LYS A 64 7.07 -5.77 9.67
C LYS A 64 6.08 -4.60 9.73
N ALA A 65 5.06 -4.69 10.57
CA ALA A 65 3.97 -3.70 10.64
C ALA A 65 4.41 -2.27 11.01
N GLY A 66 5.62 -2.09 11.53
CA GLY A 66 6.26 -0.77 11.71
C GLY A 66 6.45 0.03 10.41
N ILE A 67 6.43 -0.62 9.22
CA ILE A 67 6.44 0.07 7.93
C ILE A 67 5.21 0.99 7.74
N LEU A 68 4.10 0.67 8.41
CA LEU A 68 2.84 1.44 8.38
C LEU A 68 2.88 2.69 9.27
N TYR A 69 3.88 2.83 10.14
CA TYR A 69 4.20 4.09 10.84
C TYR A 69 5.08 5.00 9.97
N ASP A 70 5.97 4.43 9.15
CA ASP A 70 6.83 5.18 8.21
C ASP A 70 6.06 5.63 6.95
N HIS A 71 5.10 4.83 6.48
CA HIS A 71 4.23 5.12 5.34
C HIS A 71 2.76 4.85 5.73
N PRO A 72 2.09 5.79 6.43
CA PRO A 72 0.72 5.62 6.95
C PRO A 72 -0.38 5.89 5.90
N SER A 73 -0.02 6.11 4.65
CA SER A 73 -0.90 6.57 3.57
C SER A 73 -0.61 5.86 2.24
N LEU A 74 -1.63 5.78 1.38
CA LEU A 74 -1.57 5.00 0.14
C LEU A 74 -0.54 5.58 -0.85
N ALA A 75 -0.50 6.91 -0.99
CA ALA A 75 0.45 7.63 -1.84
C ALA A 75 1.88 7.69 -1.28
N ALA A 76 2.15 7.15 -0.08
CA ALA A 76 3.49 6.99 0.47
C ALA A 76 3.98 5.53 0.37
N LEU A 77 3.13 4.56 0.75
CA LEU A 77 3.52 3.14 0.80
C LEU A 77 3.68 2.54 -0.60
N SER A 78 2.82 2.91 -1.55
CA SER A 78 2.90 2.44 -2.94
C SER A 78 4.22 2.82 -3.63
N ARG A 79 4.79 3.99 -3.30
CA ARG A 79 6.09 4.45 -3.83
C ARG A 79 7.25 3.62 -3.29
N HIS A 80 7.25 3.38 -1.98
CA HIS A 80 8.31 2.64 -1.32
C HIS A 80 8.33 1.17 -1.75
N VAL A 81 7.15 0.56 -1.93
CA VAL A 81 6.99 -0.82 -2.45
C VAL A 81 7.37 -0.90 -3.93
N ALA A 82 6.90 0.01 -4.79
CA ALA A 82 7.23 0.04 -6.22
C ALA A 82 8.73 0.28 -6.47
N GLY A 83 9.39 1.10 -5.65
CA GLY A 83 10.82 1.37 -5.73
C GLY A 83 11.73 0.23 -5.23
N ARG A 84 11.18 -0.73 -4.47
CA ARG A 84 11.90 -1.87 -3.88
C ARG A 84 11.64 -3.21 -4.57
N ALA A 85 10.51 -3.36 -5.27
CA ALA A 85 10.21 -4.51 -6.12
C ALA A 85 11.21 -4.65 -7.28
N ALA A 86 11.51 -5.88 -7.69
CA ALA A 86 12.53 -6.19 -8.71
C ALA A 86 12.16 -7.43 -9.56
N PRO A 87 12.67 -7.56 -10.80
CA PRO A 87 12.45 -8.71 -11.69
C PRO A 87 13.36 -9.91 -11.31
N VAL A 88 13.16 -10.46 -10.11
CA VAL A 88 13.92 -11.61 -9.54
C VAL A 88 13.60 -12.92 -10.26
N GLY A 1 -3.53 15.38 -20.30
CA GLY A 1 -2.32 15.27 -21.13
C GLY A 1 -1.11 14.77 -20.33
N PRO A 2 -0.11 14.18 -20.98
CA PRO A 2 1.08 13.62 -20.34
C PRO A 2 2.03 14.70 -19.78
N GLY A 3 2.65 14.42 -18.63
CA GLY A 3 3.70 15.26 -18.04
C GLY A 3 5.10 15.02 -18.64
N SER A 4 6.09 15.81 -18.21
CA SER A 4 7.47 15.77 -18.75
C SER A 4 8.38 14.70 -18.13
N ALA A 5 7.96 14.08 -17.03
CA ALA A 5 8.77 13.13 -16.25
C ALA A 5 7.95 11.98 -15.60
N VAL A 6 6.71 11.74 -16.07
CA VAL A 6 5.77 10.77 -15.51
C VAL A 6 6.11 9.31 -15.86
N ALA A 7 5.69 8.37 -15.00
CA ALA A 7 5.80 6.92 -15.21
C ALA A 7 4.68 6.16 -14.49
N VAL A 8 4.31 4.99 -15.03
CA VAL A 8 3.29 4.10 -14.46
C VAL A 8 4.00 3.00 -13.64
N ASP A 9 4.18 3.25 -12.35
CA ASP A 9 4.98 2.42 -11.44
C ASP A 9 4.46 2.33 -9.98
N PRO A 10 4.01 3.44 -9.35
CA PRO A 10 3.29 3.39 -8.07
C PRO A 10 1.79 3.12 -8.29
N ALA A 11 1.22 3.55 -9.42
CA ALA A 11 -0.21 3.40 -9.72
C ALA A 11 -0.68 1.93 -9.87
N PRO A 12 0.11 0.98 -10.41
CA PRO A 12 -0.22 -0.46 -10.38
C PRO A 12 -0.18 -1.07 -8.97
N VAL A 13 0.53 -0.45 -8.03
CA VAL A 13 0.58 -0.86 -6.62
C VAL A 13 -0.58 -0.25 -5.83
N ALA A 14 -0.89 1.03 -6.04
CA ALA A 14 -1.94 1.74 -5.31
C ALA A 14 -3.33 1.14 -5.52
N ARG A 15 -3.64 0.66 -6.73
CA ARG A 15 -4.89 -0.05 -7.04
C ARG A 15 -5.01 -1.41 -6.33
N ALA A 16 -3.90 -2.11 -6.14
CA ALA A 16 -3.85 -3.41 -5.45
C ALA A 16 -3.91 -3.25 -3.91
N LEU A 17 -3.16 -2.29 -3.35
CA LEU A 17 -3.14 -2.02 -1.91
C LEU A 17 -4.45 -1.35 -1.43
N ARG A 18 -5.17 -0.65 -2.31
CA ARG A 18 -6.56 -0.20 -2.09
C ARG A 18 -7.51 -1.37 -1.86
N GLU A 19 -7.48 -2.39 -2.72
CA GLU A 19 -8.31 -3.59 -2.55
C GLU A 19 -7.87 -4.44 -1.35
N GLU A 20 -6.57 -4.42 -1.00
CA GLU A 20 -6.06 -5.09 0.20
C GLU A 20 -6.52 -4.39 1.49
N LEU A 21 -6.53 -3.06 1.55
CA LEU A 21 -7.13 -2.30 2.66
C LEU A 21 -8.65 -2.54 2.73
N ALA A 22 -9.33 -2.58 1.59
CA ALA A 22 -10.78 -2.82 1.51
C ALA A 22 -11.20 -4.14 2.18
N ARG A 23 -10.51 -5.26 1.89
CA ARG A 23 -10.78 -6.55 2.54
C ARG A 23 -10.27 -6.64 3.98
N THR A 24 -9.18 -5.95 4.32
CA THR A 24 -8.61 -5.90 5.69
C THR A 24 -9.50 -5.13 6.66
N LEU A 25 -10.14 -4.07 6.18
CA LEU A 25 -11.00 -3.16 6.94
C LEU A 25 -12.51 -3.47 6.76
N TYR A 26 -12.86 -4.48 5.98
CA TYR A 26 -14.22 -4.89 5.63
C TYR A 26 -15.09 -3.74 5.09
N CYS A 27 -14.55 -2.96 4.15
CA CYS A 27 -15.22 -1.85 3.48
C CYS A 27 -15.11 -1.94 1.94
N GLU A 28 -15.71 -1.00 1.21
CA GLU A 28 -15.53 -0.87 -0.24
C GLU A 28 -14.19 -0.18 -0.59
N PRO A 29 -13.56 -0.50 -1.74
CA PRO A 29 -12.31 0.15 -2.16
C PRO A 29 -12.48 1.65 -2.50
N GLY A 30 -13.70 2.08 -2.81
CA GLY A 30 -14.07 3.49 -3.00
C GLY A 30 -14.07 4.33 -1.70
N ASP A 31 -14.03 3.69 -0.52
CA ASP A 31 -13.87 4.38 0.78
C ASP A 31 -12.40 4.65 1.14
N ILE A 32 -11.45 3.98 0.46
CA ILE A 32 -10.01 4.21 0.57
C ILE A 32 -9.61 5.41 -0.32
N ASP A 33 -8.78 6.31 0.20
CA ASP A 33 -8.18 7.42 -0.56
C ASP A 33 -6.64 7.26 -0.65
N ASP A 34 -6.03 7.88 -1.65
CA ASP A 34 -4.56 7.85 -1.85
C ASP A 34 -3.81 8.62 -0.76
N GLU A 35 -4.45 9.67 -0.23
CA GLU A 35 -3.97 10.52 0.88
C GLU A 35 -4.60 10.15 2.25
N ALA A 36 -5.22 8.95 2.37
CA ALA A 36 -5.79 8.44 3.62
C ALA A 36 -4.73 8.19 4.72
N SER A 37 -5.19 7.99 5.96
CA SER A 37 -4.36 7.75 7.14
C SER A 37 -4.81 6.45 7.83
N PHE A 38 -3.95 5.43 7.85
CA PHE A 38 -4.36 4.06 8.21
C PHE A 38 -4.88 3.92 9.65
N ASN A 39 -4.30 4.66 10.60
CA ASN A 39 -4.78 4.68 11.99
C ASN A 39 -6.16 5.37 12.12
N THR A 40 -6.52 6.25 11.18
CA THR A 40 -7.85 6.92 11.10
C THR A 40 -8.88 6.04 10.39
N LEU A 41 -8.44 5.20 9.45
CA LEU A 41 -9.25 4.13 8.85
C LEU A 41 -9.56 2.97 9.84
N GLY A 42 -8.82 2.90 10.96
CA GLY A 42 -8.98 1.87 12.00
C GLY A 42 -8.08 0.65 11.86
N LEU A 43 -6.98 0.76 11.10
CA LEU A 43 -5.96 -0.30 10.98
C LEU A 43 -5.13 -0.37 12.27
N ASP A 44 -5.35 -1.40 13.10
CA ASP A 44 -4.55 -1.73 14.28
C ASP A 44 -3.39 -2.66 13.93
N SER A 45 -2.39 -2.82 14.80
CA SER A 45 -1.18 -3.63 14.52
C SER A 45 -1.47 -5.10 14.15
N ILE A 46 -2.56 -5.67 14.68
CA ILE A 46 -3.01 -7.04 14.38
C ILE A 46 -3.57 -7.16 12.94
N LEU A 47 -4.23 -6.12 12.42
CA LEU A 47 -4.65 -6.02 11.02
C LEU A 47 -3.46 -5.64 10.12
N GLY A 48 -2.59 -4.75 10.61
CA GLY A 48 -1.41 -4.24 9.92
C GLY A 48 -0.37 -5.31 9.60
N VAL A 49 -0.04 -6.20 10.52
CA VAL A 49 0.93 -7.30 10.26
C VAL A 49 0.42 -8.27 9.18
N GLU A 50 -0.89 -8.46 9.08
CA GLU A 50 -1.51 -9.30 8.03
C GLU A 50 -1.61 -8.58 6.67
N PHE A 51 -1.73 -7.25 6.67
CA PHE A 51 -1.62 -6.43 5.45
C PHE A 51 -0.19 -6.50 4.91
N VAL A 52 0.82 -6.29 5.74
CA VAL A 52 2.24 -6.28 5.35
C VAL A 52 2.72 -7.68 4.89
N ALA A 53 2.16 -8.74 5.47
CA ALA A 53 2.40 -10.12 5.03
C ALA A 53 1.94 -10.37 3.57
N PHE A 54 0.90 -9.69 3.07
CA PHE A 54 0.52 -9.72 1.66
C PHE A 54 1.55 -8.96 0.80
N VAL A 55 1.94 -7.74 1.19
CA VAL A 55 2.90 -6.92 0.45
C VAL A 55 4.25 -7.64 0.27
N ASN A 56 4.71 -8.33 1.31
CA ASN A 56 5.95 -9.11 1.29
C ASN A 56 5.89 -10.28 0.29
N GLN A 57 4.74 -10.95 0.19
CA GLN A 57 4.55 -12.11 -0.70
C GLN A 57 4.30 -11.71 -2.16
N THR A 58 3.59 -10.60 -2.40
CA THR A 58 3.26 -10.11 -3.75
C THR A 58 4.46 -9.42 -4.44
N TYR A 59 5.27 -8.66 -3.67
CA TYR A 59 6.36 -7.83 -4.21
C TYR A 59 7.77 -8.32 -3.86
N GLY A 60 7.90 -9.44 -3.14
CA GLY A 60 9.18 -10.08 -2.83
C GLY A 60 10.00 -9.32 -1.77
N LEU A 61 9.34 -8.83 -0.73
CA LEU A 61 9.91 -8.01 0.35
C LEU A 61 9.97 -8.79 1.70
N ASP A 62 10.57 -8.18 2.72
CA ASP A 62 10.67 -8.73 4.09
C ASP A 62 10.40 -7.66 5.18
N GLU A 63 9.53 -6.69 4.87
CA GLU A 63 9.18 -5.58 5.77
C GLU A 63 8.36 -6.03 6.99
N LYS A 64 8.43 -5.24 8.07
CA LYS A 64 7.69 -5.47 9.33
C LYS A 64 6.53 -4.49 9.47
N ALA A 65 5.61 -4.77 10.40
CA ALA A 65 4.39 -3.97 10.62
C ALA A 65 4.66 -2.47 10.90
N GLY A 66 5.85 -2.12 11.39
CA GLY A 66 6.31 -0.73 11.57
C GLY A 66 6.40 0.10 10.29
N ILE A 67 6.37 -0.51 9.09
CA ILE A 67 6.30 0.22 7.81
C ILE A 67 5.03 1.09 7.70
N LEU A 68 3.95 0.71 8.40
CA LEU A 68 2.68 1.43 8.48
C LEU A 68 2.76 2.69 9.36
N TYR A 69 3.82 2.84 10.19
CA TYR A 69 4.14 4.06 10.93
C TYR A 69 5.07 4.99 10.13
N ASP A 70 5.97 4.42 9.32
CA ASP A 70 6.88 5.18 8.44
C ASP A 70 6.17 5.71 7.17
N HIS A 71 5.22 4.95 6.63
CA HIS A 71 4.36 5.32 5.49
C HIS A 71 2.88 5.06 5.85
N PRO A 72 2.22 5.97 6.59
CA PRO A 72 0.86 5.81 7.10
C PRO A 72 -0.25 6.06 6.06
N SER A 73 0.10 6.19 4.77
CA SER A 73 -0.83 6.51 3.67
C SER A 73 -0.59 5.64 2.43
N LEU A 74 -1.64 5.46 1.63
CA LEU A 74 -1.65 4.54 0.47
C LEU A 74 -0.60 4.94 -0.58
N ALA A 75 -0.54 6.21 -0.98
CA ALA A 75 0.41 6.70 -1.97
C ALA A 75 1.87 6.58 -1.51
N ALA A 76 2.15 6.88 -0.23
CA ALA A 76 3.49 6.83 0.33
C ALA A 76 4.06 5.39 0.41
N LEU A 77 3.22 4.41 0.77
CA LEU A 77 3.63 2.99 0.82
C LEU A 77 3.69 2.39 -0.60
N SER A 78 2.79 2.78 -1.50
CA SER A 78 2.80 2.31 -2.90
C SER A 78 4.07 2.72 -3.65
N ARG A 79 4.59 3.94 -3.41
CA ARG A 79 5.87 4.39 -4.01
C ARG A 79 7.11 3.83 -3.31
N HIS A 80 7.01 3.50 -2.01
CA HIS A 80 8.05 2.72 -1.30
C HIS A 80 8.19 1.32 -1.93
N VAL A 81 7.06 0.62 -2.13
CA VAL A 81 7.03 -0.70 -2.77
C VAL A 81 7.53 -0.65 -4.21
N ALA A 82 7.08 0.32 -5.02
CA ALA A 82 7.54 0.49 -6.40
C ALA A 82 9.06 0.70 -6.53
N GLY A 83 9.69 1.32 -5.51
CA GLY A 83 11.14 1.51 -5.39
C GLY A 83 11.93 0.34 -4.80
N ARG A 84 11.26 -0.73 -4.31
CA ARG A 84 11.88 -1.87 -3.60
C ARG A 84 11.53 -3.25 -4.15
N ALA A 85 10.42 -3.39 -4.89
CA ALA A 85 9.88 -4.66 -5.38
C ALA A 85 10.86 -5.45 -6.27
N ALA A 86 10.74 -6.78 -6.25
CA ALA A 86 11.52 -7.68 -7.09
C ALA A 86 11.23 -7.52 -8.61
N PRO A 87 12.22 -7.73 -9.50
CA PRO A 87 12.06 -7.54 -10.95
C PRO A 87 11.37 -8.73 -11.66
N VAL A 88 11.20 -9.88 -10.96
CA VAL A 88 10.65 -11.15 -11.50
C VAL A 88 9.28 -11.52 -10.92
N GLY A 1 0.31 22.27 -22.47
CA GLY A 1 0.71 21.78 -21.12
C GLY A 1 1.78 20.69 -21.20
N PRO A 2 1.88 19.83 -20.17
CA PRO A 2 2.85 18.73 -20.11
C PRO A 2 2.70 17.66 -21.22
N GLY A 3 3.79 16.97 -21.55
CA GLY A 3 3.81 15.88 -22.54
C GLY A 3 3.09 14.61 -22.09
N SER A 4 2.67 13.78 -23.05
CA SER A 4 1.91 12.53 -22.82
C SER A 4 2.78 11.29 -22.48
N ALA A 5 4.11 11.44 -22.46
CA ALA A 5 5.09 10.38 -22.17
C ALA A 5 5.28 10.13 -20.66
N VAL A 6 4.18 10.11 -19.90
CA VAL A 6 4.17 9.99 -18.42
C VAL A 6 4.51 8.55 -18.00
N ALA A 7 5.37 8.42 -16.98
CA ALA A 7 5.81 7.14 -16.44
C ALA A 7 4.78 6.49 -15.50
N VAL A 8 4.91 5.18 -15.34
CA VAL A 8 4.04 4.30 -14.54
C VAL A 8 4.89 3.37 -13.66
N ASP A 9 4.64 3.38 -12.35
CA ASP A 9 5.28 2.48 -11.36
C ASP A 9 4.49 2.29 -10.06
N PRO A 10 4.00 3.36 -9.39
CA PRO A 10 3.22 3.22 -8.15
C PRO A 10 1.71 3.10 -8.40
N ALA A 11 1.22 3.47 -9.59
CA ALA A 11 -0.18 3.33 -9.97
C ALA A 11 -0.70 1.88 -10.03
N PRO A 12 0.05 0.88 -10.55
CA PRO A 12 -0.35 -0.54 -10.45
C PRO A 12 -0.21 -1.13 -9.03
N VAL A 13 0.56 -0.48 -8.16
CA VAL A 13 0.66 -0.84 -6.73
C VAL A 13 -0.49 -0.26 -5.92
N ALA A 14 -0.83 1.01 -6.10
CA ALA A 14 -1.86 1.72 -5.33
C ALA A 14 -3.26 1.07 -5.47
N ARG A 15 -3.61 0.59 -6.67
CA ARG A 15 -4.88 -0.14 -6.90
C ARG A 15 -4.94 -1.50 -6.19
N ALA A 16 -3.81 -2.19 -6.11
CA ALA A 16 -3.66 -3.49 -5.44
C ALA A 16 -3.66 -3.36 -3.91
N LEU A 17 -3.01 -2.32 -3.35
CA LEU A 17 -3.02 -2.04 -1.92
C LEU A 17 -4.38 -1.50 -1.45
N ARG A 18 -5.08 -0.71 -2.29
CA ARG A 18 -6.47 -0.26 -2.05
C ARG A 18 -7.45 -1.43 -1.90
N GLU A 19 -7.44 -2.41 -2.81
CA GLU A 19 -8.33 -3.57 -2.69
C GLU A 19 -7.96 -4.50 -1.51
N GLU A 20 -6.70 -4.54 -1.09
CA GLU A 20 -6.26 -5.29 0.09
C GLU A 20 -6.71 -4.60 1.39
N LEU A 21 -6.61 -3.28 1.50
CA LEU A 21 -7.17 -2.52 2.64
C LEU A 21 -8.69 -2.71 2.73
N ALA A 22 -9.40 -2.70 1.60
CA ALA A 22 -10.86 -2.85 1.55
C ALA A 22 -11.32 -4.16 2.22
N ARG A 23 -10.68 -5.29 1.92
CA ARG A 23 -10.99 -6.61 2.54
C ARG A 23 -10.35 -6.83 3.92
N THR A 24 -9.24 -6.17 4.23
CA THR A 24 -8.63 -6.17 5.57
C THR A 24 -9.51 -5.41 6.59
N LEU A 25 -10.16 -4.33 6.17
CA LEU A 25 -10.96 -3.42 7.01
C LEU A 25 -12.49 -3.60 6.84
N TYR A 26 -12.92 -4.53 5.98
CA TYR A 26 -14.32 -4.79 5.63
C TYR A 26 -15.09 -3.53 5.20
N CYS A 27 -14.49 -2.75 4.31
CA CYS A 27 -15.05 -1.55 3.69
C CYS A 27 -14.96 -1.60 2.15
N GLU A 28 -15.49 -0.57 1.47
CA GLU A 28 -15.36 -0.43 0.00
C GLU A 28 -13.98 0.13 -0.40
N PRO A 29 -13.43 -0.22 -1.58
CA PRO A 29 -12.17 0.35 -2.07
C PRO A 29 -12.27 1.87 -2.36
N GLY A 30 -13.48 2.38 -2.63
CA GLY A 30 -13.76 3.82 -2.75
C GLY A 30 -13.76 4.58 -1.41
N ASP A 31 -13.79 3.89 -0.27
CA ASP A 31 -13.65 4.50 1.07
C ASP A 31 -12.16 4.71 1.45
N ILE A 32 -11.25 3.97 0.81
CA ILE A 32 -9.80 4.21 0.84
C ILE A 32 -9.49 5.43 -0.05
N ASP A 33 -8.71 6.39 0.46
CA ASP A 33 -8.20 7.53 -0.33
C ASP A 33 -6.67 7.45 -0.47
N ASP A 34 -6.11 8.13 -1.47
CA ASP A 34 -4.67 8.13 -1.76
C ASP A 34 -3.87 8.84 -0.64
N GLU A 35 -4.42 9.91 -0.07
CA GLU A 35 -3.87 10.67 1.06
C GLU A 35 -4.58 10.35 2.39
N ALA A 36 -5.14 9.14 2.53
CA ALA A 36 -5.73 8.64 3.77
C ALA A 36 -4.70 8.39 4.88
N SER A 37 -5.17 7.93 6.04
CA SER A 37 -4.36 7.57 7.22
C SER A 37 -4.81 6.20 7.74
N PHE A 38 -3.91 5.20 7.72
CA PHE A 38 -4.29 3.80 7.96
C PHE A 38 -4.89 3.53 9.35
N ASN A 39 -4.35 4.15 10.41
CA ASN A 39 -4.92 4.01 11.75
C ASN A 39 -6.25 4.78 11.94
N THR A 40 -6.55 5.77 11.08
CA THR A 40 -7.86 6.46 11.01
C THR A 40 -8.90 5.64 10.23
N LEU A 41 -8.46 4.88 9.21
CA LEU A 41 -9.24 3.84 8.53
C LEU A 41 -9.50 2.59 9.42
N GLY A 42 -8.80 2.47 10.55
CA GLY A 42 -9.01 1.43 11.57
C GLY A 42 -7.95 0.32 11.60
N LEU A 43 -6.86 0.44 10.82
CA LEU A 43 -5.74 -0.52 10.81
C LEU A 43 -4.93 -0.42 12.12
N ASP A 44 -4.59 -1.56 12.73
CA ASP A 44 -3.85 -1.65 13.99
C ASP A 44 -2.69 -2.66 13.88
N SER A 45 -2.01 -2.97 14.98
CA SER A 45 -0.89 -3.94 15.00
C SER A 45 -1.28 -5.36 14.57
N ILE A 46 -2.55 -5.74 14.72
CA ILE A 46 -3.07 -7.09 14.42
C ILE A 46 -3.44 -7.21 12.94
N LEU A 47 -4.23 -6.27 12.41
CA LEU A 47 -4.59 -6.23 10.99
C LEU A 47 -3.42 -5.78 10.10
N GLY A 48 -2.55 -4.91 10.61
CA GLY A 48 -1.40 -4.35 9.89
C GLY A 48 -0.33 -5.40 9.56
N VAL A 49 0.02 -6.29 10.50
CA VAL A 49 1.01 -7.35 10.23
C VAL A 49 0.50 -8.36 9.20
N GLU A 50 -0.82 -8.59 9.11
CA GLU A 50 -1.44 -9.44 8.10
C GLU A 50 -1.53 -8.75 6.72
N PHE A 51 -1.65 -7.43 6.68
CA PHE A 51 -1.57 -6.63 5.45
C PHE A 51 -0.14 -6.61 4.90
N VAL A 52 0.86 -6.43 5.77
CA VAL A 52 2.28 -6.46 5.39
C VAL A 52 2.74 -7.87 4.99
N ALA A 53 2.15 -8.93 5.56
CA ALA A 53 2.38 -10.31 5.12
C ALA A 53 1.91 -10.56 3.67
N PHE A 54 0.82 -9.92 3.23
CA PHE A 54 0.41 -9.93 1.81
C PHE A 54 1.38 -9.13 0.94
N VAL A 55 1.79 -7.94 1.35
CA VAL A 55 2.75 -7.08 0.62
C VAL A 55 4.11 -7.78 0.43
N ASN A 56 4.62 -8.46 1.46
CA ASN A 56 5.87 -9.21 1.41
C ASN A 56 5.82 -10.38 0.41
N GLN A 57 4.68 -11.06 0.33
CA GLN A 57 4.47 -12.21 -0.57
C GLN A 57 4.19 -11.79 -2.02
N THR A 58 3.51 -10.65 -2.22
CA THR A 58 3.15 -10.12 -3.55
C THR A 58 4.34 -9.49 -4.27
N TYR A 59 5.20 -8.77 -3.54
CA TYR A 59 6.28 -7.95 -4.10
C TYR A 59 7.71 -8.46 -3.77
N GLY A 60 7.83 -9.58 -3.04
CA GLY A 60 9.13 -10.21 -2.69
C GLY A 60 9.92 -9.45 -1.62
N LEU A 61 9.21 -8.87 -0.65
CA LEU A 61 9.75 -8.00 0.41
C LEU A 61 9.83 -8.72 1.77
N ASP A 62 10.41 -8.07 2.76
CA ASP A 62 10.61 -8.58 4.14
C ASP A 62 10.38 -7.49 5.21
N GLU A 63 9.40 -6.61 4.98
CA GLU A 63 9.02 -5.52 5.89
C GLU A 63 8.18 -6.00 7.09
N LYS A 64 8.00 -5.12 8.08
CA LYS A 64 7.18 -5.31 9.29
C LYS A 64 6.13 -4.21 9.44
N ALA A 65 5.15 -4.40 10.33
CA ALA A 65 4.03 -3.47 10.54
C ALA A 65 4.44 -2.02 10.94
N GLY A 66 5.69 -1.79 11.38
CA GLY A 66 6.25 -0.45 11.55
C GLY A 66 6.27 0.40 10.27
N ILE A 67 6.28 -0.20 9.08
CA ILE A 67 6.20 0.50 7.79
C ILE A 67 4.88 1.25 7.61
N LEU A 68 3.83 0.87 8.34
CA LEU A 68 2.49 1.48 8.31
C LEU A 68 2.42 2.78 9.13
N TYR A 69 3.50 3.12 9.84
CA TYR A 69 3.68 4.33 10.62
C TYR A 69 4.80 5.21 10.04
N ASP A 70 5.75 4.63 9.31
CA ASP A 70 6.73 5.37 8.48
C ASP A 70 6.12 5.84 7.13
N HIS A 71 5.20 5.06 6.56
CA HIS A 71 4.37 5.40 5.40
C HIS A 71 2.88 5.18 5.75
N PRO A 72 2.24 6.13 6.47
CA PRO A 72 0.86 5.96 6.99
C PRO A 72 -0.25 6.18 5.95
N SER A 73 0.08 6.40 4.67
CA SER A 73 -0.86 6.69 3.60
C SER A 73 -0.60 5.84 2.35
N LEU A 74 -1.64 5.64 1.54
CA LEU A 74 -1.58 4.82 0.32
C LEU A 74 -0.56 5.36 -0.69
N ALA A 75 -0.55 6.68 -0.92
CA ALA A 75 0.38 7.35 -1.82
C ALA A 75 1.85 7.31 -1.34
N ALA A 76 2.09 7.28 -0.02
CA ALA A 76 3.44 7.18 0.55
C ALA A 76 3.97 5.73 0.56
N LEU A 77 3.12 4.73 0.77
CA LEU A 77 3.53 3.32 0.83
C LEU A 77 3.64 2.68 -0.57
N SER A 78 2.76 3.05 -1.50
CA SER A 78 2.79 2.50 -2.87
C SER A 78 4.09 2.83 -3.61
N ARG A 79 4.69 4.00 -3.34
CA ARG A 79 5.99 4.41 -3.92
C ARG A 79 7.19 3.73 -3.25
N HIS A 80 7.09 3.42 -1.95
CA HIS A 80 8.08 2.59 -1.26
C HIS A 80 8.08 1.16 -1.81
N VAL A 81 6.91 0.54 -1.95
CA VAL A 81 6.75 -0.80 -2.51
C VAL A 81 7.20 -0.85 -3.98
N ALA A 82 6.77 0.11 -4.83
CA ALA A 82 7.20 0.19 -6.23
C ALA A 82 8.74 0.37 -6.38
N GLY A 83 9.37 1.10 -5.46
CA GLY A 83 10.83 1.31 -5.42
C GLY A 83 11.65 0.12 -4.91
N ARG A 84 11.01 -0.91 -4.34
CA ARG A 84 11.66 -2.07 -3.68
C ARG A 84 11.27 -3.43 -4.28
N ALA A 85 10.12 -3.53 -4.95
CA ALA A 85 9.55 -4.78 -5.45
C ALA A 85 10.49 -5.55 -6.40
N ALA A 86 10.42 -6.88 -6.33
CA ALA A 86 11.31 -7.82 -7.02
C ALA A 86 12.82 -7.48 -6.87
N PRO A 87 13.36 -7.50 -5.63
CA PRO A 87 14.78 -7.20 -5.37
C PRO A 87 15.73 -8.29 -5.91
N VAL A 88 15.19 -9.48 -6.22
CA VAL A 88 15.87 -10.64 -6.83
C VAL A 88 15.03 -11.27 -7.94
N GLY A 1 8.22 11.32 -31.45
CA GLY A 1 7.55 11.27 -30.13
C GLY A 1 7.80 12.53 -29.32
N PRO A 2 7.19 12.65 -28.11
CA PRO A 2 7.33 13.81 -27.22
C PRO A 2 8.74 13.92 -26.59
N GLY A 3 9.08 15.12 -26.11
CA GLY A 3 10.37 15.42 -25.48
C GLY A 3 10.55 14.84 -24.06
N SER A 4 9.46 14.36 -23.44
CA SER A 4 9.44 13.71 -22.12
C SER A 4 8.38 12.61 -22.03
N ALA A 5 8.53 11.69 -21.08
CA ALA A 5 7.62 10.57 -20.83
C ALA A 5 7.49 10.26 -19.32
N VAL A 6 6.46 9.47 -18.96
CA VAL A 6 6.16 9.05 -17.58
C VAL A 6 6.01 7.52 -17.54
N ALA A 7 6.61 6.88 -16.52
CA ALA A 7 6.55 5.44 -16.30
C ALA A 7 5.47 5.07 -15.28
N VAL A 8 4.69 4.04 -15.60
CA VAL A 8 3.64 3.47 -14.75
C VAL A 8 4.26 2.45 -13.78
N ASP A 9 4.32 2.80 -12.49
CA ASP A 9 5.00 2.01 -11.45
C ASP A 9 4.31 1.98 -10.08
N PRO A 10 3.97 3.14 -9.45
CA PRO A 10 3.28 3.16 -8.16
C PRO A 10 1.76 3.01 -8.30
N ALA A 11 1.20 3.34 -9.47
CA ALA A 11 -0.24 3.24 -9.74
C ALA A 11 -0.81 1.80 -9.70
N PRO A 12 -0.19 0.78 -10.36
CA PRO A 12 -0.65 -0.62 -10.25
C PRO A 12 -0.46 -1.20 -8.85
N VAL A 13 0.47 -0.66 -8.04
CA VAL A 13 0.63 -0.99 -6.62
C VAL A 13 -0.50 -0.37 -5.80
N ALA A 14 -0.75 0.94 -5.95
CA ALA A 14 -1.75 1.67 -5.17
C ALA A 14 -3.17 1.08 -5.31
N ARG A 15 -3.58 0.68 -6.53
CA ARG A 15 -4.90 0.05 -6.74
C ARG A 15 -5.01 -1.34 -6.10
N ALA A 16 -3.91 -2.10 -6.05
CA ALA A 16 -3.86 -3.40 -5.38
C ALA A 16 -3.88 -3.24 -3.84
N LEU A 17 -3.08 -2.32 -3.29
CA LEU A 17 -3.04 -2.05 -1.85
C LEU A 17 -4.38 -1.50 -1.34
N ARG A 18 -5.10 -0.70 -2.13
CA ARG A 18 -6.48 -0.25 -1.87
C ARG A 18 -7.45 -1.43 -1.72
N GLU A 19 -7.45 -2.38 -2.66
CA GLU A 19 -8.33 -3.56 -2.58
C GLU A 19 -7.95 -4.51 -1.41
N GLU A 20 -6.68 -4.58 -1.02
CA GLU A 20 -6.26 -5.33 0.18
C GLU A 20 -6.67 -4.63 1.49
N LEU A 21 -6.54 -3.31 1.59
CA LEU A 21 -7.02 -2.54 2.75
C LEU A 21 -8.55 -2.64 2.88
N ALA A 22 -9.28 -2.64 1.76
CA ALA A 22 -10.73 -2.78 1.73
C ALA A 22 -11.21 -4.09 2.39
N ARG A 23 -10.60 -5.24 2.04
CA ARG A 23 -10.94 -6.54 2.66
C ARG A 23 -10.37 -6.73 4.07
N THR A 24 -9.22 -6.14 4.37
CA THR A 24 -8.60 -6.15 5.72
C THR A 24 -9.42 -5.37 6.75
N LEU A 25 -10.05 -4.26 6.33
CA LEU A 25 -10.81 -3.34 7.18
C LEU A 25 -12.34 -3.47 7.01
N TYR A 26 -12.82 -4.44 6.23
CA TYR A 26 -14.23 -4.72 5.93
C TYR A 26 -15.02 -3.49 5.43
N CYS A 27 -14.37 -2.68 4.58
CA CYS A 27 -14.93 -1.49 3.95
C CYS A 27 -14.88 -1.58 2.41
N GLU A 28 -15.38 -0.55 1.71
CA GLU A 28 -15.30 -0.47 0.24
C GLU A 28 -14.00 0.22 -0.22
N PRO A 29 -13.45 -0.12 -1.40
CA PRO A 29 -12.23 0.50 -1.93
C PRO A 29 -12.39 2.01 -2.20
N GLY A 30 -13.61 2.48 -2.45
CA GLY A 30 -13.96 3.91 -2.56
C GLY A 30 -13.97 4.69 -1.24
N ASP A 31 -13.93 4.01 -0.08
CA ASP A 31 -13.77 4.66 1.23
C ASP A 31 -12.31 5.06 1.53
N ILE A 32 -11.35 4.37 0.90
CA ILE A 32 -9.91 4.65 0.96
C ILE A 32 -9.57 5.78 -0.04
N ASP A 33 -8.84 6.79 0.42
CA ASP A 33 -8.25 7.85 -0.42
C ASP A 33 -6.72 7.64 -0.55
N ASP A 34 -6.09 8.27 -1.55
CA ASP A 34 -4.64 8.17 -1.76
C ASP A 34 -3.84 8.89 -0.65
N GLU A 35 -4.40 9.97 -0.11
CA GLU A 35 -3.85 10.75 1.02
C GLU A 35 -4.54 10.43 2.37
N ALA A 36 -5.15 9.25 2.49
CA ALA A 36 -5.79 8.76 3.72
C ALA A 36 -4.77 8.44 4.84
N SER A 37 -5.28 8.02 6.00
CA SER A 37 -4.50 7.60 7.17
C SER A 37 -4.99 6.23 7.64
N PHE A 38 -4.10 5.23 7.68
CA PHE A 38 -4.50 3.83 7.89
C PHE A 38 -5.07 3.58 9.30
N ASN A 39 -4.53 4.23 10.32
CA ASN A 39 -5.03 4.15 11.70
C ASN A 39 -6.44 4.78 11.85
N THR A 40 -6.78 5.75 10.99
CA THR A 40 -8.11 6.40 10.94
C THR A 40 -9.12 5.55 10.16
N LEU A 41 -8.66 4.85 9.11
CA LEU A 41 -9.44 3.81 8.40
C LEU A 41 -9.72 2.57 9.28
N GLY A 42 -8.91 2.36 10.34
CA GLY A 42 -9.11 1.34 11.37
C GLY A 42 -7.98 0.31 11.53
N LEU A 43 -6.87 0.48 10.82
CA LEU A 43 -5.73 -0.45 10.81
C LEU A 43 -4.91 -0.34 12.12
N ASP A 44 -4.98 -1.38 12.95
CA ASP A 44 -4.08 -1.62 14.10
C ASP A 44 -2.99 -2.63 13.70
N SER A 45 -1.99 -2.86 14.54
CA SER A 45 -0.82 -3.70 14.24
C SER A 45 -1.17 -5.16 13.90
N ILE A 46 -2.24 -5.70 14.49
CA ILE A 46 -2.69 -7.09 14.28
C ILE A 46 -3.34 -7.26 12.88
N LEU A 47 -4.02 -6.23 12.38
CA LEU A 47 -4.53 -6.19 11.00
C LEU A 47 -3.43 -5.77 10.01
N GLY A 48 -2.51 -4.90 10.46
CA GLY A 48 -1.38 -4.40 9.69
C GLY A 48 -0.38 -5.48 9.30
N VAL A 49 -0.03 -6.39 10.21
CA VAL A 49 0.91 -7.48 9.91
C VAL A 49 0.34 -8.46 8.87
N GLU A 50 -0.98 -8.64 8.80
CA GLU A 50 -1.67 -9.48 7.81
C GLU A 50 -1.73 -8.80 6.42
N PHE A 51 -1.78 -7.47 6.37
CA PHE A 51 -1.67 -6.67 5.14
C PHE A 51 -0.23 -6.64 4.63
N VAL A 52 0.76 -6.50 5.52
CA VAL A 52 2.19 -6.54 5.16
C VAL A 52 2.65 -7.95 4.75
N ALA A 53 2.03 -9.01 5.29
CA ALA A 53 2.26 -10.38 4.82
C ALA A 53 1.86 -10.59 3.34
N PHE A 54 0.83 -9.89 2.83
CA PHE A 54 0.54 -9.86 1.38
C PHE A 54 1.62 -9.09 0.60
N VAL A 55 2.01 -7.91 1.09
CA VAL A 55 3.00 -7.02 0.45
C VAL A 55 4.34 -7.72 0.27
N ASN A 56 4.82 -8.43 1.31
CA ASN A 56 6.10 -9.13 1.29
C ASN A 56 6.12 -10.27 0.26
N GLN A 57 5.01 -10.99 0.11
CA GLN A 57 4.87 -12.14 -0.79
C GLN A 57 4.62 -11.73 -2.25
N THR A 58 3.88 -10.64 -2.47
CA THR A 58 3.52 -10.14 -3.81
C THR A 58 4.67 -9.38 -4.48
N TYR A 59 5.43 -8.60 -3.71
CA TYR A 59 6.46 -7.68 -4.22
C TYR A 59 7.92 -8.09 -3.88
N GLY A 60 8.11 -9.22 -3.18
CA GLY A 60 9.44 -9.78 -2.87
C GLY A 60 10.19 -8.98 -1.80
N LEU A 61 9.52 -8.68 -0.68
CA LEU A 61 10.00 -7.82 0.41
C LEU A 61 10.02 -8.58 1.77
N ASP A 62 10.52 -7.93 2.82
CA ASP A 62 10.64 -8.51 4.17
C ASP A 62 10.34 -7.49 5.29
N GLU A 63 9.40 -6.57 5.02
CA GLU A 63 9.01 -5.50 5.95
C GLU A 63 8.14 -6.01 7.11
N LYS A 64 8.06 -5.21 8.18
CA LYS A 64 7.20 -5.42 9.36
C LYS A 64 6.11 -4.34 9.45
N ALA A 65 5.11 -4.56 10.30
CA ALA A 65 3.96 -3.65 10.45
C ALA A 65 4.32 -2.21 10.87
N GLY A 66 5.54 -1.96 11.37
CA GLY A 66 6.09 -0.61 11.58
C GLY A 66 6.17 0.24 10.29
N ILE A 67 6.20 -0.38 9.10
CA ILE A 67 6.16 0.34 7.81
C ILE A 67 4.85 1.15 7.62
N LEU A 68 3.79 0.78 8.34
CA LEU A 68 2.46 1.41 8.30
C LEU A 68 2.39 2.67 9.18
N TYR A 69 3.43 2.91 9.98
CA TYR A 69 3.64 4.10 10.77
C TYR A 69 4.71 5.03 10.16
N ASP A 70 5.64 4.47 9.37
CA ASP A 70 6.60 5.23 8.55
C ASP A 70 5.98 5.73 7.22
N HIS A 71 5.05 4.97 6.64
CA HIS A 71 4.25 5.34 5.47
C HIS A 71 2.75 5.11 5.81
N PRO A 72 2.10 6.04 6.55
CA PRO A 72 0.74 5.87 7.04
C PRO A 72 -0.36 6.14 5.99
N SER A 73 0.01 6.39 4.74
CA SER A 73 -0.88 6.73 3.63
C SER A 73 -0.57 5.91 2.37
N LEU A 74 -1.58 5.74 1.51
CA LEU A 74 -1.48 4.92 0.30
C LEU A 74 -0.47 5.52 -0.71
N ALA A 75 -0.45 6.84 -0.87
CA ALA A 75 0.49 7.56 -1.72
C ALA A 75 1.95 7.52 -1.21
N ALA A 76 2.17 7.31 0.09
CA ALA A 76 3.51 7.14 0.68
C ALA A 76 4.00 5.68 0.61
N LEU A 77 3.11 4.70 0.82
CA LEU A 77 3.47 3.28 0.92
C LEU A 77 3.63 2.63 -0.47
N SER A 78 2.72 2.93 -1.42
CA SER A 78 2.76 2.35 -2.77
C SER A 78 4.03 2.73 -3.55
N ARG A 79 4.58 3.93 -3.32
CA ARG A 79 5.83 4.39 -3.95
C ARG A 79 7.08 3.84 -3.28
N HIS A 80 7.03 3.53 -1.98
CA HIS A 80 8.10 2.80 -1.29
C HIS A 80 8.17 1.34 -1.78
N VAL A 81 7.02 0.67 -1.90
CA VAL A 81 6.91 -0.70 -2.45
C VAL A 81 7.42 -0.74 -3.90
N ALA A 82 6.94 0.15 -4.78
CA ALA A 82 7.39 0.23 -6.17
C ALA A 82 8.88 0.57 -6.30
N GLY A 83 9.44 1.35 -5.36
CA GLY A 83 10.86 1.70 -5.29
C GLY A 83 11.79 0.62 -4.74
N ARG A 84 11.24 -0.50 -4.21
CA ARG A 84 11.99 -1.65 -3.65
C ARG A 84 11.72 -2.98 -4.39
N ALA A 85 10.60 -3.10 -5.10
CA ALA A 85 10.18 -4.30 -5.85
C ALA A 85 10.91 -4.52 -7.19
N ALA A 86 12.22 -4.26 -7.23
CA ALA A 86 13.05 -4.35 -8.43
C ALA A 86 13.47 -5.81 -8.76
N PRO A 87 13.62 -6.19 -10.03
CA PRO A 87 14.03 -7.53 -10.44
C PRO A 87 15.55 -7.80 -10.29
N VAL A 88 16.37 -6.73 -10.19
CA VAL A 88 17.84 -6.71 -10.03
C VAL A 88 18.59 -7.73 -10.89
#